data_9ENH
#
_entry.id   9ENH
#
_cell.length_a   156.636
_cell.length_b   158.283
_cell.length_c   217.592
_cell.angle_alpha   90.000
_cell.angle_beta   90.000
_cell.angle_gamma   90.000
#
_symmetry.space_group_name_H-M   'C 2 2 21'
#
loop_
_entity.id
_entity.type
_entity.pdbx_description
1 polymer 'L-amino acid oxidase 4'
2 non-polymer 'FLAVIN-ADENINE DINUCLEOTIDE'
3 non-polymer 'SULFATE ION'
4 non-polymer S-1,2-PROPANEDIOL
5 water water
#
_entity_poly.entity_id   1
_entity_poly.type   'polypeptide(L)'
_entity_poly.pdbx_seq_one_letter_code
;NISVPSSPPGGERVGILGAGIGGLYSALILQSLDVPFEIIEASNRVGGRLFTHKFPNGGKYDYYDVGAMRYPLPKSDDKG
NYQPGVMQRVGQLFTYLGMHKQLIPYYFKSNKSPGFQYFNGVRARIGEGSSFDAPALGINSSLIDIGVTKIVNDAVGPFA
QALFDDLQKHTTTGWDDMMKNDAYSTRSYFSFKYLPSPSFGLPSEHFSTRVINWLETFDKSTGWYDRGLTETVLEAIAFG
EVGDGEVDWRCIDGGSHVLPDTIAAFLHKKGGNAFVMNASVTAIGLENPNKEDSPMVVVAGGQKRKYSHVISTLPLPVLR
TVDLKNSKLDIVQSNALRKLQYGPSIKIGILFKEPWWTTGQDKNGEKFDLVGGQSYTDLPIRTVVYPSYGVNTNAPSNTL
IASYCWTNDAERMGSLIGTGAATYEEQLEHLVLSNLAAVHNTDYQYLKDRLVDVHSWDWNHNPLTMGAFAFFGPGDFQDL
YTSLNRPAANGKLHFAGEALSVRHAWVVGALDSAWRAVYNYLYVTDPAKLPKFFELWGKNAEWFEQPGDGKEPNSDNSLL
EK
;
_entity_poly.pdbx_strand_id   A,B,C,D
#
loop_
_chem_comp.id
_chem_comp.type
_chem_comp.name
_chem_comp.formula
FAD non-polymer 'FLAVIN-ADENINE DINUCLEOTIDE' 'C27 H33 N9 O15 P2'
PGO non-polymer S-1,2-PROPANEDIOL 'C3 H8 O2'
SO4 non-polymer 'SULFATE ION' 'O4 S -2'
#
# COMPACT_ATOMS: atom_id res chain seq x y z
N VAL A 4 48.38 -4.86 36.30
CA VAL A 4 48.84 -3.80 37.20
C VAL A 4 47.92 -2.60 37.09
N PRO A 5 47.82 -1.81 38.17
CA PRO A 5 46.99 -0.60 38.12
C PRO A 5 47.72 0.58 37.50
N SER A 6 46.94 1.48 36.90
CA SER A 6 47.49 2.67 36.26
C SER A 6 47.63 3.80 37.27
N SER A 7 47.56 5.05 36.80
CA SER A 7 47.72 6.21 37.69
C SER A 7 47.17 7.46 37.01
N PRO A 8 46.35 8.25 37.70
CA PRO A 8 45.77 9.44 37.08
C PRO A 8 46.47 10.72 37.52
N PRO A 9 47.47 11.19 36.77
CA PRO A 9 47.88 12.59 36.92
C PRO A 9 46.73 13.53 36.60
N GLY A 10 46.46 14.46 37.51
CA GLY A 10 45.32 15.35 37.38
C GLY A 10 44.01 14.76 37.84
N GLY A 11 43.99 13.50 38.26
CA GLY A 11 42.79 12.87 38.76
C GLY A 11 41.98 12.10 37.73
N GLU A 12 42.47 12.00 36.49
CA GLU A 12 41.72 11.39 35.40
C GLU A 12 42.34 10.05 35.04
N ARG A 13 41.54 8.99 35.15
CA ARG A 13 41.89 7.67 34.62
C ARG A 13 40.69 7.13 33.87
N VAL A 14 40.87 6.81 32.60
CA VAL A 14 39.78 6.33 31.76
C VAL A 14 39.80 4.81 31.78
N GLY A 15 38.63 4.21 31.95
CA GLY A 15 38.51 2.77 31.93
C GLY A 15 37.91 2.28 30.62
N ILE A 16 38.74 1.72 29.76
CA ILE A 16 38.29 1.18 28.48
C ILE A 16 37.88 -0.27 28.68
N LEU A 17 36.63 -0.57 28.37
CA LEU A 17 36.09 -1.92 28.49
C LEU A 17 36.15 -2.60 27.13
N GLY A 18 36.93 -3.66 27.02
CA GLY A 18 37.07 -4.38 25.78
C GLY A 18 38.34 -4.05 25.02
N ALA A 19 39.15 -5.06 24.74
CA ALA A 19 40.40 -4.88 24.00
C ALA A 19 40.23 -5.11 22.51
N GLY A 20 39.06 -4.80 21.96
CA GLY A 20 38.86 -4.86 20.53
C GLY A 20 39.54 -3.69 19.85
N ILE A 21 39.36 -3.62 18.52
CA ILE A 21 39.97 -2.52 17.77
C ILE A 21 39.39 -1.19 18.23
N GLY A 22 38.12 -1.18 18.67
CA GLY A 22 37.55 0.04 19.18
C GLY A 22 38.19 0.48 20.48
N GLY A 23 38.42 -0.45 21.39
CA GLY A 23 39.08 -0.11 22.64
C GLY A 23 40.54 0.24 22.45
N LEU A 24 41.23 -0.50 21.57
CA LEU A 24 42.63 -0.20 21.29
C LEU A 24 42.78 1.16 20.64
N TYR A 25 41.83 1.53 19.77
CA TYR A 25 41.88 2.86 19.14
C TYR A 25 41.67 3.96 20.17
N SER A 26 40.71 3.77 21.08
CA SER A 26 40.54 4.71 22.17
C SER A 26 41.83 4.87 22.96
N ALA A 27 42.57 3.77 23.13
CA ALA A 27 43.84 3.83 23.85
C ALA A 27 44.87 4.66 23.09
N LEU A 28 44.98 4.45 21.78
CA LEU A 28 45.91 5.24 20.99
C LEU A 28 45.64 6.72 21.14
N ILE A 29 44.37 7.12 21.02
CA ILE A 29 44.02 8.54 21.13
C ILE A 29 44.38 9.08 22.50
N LEU A 30 43.89 8.43 23.56
CA LEU A 30 44.17 8.89 24.91
C LEU A 30 45.67 8.90 25.19
N GLN A 31 46.38 7.88 24.70
CA GLN A 31 47.83 7.85 24.90
C GLN A 31 48.50 9.01 24.18
N SER A 32 48.01 9.37 22.99
CA SER A 32 48.56 10.49 22.26
C SER A 32 48.24 11.83 22.92
N LEU A 33 47.21 11.88 23.76
CA LEU A 33 46.83 13.08 24.47
C LEU A 33 47.28 13.08 25.93
N ASP A 34 48.14 12.13 26.32
CA ASP A 34 48.67 12.08 27.67
C ASP A 34 47.54 11.92 28.69
N VAL A 35 46.64 11.00 28.40
CA VAL A 35 45.51 10.69 29.28
C VAL A 35 45.70 9.27 29.80
N PRO A 36 45.75 9.05 31.11
CA PRO A 36 45.88 7.68 31.62
C PRO A 36 44.63 6.86 31.33
N PHE A 37 44.85 5.59 31.01
CA PHE A 37 43.74 4.70 30.68
C PHE A 37 44.07 3.30 31.17
N GLU A 38 43.06 2.44 31.15
CA GLU A 38 43.23 1.03 31.51
C GLU A 38 42.23 0.22 30.70
N ILE A 39 42.71 -0.80 30.00
CA ILE A 39 41.88 -1.64 29.15
C ILE A 39 41.52 -2.90 29.92
N ILE A 40 40.24 -3.24 29.95
CA ILE A 40 39.74 -4.43 30.64
C ILE A 40 39.20 -5.37 29.59
N GLU A 41 39.79 -6.56 29.51
CA GLU A 41 39.44 -7.55 28.50
C GLU A 41 38.98 -8.82 29.20
N ALA A 42 37.85 -9.37 28.75
CA ALA A 42 37.31 -10.57 29.37
C ALA A 42 38.05 -11.84 28.93
N SER A 43 38.60 -11.85 27.72
CA SER A 43 39.24 -13.05 27.20
C SER A 43 40.74 -13.02 27.51
N ASN A 44 41.47 -13.98 26.96
CA ASN A 44 42.91 -14.07 27.13
C ASN A 44 43.67 -13.49 25.95
N ARG A 45 42.99 -12.77 25.06
CA ARG A 45 43.61 -12.25 23.85
C ARG A 45 43.05 -10.86 23.56
N VAL A 46 43.80 -10.10 22.76
CA VAL A 46 43.39 -8.78 22.31
C VAL A 46 43.11 -8.87 20.81
N GLY A 47 42.28 -7.94 20.33
CA GLY A 47 41.89 -7.87 18.94
C GLY A 47 40.43 -8.14 18.69
N GLY A 48 39.76 -8.80 19.63
CA GLY A 48 38.34 -9.09 19.49
C GLY A 48 37.98 -9.74 18.16
N ARG A 49 37.16 -9.05 17.37
CA ARG A 49 36.68 -9.58 16.10
C ARG A 49 37.70 -9.46 14.97
N LEU A 50 38.92 -9.01 15.24
CA LEU A 50 40.05 -9.21 14.33
C LEU A 50 40.74 -10.49 14.79
N PHE A 51 40.24 -11.62 14.31
CA PHE A 51 40.63 -12.95 14.79
C PHE A 51 41.20 -13.73 13.62
N THR A 52 42.49 -14.05 13.68
CA THR A 52 43.19 -14.83 12.65
C THR A 52 43.52 -16.21 13.19
N HIS A 53 43.18 -17.24 12.42
CA HIS A 53 43.46 -18.62 12.78
C HIS A 53 44.59 -19.16 11.91
N LYS A 54 45.64 -19.67 12.55
CA LYS A 54 46.77 -20.29 11.87
C LYS A 54 46.65 -21.81 11.97
N PHE A 55 46.61 -22.48 10.84
CA PHE A 55 46.63 -23.95 10.84
C PHE A 55 48.01 -24.44 11.24
N PRO A 56 48.14 -25.28 12.27
CA PRO A 56 49.48 -25.71 12.70
C PRO A 56 50.20 -26.58 11.68
N ASN A 57 49.47 -27.24 10.78
CA ASN A 57 50.06 -28.13 9.78
C ASN A 57 50.29 -27.42 8.45
N GLY A 58 50.34 -26.09 8.46
CA GLY A 58 50.46 -25.31 7.25
C GLY A 58 51.73 -24.45 7.24
N GLY A 59 51.87 -23.70 6.15
CA GLY A 59 53.02 -22.85 5.94
C GLY A 59 52.78 -21.43 6.39
N LYS A 60 53.61 -20.53 5.86
CA LYS A 60 53.56 -19.13 6.29
C LYS A 60 52.19 -18.53 6.06
N TYR A 61 51.57 -18.83 4.91
CA TYR A 61 50.30 -18.21 4.53
C TYR A 61 49.12 -19.18 4.65
N ASP A 62 49.23 -20.19 5.49
CA ASP A 62 48.12 -21.11 5.74
C ASP A 62 47.36 -20.65 6.98
N TYR A 63 46.74 -19.48 6.84
CA TYR A 63 45.87 -18.91 7.86
C TYR A 63 44.62 -18.36 7.16
N TYR A 64 43.67 -17.88 7.96
CA TYR A 64 42.52 -17.18 7.42
C TYR A 64 41.90 -16.37 8.54
N ASP A 65 41.30 -15.24 8.17
CA ASP A 65 40.72 -14.31 9.12
C ASP A 65 39.30 -14.73 9.46
N VAL A 66 39.08 -15.11 10.73
CA VAL A 66 37.75 -15.51 11.17
C VAL A 66 36.83 -14.29 11.23
N GLY A 67 37.39 -13.12 11.50
CA GLY A 67 36.63 -11.89 11.50
C GLY A 67 37.02 -10.99 10.35
N ALA A 68 37.62 -9.83 10.66
CA ALA A 68 37.95 -8.88 9.62
C ALA A 68 39.06 -9.42 8.73
N MET A 69 38.90 -9.22 7.41
CA MET A 69 39.86 -9.73 6.44
CA MET A 69 39.86 -9.73 6.44
C MET A 69 40.15 -8.79 5.29
N ARG A 70 39.25 -7.89 4.93
CA ARG A 70 39.43 -7.01 3.77
C ARG A 70 39.05 -5.59 4.12
N TYR A 71 39.75 -4.64 3.52
CA TYR A 71 39.57 -3.22 3.83
C TYR A 71 39.54 -2.40 2.54
N PRO A 72 38.37 -1.85 2.16
CA PRO A 72 38.29 -0.99 0.95
C PRO A 72 38.80 0.43 1.19
N LEU A 73 40.12 0.57 1.16
CA LEU A 73 40.76 1.83 1.52
C LEU A 73 40.79 2.79 0.31
N PRO A 74 40.84 4.09 0.55
CA PRO A 74 41.04 5.04 -0.54
C PRO A 74 42.45 4.92 -1.12
N LYS A 75 42.64 5.49 -2.30
CA LYS A 75 43.97 5.47 -2.90
C LYS A 75 44.96 6.19 -2.00
N SER A 76 46.21 5.73 -2.06
CA SER A 76 47.26 6.28 -1.21
C SER A 76 48.54 6.41 -2.02
N ASP A 77 49.40 7.33 -1.59
CA ASP A 77 50.73 7.45 -2.15
C ASP A 77 51.67 6.44 -1.46
N ASP A 78 52.93 6.43 -1.88
CA ASP A 78 53.89 5.48 -1.34
C ASP A 78 54.32 5.83 0.08
N LYS A 79 53.89 6.98 0.62
CA LYS A 79 54.25 7.39 1.96
C LYS A 79 53.17 7.12 3.00
N GLY A 80 52.01 6.62 2.58
CA GLY A 80 50.95 6.30 3.49
C GLY A 80 49.87 7.35 3.66
N ASN A 81 49.84 8.36 2.79
CA ASN A 81 48.78 9.37 2.83
C ASN A 81 47.60 8.89 2.01
N TYR A 82 46.42 8.92 2.61
CA TYR A 82 45.20 8.43 1.98
C TYR A 82 44.31 9.60 1.57
N GLN A 83 43.68 9.49 0.41
CA GLN A 83 42.74 10.49 -0.04
C GLN A 83 41.46 10.40 0.78
N PRO A 84 40.61 11.43 0.73
CA PRO A 84 39.34 11.36 1.46
C PRO A 84 38.55 10.13 1.05
N GLY A 85 37.73 9.64 1.98
CA GLY A 85 36.94 8.47 1.72
C GLY A 85 36.38 7.89 2.99
N VAL A 86 35.47 6.92 2.81
CA VAL A 86 34.82 6.28 3.94
C VAL A 86 35.85 5.66 4.88
N MET A 87 36.79 4.90 4.31
CA MET A 87 37.76 4.15 5.09
C MET A 87 39.06 4.91 5.30
N GLN A 88 39.06 6.24 5.13
CA GLN A 88 40.28 7.00 5.32
C GLN A 88 40.82 6.83 6.73
N ARG A 89 39.94 6.91 7.73
CA ARG A 89 40.37 6.79 9.12
C ARG A 89 41.14 5.49 9.34
N VAL A 90 40.78 4.43 8.62
CA VAL A 90 41.49 3.17 8.75
C VAL A 90 42.87 3.26 8.11
N GLY A 91 42.94 3.80 6.89
CA GLY A 91 44.22 3.92 6.22
C GLY A 91 45.23 4.70 7.02
N GLN A 92 44.80 5.81 7.63
CA GLN A 92 45.73 6.60 8.44
C GLN A 92 46.20 5.82 9.66
N LEU A 93 45.33 4.98 10.23
CA LEU A 93 45.75 4.17 11.38
C LEU A 93 46.86 3.20 11.00
N PHE A 94 46.77 2.62 9.81
CA PHE A 94 47.83 1.74 9.34
C PHE A 94 49.15 2.51 9.20
N THR A 95 49.10 3.72 8.65
CA THR A 95 50.30 4.53 8.52
C THR A 95 50.82 4.97 9.89
N TYR A 96 49.92 5.40 10.77
CA TYR A 96 50.32 5.84 12.10
C TYR A 96 51.09 4.76 12.84
N LEU A 97 50.84 3.50 12.53
CA LEU A 97 51.51 2.37 13.17
C LEU A 97 52.61 1.78 12.29
N GLY A 98 52.97 2.45 11.21
CA GLY A 98 54.02 1.95 10.34
C GLY A 98 53.67 0.64 9.66
N MET A 99 52.42 0.48 9.23
CA MET A 99 51.95 -0.75 8.62
C MET A 99 51.65 -0.61 7.13
N HIS A 100 51.90 0.55 6.53
CA HIS A 100 51.51 0.75 5.14
C HIS A 100 52.18 -0.28 4.24
N LYS A 101 53.44 -0.63 4.53
CA LYS A 101 54.15 -1.61 3.73
C LYS A 101 53.60 -3.02 3.90
N GLN A 102 52.77 -3.25 4.92
CA GLN A 102 52.16 -4.55 5.15
C GLN A 102 50.79 -4.70 4.52
N LEU A 103 50.25 -3.64 3.94
CA LEU A 103 48.93 -3.70 3.31
C LEU A 103 49.10 -4.26 1.90
N ILE A 104 48.81 -5.54 1.75
CA ILE A 104 48.97 -6.24 0.47
C ILE A 104 47.64 -6.20 -0.27
N PRO A 105 47.64 -6.41 -1.59
CA PRO A 105 46.37 -6.34 -2.33
C PRO A 105 45.41 -7.44 -1.90
N TYR A 106 44.13 -7.08 -1.84
CA TYR A 106 43.04 -8.03 -1.69
C TYR A 106 42.23 -8.05 -2.98
N TYR A 107 42.07 -9.24 -3.55
CA TYR A 107 41.39 -9.40 -4.84
C TYR A 107 39.93 -9.72 -4.57
N PHE A 108 39.07 -8.70 -4.69
CA PHE A 108 37.63 -8.92 -4.52
C PHE A 108 37.09 -9.83 -5.62
N LYS A 109 37.60 -9.65 -6.84
CA LYS A 109 37.35 -10.57 -7.94
C LYS A 109 38.63 -11.31 -8.30
N SER A 110 38.47 -12.48 -8.92
CA SER A 110 39.62 -13.31 -9.24
C SER A 110 40.62 -12.55 -10.11
N ASN A 111 41.89 -12.61 -9.72
CA ASN A 111 42.96 -11.95 -10.46
C ASN A 111 43.24 -12.63 -11.79
N LYS A 112 42.72 -13.83 -12.01
CA LYS A 112 42.89 -14.53 -13.29
C LYS A 112 41.53 -14.82 -13.90
N SER A 113 41.11 -16.08 -13.90
CA SER A 113 39.81 -16.43 -14.46
C SER A 113 38.69 -16.08 -13.48
N PRO A 114 37.53 -15.63 -13.96
CA PRO A 114 36.48 -15.20 -13.04
C PRO A 114 36.06 -16.33 -12.10
N GLY A 115 35.53 -15.93 -10.94
CA GLY A 115 34.99 -16.89 -10.01
C GLY A 115 33.72 -17.53 -10.53
N PHE A 116 33.22 -18.49 -9.76
CA PHE A 116 32.07 -19.28 -10.16
C PHE A 116 30.78 -18.76 -9.53
N GLN A 117 29.68 -18.94 -10.26
CA GLN A 117 28.34 -18.72 -9.74
C GLN A 117 27.53 -19.99 -9.99
N TYR A 118 26.86 -20.48 -8.95
CA TYR A 118 26.11 -21.73 -9.03
C TYR A 118 24.77 -21.52 -8.33
N PHE A 119 23.74 -21.21 -9.12
CA PHE A 119 22.40 -20.98 -8.61
C PHE A 119 21.41 -21.81 -9.40
N ASN A 120 20.44 -22.42 -8.71
CA ASN A 120 19.39 -23.20 -9.35
C ASN A 120 19.96 -24.27 -10.27
N GLY A 121 21.03 -24.92 -9.82
CA GLY A 121 21.66 -25.96 -10.60
C GLY A 121 22.40 -25.48 -11.82
N VAL A 122 22.42 -24.17 -12.08
CA VAL A 122 23.09 -23.60 -13.24
C VAL A 122 24.45 -23.08 -12.79
N ARG A 123 25.52 -23.58 -13.41
CA ARG A 123 26.87 -23.19 -13.10
C ARG A 123 27.39 -22.29 -14.20
N ALA A 124 28.03 -21.18 -13.81
CA ALA A 124 28.59 -20.25 -14.76
C ALA A 124 29.69 -19.46 -14.06
N ARG A 125 30.44 -18.69 -14.85
CA ARG A 125 31.46 -17.80 -14.31
C ARG A 125 30.95 -16.37 -14.30
N ILE A 126 31.45 -15.59 -13.34
CA ILE A 126 31.02 -14.21 -13.21
C ILE A 126 31.38 -13.44 -14.47
N GLY A 127 30.36 -12.89 -15.13
CA GLY A 127 30.54 -12.12 -16.35
C GLY A 127 29.93 -12.76 -17.58
N GLU A 128 29.59 -14.04 -17.51
CA GLU A 128 29.02 -14.75 -18.65
C GLU A 128 27.55 -14.42 -18.88
N GLY A 129 26.97 -13.51 -18.09
CA GLY A 129 25.59 -13.09 -18.30
C GLY A 129 24.60 -14.23 -18.32
N SER A 130 24.75 -15.21 -17.44
CA SER A 130 23.81 -16.32 -17.35
C SER A 130 22.56 -15.89 -16.61
N SER A 131 21.43 -16.47 -17.03
CA SER A 131 20.15 -16.22 -16.38
C SER A 131 19.90 -17.12 -15.17
N PHE A 132 20.70 -18.17 -15.00
CA PHE A 132 20.55 -19.09 -13.86
C PHE A 132 19.12 -19.59 -13.74
N ASP A 133 18.49 -19.83 -14.89
CA ASP A 133 17.15 -20.41 -14.96
C ASP A 133 16.08 -19.50 -14.37
N ALA A 134 16.34 -18.19 -14.32
CA ALA A 134 15.36 -17.27 -13.76
C ALA A 134 14.00 -17.34 -14.45
N PRO A 135 13.90 -17.55 -15.76
CA PRO A 135 12.57 -17.63 -16.38
C PRO A 135 11.66 -18.66 -15.75
N ALA A 136 12.20 -19.78 -15.28
CA ALA A 136 11.37 -20.78 -14.61
C ALA A 136 10.82 -20.28 -13.28
N LEU A 137 11.38 -19.20 -12.74
CA LEU A 137 10.88 -18.60 -11.51
C LEU A 137 9.79 -17.57 -11.75
N GLY A 138 9.59 -17.15 -12.99
CA GLY A 138 8.63 -16.11 -13.30
C GLY A 138 9.22 -14.72 -13.47
N ILE A 139 10.54 -14.60 -13.56
CA ILE A 139 11.19 -13.30 -13.72
C ILE A 139 11.12 -12.89 -15.19
N ASN A 140 10.50 -11.75 -15.46
CA ASN A 140 10.37 -11.25 -16.83
C ASN A 140 11.71 -11.26 -17.56
N SER A 141 11.66 -11.16 -18.89
CA SER A 141 12.89 -11.09 -19.68
C SER A 141 13.54 -9.72 -19.57
N SER A 142 12.76 -8.67 -19.34
CA SER A 142 13.32 -7.33 -19.23
C SER A 142 14.17 -7.20 -17.96
N LEU A 143 13.72 -7.81 -16.86
CA LEU A 143 14.49 -7.75 -15.63
C LEU A 143 15.83 -8.47 -15.76
N ILE A 144 15.83 -9.65 -16.40
CA ILE A 144 17.06 -10.42 -16.52
C ILE A 144 18.10 -9.64 -17.31
N ASP A 145 17.67 -8.94 -18.36
CA ASP A 145 18.61 -8.18 -19.17
C ASP A 145 19.19 -7.00 -18.40
N ILE A 146 18.37 -6.34 -17.57
CA ILE A 146 18.87 -5.24 -16.76
C ILE A 146 19.87 -5.75 -15.73
N GLY A 147 19.52 -6.78 -14.99
CA GLY A 147 20.40 -7.39 -14.04
C GLY A 147 20.10 -6.96 -12.61
N VAL A 148 20.47 -7.82 -11.66
CA VAL A 148 20.21 -7.52 -10.26
C VAL A 148 21.08 -6.36 -9.80
N THR A 149 22.37 -6.38 -10.16
CA THR A 149 23.25 -5.30 -9.75
C THR A 149 22.72 -3.95 -10.20
N LYS A 150 22.23 -3.87 -11.44
CA LYS A 150 21.76 -2.60 -11.98
C LYS A 150 20.44 -2.17 -11.34
N ILE A 151 19.58 -3.12 -10.98
CA ILE A 151 18.30 -2.77 -10.37
C ILE A 151 18.50 -2.28 -8.94
N VAL A 152 19.23 -3.04 -8.14
CA VAL A 152 19.45 -2.65 -6.75
C VAL A 152 20.21 -1.32 -6.68
N ASN A 153 21.19 -1.13 -7.56
CA ASN A 153 21.94 0.13 -7.57
C ASN A 153 21.03 1.30 -7.88
N ASP A 154 19.98 1.09 -8.67
CA ASP A 154 19.06 2.18 -8.99
C ASP A 154 18.17 2.54 -7.81
N ALA A 155 17.87 1.57 -6.94
CA ALA A 155 17.00 1.84 -5.80
C ALA A 155 17.78 2.47 -4.64
N VAL A 156 19.01 2.01 -4.41
CA VAL A 156 19.82 2.53 -3.33
C VAL A 156 20.60 3.77 -3.74
N GLY A 157 20.87 3.93 -5.03
CA GLY A 157 21.65 5.05 -5.53
C GLY A 157 21.25 6.38 -4.94
N PRO A 158 20.00 6.80 -5.12
CA PRO A 158 19.59 8.11 -4.60
C PRO A 158 19.91 8.29 -3.11
N PHE A 159 19.51 7.33 -2.28
CA PHE A 159 19.84 7.44 -0.85
C PHE A 159 21.34 7.51 -0.64
N ALA A 160 22.08 6.57 -1.25
CA ALA A 160 23.52 6.52 -1.03
C ALA A 160 24.20 7.79 -1.51
N GLN A 161 23.77 8.32 -2.66
CA GLN A 161 24.38 9.55 -3.16
C GLN A 161 24.17 10.70 -2.19
N ALA A 162 23.00 10.77 -1.55
CA ALA A 162 22.75 11.84 -0.59
C ALA A 162 23.67 11.72 0.63
N LEU A 163 23.91 10.50 1.09
CA LEU A 163 24.81 10.31 2.24
C LEU A 163 26.26 10.58 1.86
N PHE A 164 26.65 10.20 0.65
CA PHE A 164 28.01 10.52 0.19
C PHE A 164 28.20 12.03 0.08
N ASP A 165 27.13 12.76 -0.22
CA ASP A 165 27.21 14.22 -0.25
C ASP A 165 27.40 14.79 1.14
N ASP A 166 26.79 14.17 2.15
CA ASP A 166 27.02 14.60 3.53
C ASP A 166 28.51 14.53 3.87
N LEU A 167 29.18 13.48 3.43
CA LEU A 167 30.58 13.30 3.77
C LEU A 167 31.47 14.30 3.05
N GLN A 168 31.14 14.61 1.78
CA GLN A 168 31.92 15.58 1.03
C GLN A 168 31.58 17.01 1.45
N LYS A 169 30.31 17.38 1.37
CA LYS A 169 29.86 18.75 1.60
C LYS A 169 29.73 19.11 3.08
N HIS A 170 29.96 18.17 4.00
CA HIS A 170 29.82 18.42 5.44
C HIS A 170 28.42 18.92 5.77
N THR A 171 27.45 18.02 5.55
CA THR A 171 26.06 18.28 5.85
C THR A 171 25.45 17.03 6.49
N THR A 172 24.21 17.16 6.93
CA THR A 172 23.46 16.04 7.50
C THR A 172 22.10 15.87 6.83
N THR A 173 21.84 16.62 5.75
CA THR A 173 20.56 16.50 5.06
C THR A 173 20.36 15.12 4.48
N GLY A 174 21.43 14.53 3.94
CA GLY A 174 21.33 13.18 3.42
C GLY A 174 20.88 12.19 4.49
N TRP A 175 21.43 12.32 5.69
CA TRP A 175 21.00 11.46 6.79
C TRP A 175 19.55 11.75 7.14
N ASP A 176 19.16 13.02 7.15
CA ASP A 176 17.77 13.36 7.44
C ASP A 176 16.81 12.68 6.47
N ASP A 177 17.11 12.71 5.18
CA ASP A 177 16.24 12.05 4.21
C ASP A 177 16.27 10.54 4.39
N MET A 178 17.46 9.99 4.69
CA MET A 178 17.54 8.55 4.96
C MET A 178 16.69 8.18 6.15
N MET A 179 16.73 8.98 7.21
CA MET A 179 15.98 8.65 8.41
C MET A 179 14.48 8.77 8.21
N LYS A 180 14.05 9.66 7.30
CA LYS A 180 12.64 9.72 6.94
C LYS A 180 12.15 8.41 6.35
N ASN A 181 13.06 7.59 5.81
CA ASN A 181 12.72 6.30 5.21
C ASN A 181 13.21 5.13 6.04
N ASP A 182 13.70 5.37 7.27
CA ASP A 182 14.26 4.29 8.06
C ASP A 182 13.22 3.27 8.48
N ALA A 183 11.94 3.64 8.50
CA ALA A 183 10.89 2.68 8.83
C ALA A 183 10.77 1.57 7.78
N TYR A 184 11.37 1.75 6.61
CA TYR A 184 11.33 0.72 5.58
C TYR A 184 12.40 -0.34 5.83
N SER A 185 12.01 -1.60 5.68
CA SER A 185 12.98 -2.62 5.35
C SER A 185 13.27 -2.56 3.86
N THR A 186 14.40 -3.16 3.47
CA THR A 186 14.70 -3.22 2.04
C THR A 186 13.56 -3.88 1.28
N ARG A 187 12.93 -4.88 1.88
CA ARG A 187 11.80 -5.55 1.24
C ARG A 187 10.60 -4.61 1.13
N SER A 188 10.19 -4.00 2.24
CA SER A 188 9.01 -3.14 2.21
C SER A 188 9.22 -1.93 1.31
N TYR A 189 10.47 -1.49 1.14
CA TYR A 189 10.74 -0.41 0.20
C TYR A 189 10.48 -0.85 -1.23
N PHE A 190 10.91 -2.06 -1.59
CA PHE A 190 10.64 -2.56 -2.94
C PHE A 190 9.16 -2.87 -3.12
N SER A 191 8.47 -3.28 -2.06
CA SER A 191 7.07 -3.70 -2.19
C SER A 191 6.11 -2.52 -2.20
N PHE A 192 6.49 -1.38 -1.64
CA PHE A 192 5.55 -0.28 -1.42
C PHE A 192 6.00 1.07 -1.97
N LYS A 193 7.27 1.24 -2.34
CA LYS A 193 7.77 2.55 -2.72
C LYS A 193 8.53 2.57 -4.04
N TYR A 194 9.51 1.68 -4.19
CA TYR A 194 10.40 1.75 -5.34
C TYR A 194 9.65 1.62 -6.67
N LEU A 195 10.05 2.46 -7.63
CA LEU A 195 9.55 2.39 -9.00
C LEU A 195 10.76 2.38 -9.94
N PRO A 196 10.81 1.48 -10.92
CA PRO A 196 12.01 1.37 -11.76
C PRO A 196 12.34 2.66 -12.50
N SER A 197 13.62 2.88 -12.72
CA SER A 197 14.07 4.06 -13.46
C SER A 197 13.51 4.04 -14.88
N PRO A 198 13.05 5.18 -15.40
CA PRO A 198 12.50 5.18 -16.76
C PRO A 198 13.46 4.64 -17.82
N SER A 199 14.76 4.75 -17.59
CA SER A 199 15.73 4.28 -18.58
C SER A 199 15.70 2.77 -18.76
N PHE A 200 15.12 2.03 -17.81
CA PHE A 200 15.06 0.58 -17.91
C PHE A 200 13.98 0.08 -18.86
N GLY A 201 12.97 0.90 -19.14
CA GLY A 201 11.89 0.48 -20.00
C GLY A 201 10.93 -0.51 -19.36
N LEU A 202 10.91 -0.59 -18.04
CA LEU A 202 10.01 -1.48 -17.33
C LEU A 202 8.73 -0.77 -16.98
N PRO A 203 7.69 -1.50 -16.58
CA PRO A 203 6.48 -0.83 -16.08
C PRO A 203 6.77 -0.14 -14.75
N SER A 204 6.13 1.02 -14.57
CA SER A 204 6.28 1.80 -13.34
C SER A 204 5.35 1.21 -12.28
N GLU A 205 5.81 0.11 -11.67
CA GLU A 205 5.03 -0.57 -10.65
C GLU A 205 5.98 -1.23 -9.66
N HIS A 206 5.49 -1.44 -8.43
CA HIS A 206 6.31 -2.09 -7.42
C HIS A 206 6.59 -3.54 -7.81
N PHE A 207 7.69 -4.06 -7.27
CA PHE A 207 8.09 -5.43 -7.55
C PHE A 207 7.26 -6.43 -6.73
N SER A 208 7.09 -7.62 -7.28
CA SER A 208 6.42 -8.70 -6.57
C SER A 208 7.39 -9.37 -5.61
N THR A 209 6.85 -10.20 -4.72
CA THR A 209 7.70 -10.93 -3.79
C THR A 209 8.69 -11.81 -4.54
N ARG A 210 8.23 -12.47 -5.61
CA ARG A 210 9.12 -13.32 -6.39
C ARG A 210 10.32 -12.53 -6.91
N VAL A 211 10.08 -11.33 -7.43
CA VAL A 211 11.19 -10.53 -7.95
C VAL A 211 12.09 -10.06 -6.82
N ILE A 212 11.51 -9.67 -5.69
CA ILE A 212 12.31 -9.17 -4.57
C ILE A 212 13.23 -10.26 -4.05
N ASN A 213 12.68 -11.46 -3.81
CA ASN A 213 13.50 -12.57 -3.36
C ASN A 213 14.55 -12.93 -4.40
N TRP A 214 14.26 -12.70 -5.68
CA TRP A 214 15.27 -12.92 -6.73
C TRP A 214 16.41 -11.92 -6.60
N LEU A 215 16.09 -10.66 -6.28
CA LEU A 215 17.14 -9.68 -6.02
C LEU A 215 17.99 -10.07 -4.83
N GLU A 216 17.35 -10.46 -3.73
CA GLU A 216 18.09 -10.82 -2.52
C GLU A 216 19.03 -11.99 -2.79
N THR A 217 18.60 -12.94 -3.60
CA THR A 217 19.39 -14.16 -3.82
C THR A 217 20.75 -13.83 -4.41
N PHE A 218 20.79 -12.96 -5.42
CA PHE A 218 22.05 -12.64 -6.09
C PHE A 218 22.72 -11.40 -5.53
N ASP A 219 21.98 -10.54 -4.83
CA ASP A 219 22.54 -9.32 -4.26
C ASP A 219 23.15 -9.53 -2.89
N LYS A 220 22.47 -10.28 -2.02
CA LYS A 220 22.92 -10.42 -0.64
C LYS A 220 22.70 -11.83 -0.09
N SER A 221 22.19 -11.95 1.13
CA SER A 221 22.01 -13.21 1.81
C SER A 221 20.53 -13.41 2.15
N THR A 222 20.18 -14.66 2.46
CA THR A 222 18.80 -14.97 2.79
C THR A 222 18.37 -14.21 4.04
N GLY A 223 17.30 -13.42 3.91
CA GLY A 223 16.79 -12.65 5.02
C GLY A 223 17.37 -11.27 5.17
N TRP A 224 18.37 -10.91 4.36
CA TRP A 224 18.94 -9.57 4.45
C TRP A 224 17.87 -8.50 4.26
N TYR A 225 17.04 -8.66 3.23
CA TYR A 225 16.10 -7.60 2.86
C TYR A 225 15.01 -7.39 3.89
N ASP A 226 14.86 -8.29 4.87
CA ASP A 226 13.88 -8.08 5.93
C ASP A 226 14.39 -7.12 7.00
N ARG A 227 15.66 -6.74 6.95
CA ARG A 227 16.24 -5.79 7.89
C ARG A 227 16.25 -4.39 7.27
N GLY A 228 16.65 -3.42 8.08
CA GLY A 228 16.51 -2.02 7.73
C GLY A 228 17.03 -1.62 6.36
N LEU A 229 16.23 -0.83 5.63
CA LEU A 229 16.70 -0.26 4.38
C LEU A 229 17.96 0.57 4.62
N THR A 230 18.04 1.27 5.75
CA THR A 230 19.19 2.10 6.04
C THR A 230 20.48 1.29 5.99
N GLU A 231 20.45 0.05 6.50
CA GLU A 231 21.65 -0.78 6.48
C GLU A 231 22.08 -1.09 5.05
N THR A 232 21.11 -1.33 4.16
CA THR A 232 21.46 -1.68 2.79
C THR A 232 22.15 -0.53 2.06
N VAL A 233 21.74 0.71 2.32
CA VAL A 233 22.40 1.84 1.67
C VAL A 233 23.79 2.05 2.26
N LEU A 234 23.92 1.91 3.59
CA LEU A 234 25.21 2.14 4.23
C LEU A 234 26.23 1.11 3.76
N GLU A 235 25.82 -0.15 3.59
CA GLU A 235 26.73 -1.16 3.11
C GLU A 235 27.13 -0.92 1.66
N ALA A 236 26.30 -0.22 0.88
CA ALA A 236 26.70 0.14 -0.48
C ALA A 236 27.78 1.21 -0.47
N ILE A 237 27.76 2.10 0.52
CA ILE A 237 28.78 3.15 0.59
C ILE A 237 30.10 2.57 1.06
N ALA A 238 30.07 1.68 2.06
CA ALA A 238 31.30 1.08 2.56
C ALA A 238 31.97 0.22 1.49
N PHE A 239 31.18 -0.59 0.78
CA PHE A 239 31.72 -1.42 -0.29
C PHE A 239 32.12 -0.64 -1.53
N GLY A 240 31.91 0.68 -1.56
CA GLY A 240 32.29 1.45 -2.72
C GLY A 240 31.37 1.30 -3.91
N GLU A 241 30.13 0.84 -3.69
CA GLU A 241 29.20 0.64 -4.80
C GLU A 241 28.68 1.96 -5.36
N VAL A 242 28.69 3.03 -4.57
CA VAL A 242 28.16 4.32 -5.01
C VAL A 242 28.98 5.43 -4.38
N GLY A 243 30.13 5.74 -4.96
CA GLY A 243 30.96 6.83 -4.51
C GLY A 243 31.58 7.58 -5.66
N ASP A 244 32.80 8.09 -5.46
CA ASP A 244 33.53 8.78 -6.51
C ASP A 244 34.92 8.17 -6.69
N GLY A 245 35.80 8.41 -5.74
CA GLY A 245 37.16 7.90 -5.84
C GLY A 245 37.18 6.39 -5.89
N GLU A 246 38.04 5.85 -6.75
CA GLU A 246 38.20 4.40 -6.87
C GLU A 246 38.71 3.82 -5.55
N VAL A 247 38.27 2.60 -5.26
CA VAL A 247 38.61 1.92 -4.02
C VAL A 247 39.80 1.02 -4.25
N ASP A 248 40.67 0.90 -3.24
CA ASP A 248 41.87 0.08 -3.29
C ASP A 248 41.75 -1.00 -2.21
N TRP A 249 41.23 -2.16 -2.60
CA TRP A 249 41.07 -3.25 -1.65
C TRP A 249 42.43 -3.72 -1.14
N ARG A 250 42.53 -3.88 0.18
CA ARG A 250 43.76 -4.30 0.82
C ARG A 250 43.44 -5.25 1.96
N CYS A 251 44.38 -6.16 2.23
CA CYS A 251 44.36 -6.97 3.44
C CYS A 251 45.75 -6.89 4.07
N ILE A 252 45.86 -7.42 5.29
CA ILE A 252 47.07 -7.30 6.08
C ILE A 252 47.90 -8.57 5.94
N ASP A 253 49.18 -8.40 5.61
CA ASP A 253 50.07 -9.54 5.46
C ASP A 253 50.22 -10.26 6.81
N GLY A 254 49.76 -11.51 6.85
CA GLY A 254 49.80 -12.29 8.07
C GLY A 254 48.49 -12.39 8.80
N GLY A 255 47.43 -11.74 8.30
CA GLY A 255 46.14 -11.77 8.95
C GLY A 255 45.86 -10.48 9.69
N SER A 256 44.58 -10.16 9.85
CA SER A 256 44.20 -8.91 10.48
C SER A 256 44.65 -8.83 11.94
N HIS A 257 45.03 -9.96 12.54
CA HIS A 257 45.51 -9.94 13.92
C HIS A 257 46.74 -9.06 14.07
N VAL A 258 47.47 -8.81 12.99
CA VAL A 258 48.66 -7.97 13.07
C VAL A 258 48.30 -6.57 13.54
N LEU A 259 47.11 -6.08 13.18
CA LEU A 259 46.73 -4.72 13.56
C LEU A 259 46.62 -4.57 15.08
N PRO A 260 45.80 -5.35 15.78
CA PRO A 260 45.77 -5.20 17.25
C PRO A 260 47.09 -5.55 17.92
N ASP A 261 47.82 -6.54 17.40
CA ASP A 261 49.11 -6.87 17.99
C ASP A 261 50.07 -5.69 17.91
N THR A 262 50.10 -5.00 16.76
CA THR A 262 50.98 -3.85 16.63
C THR A 262 50.54 -2.73 17.58
N ILE A 263 49.23 -2.56 17.77
CA ILE A 263 48.75 -1.53 18.67
C ILE A 263 49.06 -1.86 20.12
N ALA A 264 49.04 -3.15 20.47
CA ALA A 264 49.38 -3.52 21.84
C ALA A 264 50.85 -3.26 22.14
N ALA A 265 51.72 -3.41 21.13
CA ALA A 265 53.12 -3.08 21.32
C ALA A 265 53.34 -1.57 21.36
N PHE A 266 52.65 -0.83 20.49
CA PHE A 266 52.79 0.62 20.48
C PHE A 266 52.42 1.21 21.84
N LEU A 267 51.35 0.73 22.47
CA LEU A 267 50.92 1.27 23.74
C LEU A 267 51.88 0.94 24.87
N HIS A 268 52.77 -0.03 24.68
CA HIS A 268 53.73 -0.43 25.71
C HIS A 268 55.08 0.25 25.56
N LYS A 269 55.57 0.41 24.33
CA LYS A 269 56.90 0.97 24.12
C LYS A 269 57.14 2.24 24.92
N LYS A 270 56.08 3.02 25.16
CA LYS A 270 56.24 4.28 25.88
C LYS A 270 56.38 4.05 27.38
N GLY A 271 55.30 3.63 28.03
CA GLY A 271 55.29 3.43 29.47
C GLY A 271 55.31 1.97 29.88
N GLY A 272 54.14 1.43 30.21
CA GLY A 272 54.05 0.05 30.66
C GLY A 272 52.85 -0.68 30.10
N ASN A 273 52.38 -1.70 30.82
CA ASN A 273 51.26 -2.52 30.40
C ASN A 273 50.00 -2.05 31.15
N ALA A 274 49.01 -1.58 30.40
CA ALA A 274 47.76 -1.08 30.96
C ALA A 274 46.58 -2.01 30.64
N PHE A 275 46.87 -3.29 30.42
CA PHE A 275 45.85 -4.28 30.09
C PHE A 275 45.48 -5.10 31.32
N VAL A 276 44.19 -5.41 31.44
CA VAL A 276 43.68 -6.31 32.48
C VAL A 276 42.96 -7.44 31.76
N MET A 277 43.67 -8.55 31.54
CA MET A 277 43.13 -9.67 30.79
C MET A 277 42.34 -10.61 31.70
N ASN A 278 41.49 -11.43 31.07
CA ASN A 278 40.73 -12.46 31.76
C ASN A 278 39.95 -11.86 32.94
N ALA A 279 39.29 -10.74 32.68
CA ALA A 279 38.48 -10.04 33.69
C ALA A 279 37.17 -9.64 33.03
N SER A 280 36.12 -10.41 33.27
CA SER A 280 34.82 -10.17 32.66
C SER A 280 34.06 -9.11 33.46
N VAL A 281 33.79 -7.97 32.83
CA VAL A 281 33.00 -6.92 33.47
C VAL A 281 31.61 -7.46 33.81
N THR A 282 31.25 -7.38 35.09
CA THR A 282 29.94 -7.83 35.54
C THR A 282 29.07 -6.70 36.06
N ALA A 283 29.62 -5.52 36.29
CA ALA A 283 28.84 -4.40 36.79
C ALA A 283 29.55 -3.10 36.44
N ILE A 284 28.76 -2.07 36.12
CA ILE A 284 29.25 -0.73 35.84
C ILE A 284 28.32 0.26 36.53
N GLY A 285 28.88 1.35 37.01
CA GLY A 285 28.05 2.37 37.63
C GLY A 285 28.88 3.33 38.46
N LEU A 286 28.25 4.45 38.78
CA LEU A 286 28.88 5.43 39.65
C LEU A 286 29.01 4.88 41.07
N GLU A 287 30.11 5.21 41.74
CA GLU A 287 30.26 4.81 43.12
C GLU A 287 29.14 5.37 43.99
N ASN A 288 28.66 6.57 43.65
CA ASN A 288 27.51 7.17 44.34
C ASN A 288 26.75 7.98 43.29
N PRO A 289 25.63 7.47 42.79
CA PRO A 289 24.91 8.18 41.71
C PRO A 289 24.44 9.56 42.11
N ASN A 290 24.40 9.87 43.40
CA ASN A 290 23.93 11.17 43.86
C ASN A 290 25.06 12.18 43.97
N LYS A 291 26.27 11.74 44.29
CA LYS A 291 27.40 12.65 44.40
C LYS A 291 27.75 13.21 43.02
N GLU A 292 28.00 14.52 42.97
CA GLU A 292 28.23 15.19 41.70
C GLU A 292 29.53 14.71 41.05
N ASP A 293 30.58 14.51 41.84
CA ASP A 293 31.88 14.10 41.34
C ASP A 293 32.20 12.66 41.72
N SER A 294 31.23 11.78 41.58
CA SER A 294 31.47 10.37 41.89
C SER A 294 32.23 9.71 40.75
N PRO A 295 33.23 8.88 41.06
CA PRO A 295 33.92 8.13 40.00
C PRO A 295 33.08 6.95 39.53
N MET A 296 33.55 6.32 38.47
CA MET A 296 32.92 5.11 37.95
C MET A 296 33.62 3.89 38.53
N VAL A 297 32.83 2.87 38.86
CA VAL A 297 33.34 1.60 39.38
C VAL A 297 33.05 0.53 38.34
N VAL A 298 34.05 -0.28 38.03
CA VAL A 298 33.93 -1.36 37.06
C VAL A 298 34.33 -2.65 37.75
N VAL A 299 33.34 -3.49 38.08
CA VAL A 299 33.58 -4.79 38.68
C VAL A 299 33.95 -5.74 37.54
N ALA A 300 35.24 -6.06 37.40
CA ALA A 300 35.73 -6.94 36.36
C ALA A 300 36.60 -8.01 37.00
N GLY A 301 36.37 -9.27 36.63
CA GLY A 301 37.11 -10.35 37.23
C GLY A 301 36.94 -10.45 38.73
N GLY A 302 35.81 -9.99 39.26
CA GLY A 302 35.55 -10.08 40.68
C GLY A 302 36.25 -9.05 41.53
N GLN A 303 36.80 -7.99 40.93
CA GLN A 303 37.51 -6.96 41.66
C GLN A 303 37.03 -5.59 41.22
N LYS A 304 36.79 -4.71 42.19
CA LYS A 304 36.33 -3.36 41.89
C LYS A 304 37.50 -2.53 41.37
N ARG A 305 37.22 -1.68 40.39
CA ARG A 305 38.22 -0.78 39.83
C ARG A 305 37.55 0.57 39.61
N LYS A 306 38.22 1.63 40.03
CA LYS A 306 37.68 2.97 39.96
C LYS A 306 38.23 3.70 38.74
N TYR A 307 37.38 4.52 38.12
CA TYR A 307 37.80 5.36 37.00
C TYR A 307 37.01 6.66 37.04
N SER A 308 37.57 7.69 36.41
CA SER A 308 36.86 8.95 36.27
C SER A 308 35.81 8.88 35.17
N HIS A 309 36.15 8.27 34.03
CA HIS A 309 35.22 8.05 32.94
C HIS A 309 35.42 6.65 32.40
N VAL A 310 34.38 6.08 31.81
CA VAL A 310 34.41 4.74 31.25
C VAL A 310 34.00 4.80 29.79
N ILE A 311 34.79 4.17 28.92
CA ILE A 311 34.47 4.03 27.51
C ILE A 311 34.22 2.55 27.25
N SER A 312 32.97 2.19 26.99
CA SER A 312 32.57 0.80 26.79
C SER A 312 32.54 0.49 25.30
N THR A 313 33.37 -0.46 24.88
CA THR A 313 33.30 -1.01 23.53
C THR A 313 32.61 -2.37 23.49
N LEU A 314 31.98 -2.77 24.58
CA LEU A 314 31.30 -4.05 24.62
C LEU A 314 30.13 -4.04 23.65
N PRO A 315 29.93 -5.12 22.87
CA PRO A 315 28.74 -5.19 22.02
C PRO A 315 27.47 -5.07 22.87
N LEU A 316 26.44 -4.49 22.26
CA LEU A 316 25.22 -4.20 23.01
C LEU A 316 24.63 -5.41 23.74
N PRO A 317 24.56 -6.60 23.15
CA PRO A 317 24.01 -7.74 23.90
C PRO A 317 24.80 -8.06 25.16
N VAL A 318 26.09 -7.72 25.19
CA VAL A 318 26.89 -7.99 26.38
C VAL A 318 26.51 -7.03 27.51
N LEU A 319 26.26 -5.76 27.18
CA LEU A 319 25.82 -4.82 28.21
C LEU A 319 24.52 -5.26 28.85
N ARG A 320 23.70 -6.02 28.13
CA ARG A 320 22.46 -6.52 28.70
C ARG A 320 22.70 -7.58 29.76
N THR A 321 23.91 -8.16 29.82
CA THR A 321 24.28 -9.08 30.88
C THR A 321 25.03 -8.42 32.02
N VAL A 322 25.38 -7.13 31.88
CA VAL A 322 26.09 -6.39 32.91
C VAL A 322 25.09 -5.62 33.76
N ASP A 323 25.41 -5.46 35.03
CA ASP A 323 24.56 -4.72 35.96
C ASP A 323 24.88 -3.23 35.82
N LEU A 324 23.92 -2.47 35.29
CA LEU A 324 24.08 -1.04 35.05
C LEU A 324 23.19 -0.21 35.98
N LYS A 325 22.87 -0.75 37.15
CA LYS A 325 21.99 -0.04 38.09
C LYS A 325 22.46 1.39 38.32
N ASN A 326 23.69 1.55 38.81
CA ASN A 326 24.22 2.85 39.19
C ASN A 326 24.80 3.62 38.01
N SER A 327 24.59 3.16 36.78
CA SER A 327 24.99 3.91 35.60
C SER A 327 23.94 4.92 35.15
N LYS A 328 22.73 4.83 35.69
CA LYS A 328 21.67 5.81 35.45
C LYS A 328 21.46 6.06 33.95
N LEU A 329 21.14 4.99 33.24
CA LEU A 329 20.72 5.11 31.85
C LEU A 329 19.27 5.57 31.81
N ASP A 330 18.94 6.41 30.82
CA ASP A 330 17.56 6.81 30.66
C ASP A 330 16.76 5.65 30.04
N ILE A 331 15.44 5.85 29.95
CA ILE A 331 14.57 4.76 29.53
C ILE A 331 14.80 4.39 28.07
N VAL A 332 15.22 5.35 27.25
CA VAL A 332 15.45 5.04 25.84
C VAL A 332 16.76 4.28 25.64
N GLN A 333 17.81 4.70 26.34
CA GLN A 333 19.07 3.97 26.26
C GLN A 333 18.91 2.54 26.76
N SER A 334 18.16 2.35 27.85
CA SER A 334 17.91 1.02 28.36
C SER A 334 17.26 0.13 27.31
N ASN A 335 16.26 0.66 26.61
CA ASN A 335 15.57 -0.14 25.58
C ASN A 335 16.43 -0.31 24.34
N ALA A 336 17.27 0.67 24.03
CA ALA A 336 18.12 0.57 22.84
C ALA A 336 19.07 -0.62 22.94
N LEU A 337 19.58 -0.90 24.15
CA LEU A 337 20.47 -2.04 24.32
C LEU A 337 19.81 -3.34 23.90
N ARG A 338 18.50 -3.46 24.10
CA ARG A 338 17.77 -4.68 23.78
C ARG A 338 17.30 -4.74 22.34
N LYS A 339 16.73 -3.63 21.84
CA LYS A 339 16.07 -3.69 20.53
C LYS A 339 17.06 -3.54 19.38
N LEU A 340 18.07 -2.69 19.52
CA LEU A 340 19.05 -2.51 18.45
C LEU A 340 19.62 -3.86 18.05
N GLN A 341 19.32 -4.29 16.83
CA GLN A 341 19.50 -5.67 16.41
C GLN A 341 20.92 -5.93 15.92
N TYR A 342 21.39 -7.15 16.18
CA TYR A 342 22.66 -7.65 15.66
C TYR A 342 22.39 -8.71 14.58
N GLY A 343 23.43 -9.02 13.83
CA GLY A 343 23.34 -10.02 12.78
C GLY A 343 24.28 -11.18 13.02
N PRO A 344 23.95 -12.35 12.49
CA PRO A 344 24.82 -13.52 12.63
C PRO A 344 25.79 -13.65 11.47
N SER A 345 26.75 -14.56 11.63
CA SER A 345 27.71 -14.84 10.58
C SER A 345 28.52 -16.06 10.99
N ILE A 346 28.90 -16.87 10.00
CA ILE A 346 29.77 -18.03 10.22
C ILE A 346 30.83 -18.03 9.13
N LYS A 347 31.99 -18.59 9.46
CA LYS A 347 33.06 -18.82 8.49
C LYS A 347 33.62 -20.21 8.69
N ILE A 348 33.97 -20.87 7.60
CA ILE A 348 34.60 -22.18 7.61
C ILE A 348 35.87 -22.10 6.78
N GLY A 349 37.02 -22.29 7.43
CA GLY A 349 38.31 -22.32 6.76
C GLY A 349 38.81 -23.75 6.69
N ILE A 350 39.24 -24.16 5.49
CA ILE A 350 39.75 -25.50 5.24
C ILE A 350 41.17 -25.37 4.72
N LEU A 351 42.07 -26.19 5.26
CA LEU A 351 43.43 -26.31 4.78
C LEU A 351 43.49 -27.51 3.83
N PHE A 352 43.95 -27.27 2.61
CA PHE A 352 44.07 -28.31 1.60
C PHE A 352 45.54 -28.65 1.39
N LYS A 353 45.78 -29.73 0.65
CA LYS A 353 47.14 -30.13 0.35
C LYS A 353 47.78 -29.20 -0.67
N GLU A 354 46.98 -28.57 -1.53
CA GLU A 354 47.47 -27.70 -2.58
C GLU A 354 46.42 -26.64 -2.86
N PRO A 355 46.81 -25.52 -3.48
CA PRO A 355 45.79 -24.55 -3.94
C PRO A 355 45.11 -25.03 -5.22
N TRP A 356 44.29 -26.08 -5.08
CA TRP A 356 43.66 -26.69 -6.24
C TRP A 356 42.84 -25.67 -7.04
N TRP A 357 42.25 -24.69 -6.36
CA TRP A 357 41.47 -23.68 -7.05
C TRP A 357 42.30 -22.85 -8.02
N THR A 358 43.61 -22.79 -7.80
CA THR A 358 44.49 -22.02 -8.68
C THR A 358 45.09 -22.88 -9.78
N THR A 359 45.43 -24.13 -9.46
CA THR A 359 46.18 -24.99 -10.37
C THR A 359 45.40 -26.23 -10.82
N GLY A 360 44.31 -26.59 -10.15
CA GLY A 360 43.59 -27.81 -10.45
C GLY A 360 42.68 -27.67 -11.66
N GLN A 361 41.86 -28.71 -11.86
CA GLN A 361 40.91 -28.73 -12.97
C GLN A 361 39.67 -29.53 -12.58
N ASP A 362 38.57 -29.26 -13.29
CA ASP A 362 37.28 -29.85 -12.97
C ASP A 362 37.17 -31.25 -13.58
N LYS A 363 35.96 -31.83 -13.54
CA LYS A 363 35.76 -33.17 -14.06
C LYS A 363 35.98 -33.25 -15.57
N ASN A 364 35.92 -32.13 -16.28
CA ASN A 364 36.01 -32.12 -17.74
C ASN A 364 37.35 -31.61 -18.26
N GLY A 365 38.32 -31.38 -17.37
CA GLY A 365 39.62 -30.92 -17.78
C GLY A 365 39.81 -29.41 -17.75
N GLU A 366 38.72 -28.65 -17.58
CA GLU A 366 38.82 -27.20 -17.55
C GLU A 366 39.52 -26.75 -16.28
N LYS A 367 40.54 -25.92 -16.44
CA LYS A 367 41.27 -25.41 -15.28
C LYS A 367 40.41 -24.40 -14.52
N PHE A 368 40.50 -24.45 -13.19
CA PHE A 368 39.83 -23.43 -12.38
C PHE A 368 40.47 -22.07 -12.60
N ASP A 369 41.78 -21.99 -12.43
CA ASP A 369 42.55 -20.77 -12.68
C ASP A 369 41.99 -19.60 -11.87
N LEU A 370 41.78 -19.84 -10.58
CA LEU A 370 41.26 -18.84 -9.66
C LEU A 370 42.37 -18.35 -8.75
N VAL A 371 42.57 -17.04 -8.71
CA VAL A 371 43.53 -16.41 -7.82
C VAL A 371 42.77 -15.34 -7.05
N GLY A 372 42.60 -15.54 -5.75
CA GLY A 372 41.77 -14.63 -5.01
C GLY A 372 40.34 -14.67 -5.53
N GLY A 373 39.61 -13.60 -5.23
CA GLY A 373 38.24 -13.50 -5.68
C GLY A 373 37.30 -14.32 -4.81
N GLN A 374 36.09 -14.53 -5.33
CA GLN A 374 35.05 -15.22 -4.61
C GLN A 374 34.15 -15.96 -5.58
N SER A 375 33.52 -17.02 -5.10
CA SER A 375 32.47 -17.71 -5.83
C SER A 375 31.19 -17.67 -5.00
N TYR A 376 30.05 -17.65 -5.68
CA TYR A 376 28.77 -17.48 -5.02
C TYR A 376 27.84 -18.61 -5.44
N THR A 377 26.94 -18.98 -4.53
CA THR A 377 25.99 -20.05 -4.81
C THR A 377 24.82 -19.92 -3.85
N ASP A 378 23.72 -20.57 -4.22
CA ASP A 378 22.56 -20.67 -3.34
C ASP A 378 22.59 -21.92 -2.47
N LEU A 379 23.66 -22.71 -2.56
CA LEU A 379 23.85 -23.84 -1.67
C LEU A 379 24.19 -23.34 -0.26
N PRO A 380 24.05 -24.19 0.75
CA PRO A 380 24.24 -23.72 2.13
C PRO A 380 25.51 -22.91 2.38
N ILE A 381 26.59 -23.16 1.64
CA ILE A 381 27.82 -22.41 1.90
C ILE A 381 27.74 -20.98 1.37
N ARG A 382 26.86 -20.71 0.42
CA ARG A 382 26.60 -19.37 -0.09
C ARG A 382 27.82 -18.75 -0.76
N THR A 383 28.90 -18.52 0.00
CA THR A 383 30.04 -17.79 -0.50
C THR A 383 31.32 -18.58 -0.26
N VAL A 384 32.22 -18.52 -1.24
CA VAL A 384 33.57 -19.09 -1.14
C VAL A 384 34.55 -17.96 -1.42
N VAL A 385 35.57 -17.84 -0.57
CA VAL A 385 36.56 -16.78 -0.68
C VAL A 385 37.93 -17.43 -0.81
N TYR A 386 38.60 -17.16 -1.93
CA TYR A 386 39.92 -17.72 -2.18
C TYR A 386 41.00 -16.77 -1.65
N PRO A 387 42.09 -17.30 -1.09
CA PRO A 387 43.07 -16.42 -0.44
C PRO A 387 43.74 -15.50 -1.45
N SER A 388 43.77 -14.21 -1.12
CA SER A 388 44.54 -13.24 -1.88
C SER A 388 45.93 -13.05 -1.30
N TYR A 389 46.14 -13.45 -0.05
CA TYR A 389 47.44 -13.36 0.59
C TYR A 389 48.30 -14.57 0.22
N GLY A 390 49.60 -14.35 0.06
CA GLY A 390 50.54 -15.41 -0.23
C GLY A 390 50.71 -15.72 -1.70
N VAL A 391 49.85 -15.20 -2.57
CA VAL A 391 50.03 -15.43 -4.00
C VAL A 391 51.32 -14.76 -4.46
N ASN A 392 51.97 -15.36 -5.45
CA ASN A 392 53.24 -14.86 -5.98
C ASN A 392 54.35 -14.96 -4.92
N THR A 393 54.31 -16.02 -4.12
CA THR A 393 55.29 -16.24 -3.07
C THR A 393 55.82 -17.66 -3.16
N ASN A 394 56.97 -17.89 -2.51
CA ASN A 394 57.55 -19.23 -2.47
C ASN A 394 56.54 -20.25 -1.96
N ALA A 395 55.71 -19.86 -1.00
CA ALA A 395 54.74 -20.77 -0.37
C ALA A 395 53.36 -20.13 -0.48
N PRO A 396 52.67 -20.33 -1.59
CA PRO A 396 51.30 -19.81 -1.70
C PRO A 396 50.39 -20.47 -0.67
N SER A 397 49.26 -19.81 -0.42
CA SER A 397 48.35 -20.28 0.61
C SER A 397 47.62 -21.54 0.14
N ASN A 398 47.49 -22.50 1.06
CA ASN A 398 46.69 -23.69 0.84
C ASN A 398 45.36 -23.64 1.58
N THR A 399 45.04 -22.49 2.17
CA THR A 399 43.85 -22.34 3.00
C THR A 399 42.74 -21.65 2.22
N LEU A 400 41.53 -22.20 2.32
CA LEU A 400 40.36 -21.69 1.63
C LEU A 400 39.28 -21.37 2.65
N ILE A 401 38.54 -20.29 2.41
CA ILE A 401 37.33 -19.98 3.17
C ILE A 401 36.19 -20.68 2.42
N ALA A 402 35.91 -21.92 2.82
CA ALA A 402 34.93 -22.73 2.11
C ALA A 402 33.50 -22.26 2.34
N SER A 403 33.26 -21.46 3.38
CA SER A 403 31.91 -20.96 3.67
C SER A 403 32.00 -19.64 4.40
N TYR A 404 31.16 -18.69 3.97
CA TYR A 404 31.06 -17.37 4.60
C TYR A 404 29.61 -16.93 4.44
N CYS A 405 28.83 -17.02 5.52
CA CYS A 405 27.40 -16.82 5.48
C CYS A 405 26.98 -15.63 6.31
N TRP A 406 25.77 -15.13 6.02
CA TRP A 406 25.15 -14.05 6.78
CA TRP A 406 25.14 -14.04 6.74
C TRP A 406 23.69 -14.41 7.03
N THR A 407 23.06 -13.64 7.92
CA THR A 407 21.64 -13.77 8.23
C THR A 407 21.18 -15.22 8.31
N ASN A 408 20.12 -15.59 7.57
CA ASN A 408 19.53 -16.91 7.75
C ASN A 408 20.51 -18.02 7.39
N ASP A 409 21.28 -17.82 6.32
CA ASP A 409 22.26 -18.84 5.94
C ASP A 409 23.26 -19.10 7.05
N ALA A 410 23.57 -18.08 7.86
CA ALA A 410 24.48 -18.27 8.98
C ALA A 410 23.76 -18.88 10.18
N GLU A 411 22.51 -18.49 10.42
CA GLU A 411 21.75 -19.08 11.51
C GLU A 411 21.61 -20.59 11.33
N ARG A 412 21.25 -21.02 10.11
CA ARG A 412 21.06 -22.45 9.86
C ARG A 412 22.37 -23.21 9.95
N MET A 413 23.39 -22.75 9.23
CA MET A 413 24.69 -23.43 9.25
C MET A 413 25.27 -23.48 10.66
N GLY A 414 25.00 -22.45 11.47
CA GLY A 414 25.58 -22.40 12.80
C GLY A 414 25.28 -23.62 13.64
N SER A 415 24.11 -24.23 13.43
CA SER A 415 23.73 -25.39 14.24
C SER A 415 24.68 -26.56 14.04
N LEU A 416 25.39 -26.61 12.91
CA LEU A 416 26.37 -27.66 12.65
C LEU A 416 27.76 -27.32 13.15
N ILE A 417 27.95 -26.15 13.75
CA ILE A 417 29.27 -25.68 14.18
C ILE A 417 29.33 -25.72 15.70
N GLY A 418 30.49 -26.11 16.22
CA GLY A 418 30.72 -26.09 17.66
C GLY A 418 29.90 -27.08 18.44
N THR A 419 29.39 -28.12 17.80
CA THR A 419 28.56 -29.10 18.49
C THR A 419 29.35 -29.96 19.47
N GLY A 420 30.66 -30.11 19.25
CA GLY A 420 31.45 -31.01 20.06
C GLY A 420 31.21 -32.47 19.79
N ALA A 421 30.38 -32.81 18.81
CA ALA A 421 30.06 -34.19 18.47
C ALA A 421 30.80 -34.60 17.20
N ALA A 422 31.42 -35.78 17.22
CA ALA A 422 32.16 -36.24 16.06
C ALA A 422 31.25 -36.39 14.85
N THR A 423 30.03 -36.88 15.06
CA THR A 423 29.11 -37.08 13.96
C THR A 423 28.85 -35.78 13.21
N TYR A 424 28.70 -34.68 13.94
CA TYR A 424 28.34 -33.41 13.31
C TYR A 424 29.56 -32.71 12.72
N GLU A 425 30.75 -32.96 13.26
CA GLU A 425 31.95 -32.45 12.61
C GLU A 425 32.15 -33.10 11.25
N GLU A 426 31.76 -34.37 11.10
CA GLU A 426 31.87 -35.06 9.82
C GLU A 426 30.73 -34.69 8.87
N GLN A 427 29.51 -34.58 9.38
CA GLN A 427 28.41 -34.09 8.55
C GLN A 427 28.77 -32.72 7.96
N LEU A 428 29.22 -31.80 8.81
CA LEU A 428 29.62 -30.49 8.33
C LEU A 428 30.67 -30.59 7.24
N GLU A 429 31.69 -31.41 7.46
CA GLU A 429 32.76 -31.55 6.47
C GLU A 429 32.21 -32.09 5.15
N HIS A 430 31.35 -33.10 5.21
CA HIS A 430 30.81 -33.67 3.98
C HIS A 430 29.90 -32.67 3.27
N LEU A 431 29.10 -31.92 4.04
CA LEU A 431 28.23 -30.91 3.44
C LEU A 431 29.04 -29.84 2.73
N VAL A 432 30.09 -29.34 3.39
CA VAL A 432 30.88 -28.25 2.81
C VAL A 432 31.57 -28.73 1.53
N LEU A 433 32.29 -29.86 1.62
CA LEU A 433 32.97 -30.38 0.43
C LEU A 433 31.97 -30.68 -0.68
N SER A 434 30.78 -31.17 -0.33
CA SER A 434 29.78 -31.46 -1.35
C SER A 434 29.34 -30.20 -2.08
N ASN A 435 29.16 -29.10 -1.33
CA ASN A 435 28.80 -27.84 -1.97
C ASN A 435 29.96 -27.30 -2.79
N LEU A 436 31.18 -27.35 -2.24
CA LEU A 436 32.35 -26.97 -3.02
C LEU A 436 32.46 -27.84 -4.27
N ALA A 437 32.11 -29.13 -4.17
CA ALA A 437 32.20 -30.02 -5.32
C ALA A 437 31.23 -29.59 -6.41
N ALA A 438 30.02 -29.18 -6.04
CA ALA A 438 29.04 -28.78 -7.04
C ALA A 438 29.38 -27.42 -7.64
N VAL A 439 29.81 -26.48 -6.81
CA VAL A 439 30.08 -25.13 -7.30
C VAL A 439 31.21 -25.14 -8.33
N HIS A 440 32.20 -26.01 -8.13
CA HIS A 440 33.38 -26.04 -8.98
C HIS A 440 33.35 -27.13 -10.04
N ASN A 441 32.34 -28.02 -10.01
CA ASN A 441 32.20 -29.08 -11.00
C ASN A 441 33.28 -30.16 -10.83
N THR A 442 33.54 -30.56 -9.59
CA THR A 442 34.49 -31.61 -9.29
C THR A 442 33.80 -32.69 -8.45
N ASP A 443 34.36 -33.89 -8.49
CA ASP A 443 33.86 -34.97 -7.65
CA ASP A 443 33.84 -34.96 -7.65
C ASP A 443 34.15 -34.67 -6.19
N TYR A 444 33.32 -35.25 -5.30
CA TYR A 444 33.54 -35.08 -3.88
C TYR A 444 34.92 -35.60 -3.47
N GLN A 445 35.33 -36.75 -4.03
CA GLN A 445 36.60 -37.35 -3.62
C GLN A 445 37.79 -36.51 -4.04
N TYR A 446 37.66 -35.71 -5.11
CA TYR A 446 38.75 -34.86 -5.54
C TYR A 446 39.15 -33.91 -4.42
N LEU A 447 38.17 -33.35 -3.70
CA LEU A 447 38.48 -32.43 -2.61
C LEU A 447 38.82 -33.17 -1.32
N LYS A 448 38.13 -34.29 -1.05
CA LYS A 448 38.42 -35.05 0.15
C LYS A 448 39.86 -35.54 0.16
N ASP A 449 40.37 -35.98 -1.00
CA ASP A 449 41.75 -36.44 -1.07
C ASP A 449 42.74 -35.32 -0.76
N ARG A 450 42.30 -34.06 -0.84
CA ARG A 450 43.15 -32.92 -0.60
C ARG A 450 42.88 -32.24 0.74
N LEU A 451 41.92 -32.74 1.51
CA LEU A 451 41.60 -32.12 2.79
C LEU A 451 42.66 -32.47 3.83
N VAL A 452 42.93 -31.52 4.73
CA VAL A 452 43.94 -31.67 5.76
C VAL A 452 43.35 -31.32 7.12
N ASP A 453 42.72 -30.15 7.20
CA ASP A 453 42.17 -29.67 8.46
C ASP A 453 41.00 -28.74 8.16
N VAL A 454 40.05 -28.67 9.10
CA VAL A 454 38.87 -27.84 8.98
C VAL A 454 38.76 -26.99 10.24
N HIS A 455 38.36 -25.74 10.07
CA HIS A 455 38.15 -24.84 11.19
C HIS A 455 36.89 -24.04 10.93
N SER A 456 35.93 -24.12 11.84
CA SER A 456 34.65 -23.45 11.71
C SER A 456 34.41 -22.55 12.91
N TRP A 457 33.67 -21.46 12.68
CA TRP A 457 33.44 -20.47 13.73
C TRP A 457 32.07 -19.85 13.53
N ASP A 458 31.32 -19.70 14.62
CA ASP A 458 29.98 -19.15 14.59
C ASP A 458 29.94 -17.96 15.54
N TRP A 459 29.97 -16.74 14.99
CA TRP A 459 29.96 -15.55 15.82
C TRP A 459 28.64 -15.35 16.55
N ASN A 460 27.57 -15.99 16.09
CA ASN A 460 26.28 -15.88 16.75
C ASN A 460 26.16 -16.80 17.95
N HIS A 461 27.14 -17.68 18.17
CA HIS A 461 27.22 -18.52 19.35
C HIS A 461 28.56 -18.33 20.04
N ASN A 462 29.00 -17.08 20.14
CA ASN A 462 30.25 -16.73 20.82
C ASN A 462 29.89 -15.83 22.00
N PRO A 463 30.06 -16.27 23.25
CA PRO A 463 29.58 -15.46 24.38
C PRO A 463 30.25 -14.11 24.50
N LEU A 464 31.41 -13.92 23.86
CA LEU A 464 32.13 -12.65 23.93
C LEU A 464 31.66 -11.63 22.90
N THR A 465 30.85 -12.02 21.91
CA THR A 465 30.34 -11.07 20.93
C THR A 465 28.81 -11.13 20.89
N MET A 466 28.26 -12.31 21.12
CA MET A 466 26.80 -12.51 21.13
C MET A 466 26.19 -11.99 19.83
N GLY A 467 26.81 -12.38 18.72
CA GLY A 467 26.42 -11.91 17.40
C GLY A 467 27.66 -11.52 16.61
N ALA A 468 27.50 -11.51 15.27
CA ALA A 468 28.62 -11.13 14.41
C ALA A 468 28.88 -9.62 14.49
N PHE A 469 27.83 -8.83 14.38
CA PHE A 469 27.95 -7.38 14.34
C PHE A 469 26.56 -6.78 14.36
N ALA A 470 26.52 -5.46 14.53
CA ALA A 470 25.25 -4.75 14.46
C ALA A 470 24.66 -4.91 13.06
N PHE A 471 23.34 -5.14 13.00
CA PHE A 471 22.62 -5.25 11.73
C PHE A 471 21.20 -4.77 12.03
N PHE A 472 21.05 -3.45 12.12
CA PHE A 472 19.82 -2.86 12.59
C PHE A 472 18.64 -3.24 11.69
N GLY A 473 17.47 -3.39 12.31
CA GLY A 473 16.24 -3.56 11.58
C GLY A 473 15.59 -2.22 11.33
N PRO A 474 14.46 -2.23 10.62
CA PRO A 474 13.79 -0.96 10.31
C PRO A 474 13.42 -0.20 11.57
N GLY A 475 13.65 1.12 11.53
CA GLY A 475 13.29 1.99 12.63
C GLY A 475 14.32 2.09 13.74
N ASP A 476 15.33 1.21 13.77
CA ASP A 476 16.31 1.24 14.85
C ASP A 476 17.11 2.54 14.83
N PHE A 477 17.58 2.96 13.65
CA PHE A 477 18.38 4.16 13.58
C PHE A 477 17.59 5.40 13.99
N GLN A 478 16.31 5.47 13.61
CA GLN A 478 15.53 6.68 13.78
C GLN A 478 14.96 6.85 15.18
N ASP A 479 14.95 5.80 16.00
CA ASP A 479 14.27 5.85 17.28
C ASP A 479 15.17 5.54 18.47
N LEU A 480 16.18 4.69 18.30
CA LEU A 480 17.00 4.24 19.42
C LEU A 480 18.48 4.52 19.26
N TYR A 481 18.97 4.76 18.04
CA TYR A 481 20.41 4.93 17.84
C TYR A 481 20.94 6.16 18.56
N THR A 482 20.20 7.27 18.50
CA THR A 482 20.70 8.51 19.09
C THR A 482 20.87 8.42 20.59
N SER A 483 20.01 7.65 21.27
CA SER A 483 20.06 7.61 22.72
C SER A 483 21.42 7.14 23.22
N LEU A 484 22.03 6.18 22.53
CA LEU A 484 23.31 5.65 22.95
C LEU A 484 24.49 6.51 22.51
N ASN A 485 24.27 7.48 21.62
CA ASN A 485 25.34 8.38 21.21
C ASN A 485 25.58 9.48 22.23
N ARG A 486 24.70 9.66 23.22
CA ARG A 486 24.95 10.53 24.35
C ARG A 486 25.31 9.71 25.59
N PRO A 487 26.10 10.25 26.50
CA PRO A 487 26.61 9.44 27.61
C PRO A 487 25.55 9.19 28.67
N ALA A 488 25.90 8.32 29.61
CA ALA A 488 25.10 8.03 30.79
C ALA A 488 25.96 8.21 32.04
N ALA A 489 25.39 7.90 33.20
CA ALA A 489 26.10 7.99 34.47
C ALA A 489 26.69 9.39 34.68
N ASN A 490 25.80 10.38 34.63
CA ASN A 490 26.19 11.77 34.82
C ASN A 490 27.30 12.17 33.85
N GLY A 491 27.24 11.62 32.63
CA GLY A 491 28.21 11.93 31.60
C GLY A 491 29.54 11.22 31.73
N LYS A 492 29.65 10.25 32.64
CA LYS A 492 30.90 9.55 32.87
C LYS A 492 30.93 8.16 32.23
N LEU A 493 29.85 7.74 31.57
CA LEU A 493 29.78 6.46 30.87
C LEU A 493 29.53 6.71 29.40
N HIS A 494 30.48 6.34 28.55
CA HIS A 494 30.41 6.55 27.11
C HIS A 494 30.26 5.21 26.40
N PHE A 495 29.23 5.09 25.56
CA PHE A 495 28.99 3.89 24.79
C PHE A 495 29.76 3.96 23.48
N ALA A 496 30.48 2.90 23.15
CA ALA A 496 31.26 2.84 21.93
C ALA A 496 31.24 1.41 21.39
N GLY A 497 31.96 1.19 20.31
CA GLY A 497 31.91 -0.05 19.57
C GLY A 497 31.27 0.13 18.20
N GLU A 498 31.54 -0.84 17.32
CA GLU A 498 31.07 -0.73 15.95
C GLU A 498 29.55 -0.50 15.88
N ALA A 499 28.81 -0.97 16.89
CA ALA A 499 27.37 -0.76 16.88
C ALA A 499 27.02 0.72 16.93
N LEU A 500 27.83 1.52 17.63
CA LEU A 500 27.59 2.96 17.74
C LEU A 500 28.25 3.70 16.58
N SER A 501 27.77 3.40 15.37
CA SER A 501 28.27 4.04 14.17
C SER A 501 27.34 3.68 13.02
N VAL A 502 27.58 4.32 11.88
CA VAL A 502 26.86 4.01 10.65
C VAL A 502 27.68 3.15 9.71
N ARG A 503 28.77 2.57 10.20
CA ARG A 503 29.57 1.61 9.43
C ARG A 503 29.60 0.27 10.15
N HIS A 504 28.42 -0.29 10.42
CA HIS A 504 28.35 -1.59 11.08
C HIS A 504 29.12 -2.64 10.29
N ALA A 505 29.70 -3.60 11.02
CA ALA A 505 30.44 -4.71 10.43
C ALA A 505 31.71 -4.25 9.73
N TRP A 506 32.25 -3.09 10.09
CA TRP A 506 33.50 -2.59 9.53
C TRP A 506 34.38 -2.08 10.66
N VAL A 507 35.70 -2.17 10.46
CA VAL A 507 36.63 -1.67 11.46
C VAL A 507 36.44 -0.16 11.65
N VAL A 508 36.20 0.56 10.54
CA VAL A 508 36.05 2.01 10.65
C VAL A 508 34.90 2.38 11.57
N GLY A 509 33.87 1.52 11.65
CA GLY A 509 32.78 1.78 12.57
C GLY A 509 33.23 1.78 14.01
N ALA A 510 34.08 0.83 14.39
CA ALA A 510 34.63 0.81 15.73
C ALA A 510 35.52 2.03 15.97
N LEU A 511 36.28 2.44 14.96
CA LEU A 511 37.14 3.61 15.12
C LEU A 511 36.31 4.87 15.30
N ASP A 512 35.26 5.05 14.49
CA ASP A 512 34.41 6.21 14.61
C ASP A 512 33.79 6.30 16.00
N SER A 513 33.35 5.18 16.55
CA SER A 513 32.73 5.20 17.87
C SER A 513 33.72 5.63 18.93
N ALA A 514 34.97 5.16 18.83
CA ALA A 514 36.00 5.60 19.76
C ALA A 514 36.28 7.09 19.62
N TRP A 515 36.36 7.57 18.38
CA TRP A 515 36.55 9.00 18.15
C TRP A 515 35.46 9.81 18.87
N ARG A 516 34.20 9.42 18.69
CA ARG A 516 33.11 10.16 19.32
C ARG A 516 33.18 10.05 20.84
N ALA A 517 33.59 8.90 21.36
CA ALA A 517 33.66 8.73 22.81
C ALA A 517 34.74 9.61 23.42
N VAL A 518 35.92 9.66 22.80
CA VAL A 518 36.98 10.52 23.28
C VAL A 518 36.59 11.99 23.13
N TYR A 519 35.95 12.33 22.01
CA TYR A 519 35.53 13.72 21.81
C TYR A 519 34.65 14.18 22.95
N ASN A 520 33.65 13.39 23.33
CA ASN A 520 32.79 13.78 24.43
C ASN A 520 33.57 13.83 25.74
N TYR A 521 34.52 12.90 25.92
CA TYR A 521 35.34 12.91 27.13
C TYR A 521 36.17 14.18 27.23
N LEU A 522 36.94 14.49 26.18
CA LEU A 522 37.73 15.71 26.18
C LEU A 522 36.85 16.94 26.30
N TYR A 523 35.72 16.95 25.60
CA TYR A 523 34.83 18.10 25.63
C TYR A 523 34.36 18.39 27.05
N VAL A 524 34.18 17.36 27.87
CA VAL A 524 33.64 17.52 29.22
C VAL A 524 34.71 17.61 30.29
N THR A 525 35.96 17.26 30.01
CA THR A 525 37.01 17.26 31.03
C THR A 525 38.17 18.18 30.71
N ASP A 526 38.66 18.21 29.46
CA ASP A 526 39.85 18.99 29.11
C ASP A 526 39.70 19.51 27.69
N PRO A 527 38.80 20.48 27.48
CA PRO A 527 38.59 20.99 26.11
C PRO A 527 39.82 21.66 25.51
N ALA A 528 40.81 22.01 26.33
CA ALA A 528 42.04 22.59 25.79
C ALA A 528 42.74 21.64 24.83
N LYS A 529 42.43 20.34 24.91
CA LYS A 529 43.08 19.33 24.07
C LYS A 529 42.34 19.10 22.77
N LEU A 530 41.19 19.74 22.56
CA LEU A 530 40.46 19.52 21.32
C LEU A 530 41.26 19.90 20.08
N PRO A 531 41.99 21.02 20.04
CA PRO A 531 42.79 21.31 18.84
C PRO A 531 43.80 20.22 18.52
N LYS A 532 44.52 19.72 19.52
CA LYS A 532 45.45 18.61 19.28
C LYS A 532 44.69 17.35 18.89
N PHE A 533 43.54 17.11 19.53
CA PHE A 533 42.71 15.97 19.17
C PHE A 533 42.29 16.03 17.71
N PHE A 534 41.81 17.20 17.26
CA PHE A 534 41.41 17.34 15.87
C PHE A 534 42.59 17.16 14.92
N GLU A 535 43.76 17.70 15.29
CA GLU A 535 44.89 17.64 14.38
C GLU A 535 45.41 16.23 14.18
N LEU A 536 45.33 15.38 15.20
CA LEU A 536 45.87 14.03 15.12
C LEU A 536 44.84 13.01 14.63
N TRP A 537 43.56 13.20 14.96
CA TRP A 537 42.55 12.18 14.70
C TRP A 537 41.35 12.71 13.92
N GLY A 538 41.40 13.95 13.45
CA GLY A 538 40.38 14.47 12.58
C GLY A 538 39.39 15.37 13.30
N LYS A 539 38.83 16.32 12.55
CA LYS A 539 37.86 17.25 13.10
C LYS A 539 36.48 16.63 13.25
N ASN A 540 36.19 15.55 12.51
CA ASN A 540 34.92 14.86 12.58
C ASN A 540 35.17 13.36 12.45
N ALA A 541 34.24 12.58 12.98
CA ALA A 541 34.35 11.13 12.86
C ALA A 541 34.26 10.68 11.41
N GLU A 542 33.27 11.21 10.67
CA GLU A 542 32.91 10.70 9.36
C GLU A 542 33.12 11.70 8.23
N TRP A 543 32.78 12.97 8.42
CA TRP A 543 32.93 13.96 7.37
C TRP A 543 34.35 13.95 6.82
N PHE A 544 34.45 13.97 5.49
CA PHE A 544 35.73 13.89 4.82
C PHE A 544 36.60 15.10 5.16
N GLU A 545 37.90 14.94 4.94
CA GLU A 545 38.88 16.02 5.11
C GLU A 545 40.20 15.53 4.56
N GLN A 546 41.02 16.48 4.10
CA GLN A 546 42.30 16.14 3.51
C GLN A 546 43.24 15.55 4.56
N PRO A 547 44.19 14.70 4.15
CA PRO A 547 45.13 14.10 5.10
C PRO A 547 46.01 15.13 5.80
N GLU B 12 4.35 -51.85 -2.41
CA GLU B 12 3.76 -50.66 -1.81
C GLU B 12 4.13 -50.56 -0.33
N ARG B 13 5.03 -49.63 -0.01
CA ARG B 13 5.43 -49.38 1.37
C ARG B 13 5.93 -47.94 1.46
N VAL B 14 5.37 -47.18 2.41
CA VAL B 14 5.65 -45.76 2.56
C VAL B 14 6.81 -45.57 3.53
N GLY B 15 7.72 -44.67 3.16
CA GLY B 15 8.85 -44.35 4.01
C GLY B 15 8.70 -43.02 4.72
N ILE B 16 8.43 -43.07 6.02
CA ILE B 16 8.27 -41.85 6.82
C ILE B 16 9.64 -41.46 7.36
N LEU B 17 10.09 -40.25 7.03
CA LEU B 17 11.36 -39.73 7.48
C LEU B 17 11.15 -38.85 8.70
N GLY B 18 11.70 -39.26 9.84
CA GLY B 18 11.55 -38.52 11.07
C GLY B 18 10.50 -39.10 12.00
N ALA B 19 10.91 -39.46 13.22
CA ALA B 19 10.00 -40.00 14.21
C ALA B 19 9.41 -38.93 15.12
N GLY B 20 9.21 -37.73 14.61
CA GLY B 20 8.54 -36.69 15.35
C GLY B 20 7.04 -36.93 15.42
N ILE B 21 6.34 -35.97 16.03
CA ILE B 21 4.89 -36.10 16.15
C ILE B 21 4.24 -36.10 14.77
N GLY B 22 4.85 -35.42 13.80
CA GLY B 22 4.32 -35.45 12.45
C GLY B 22 4.46 -36.82 11.81
N GLY B 23 5.64 -37.44 11.96
CA GLY B 23 5.83 -38.76 11.41
C GLY B 23 5.02 -39.83 12.13
N LEU B 24 4.94 -39.71 13.47
CA LEU B 24 4.15 -40.68 14.23
C LEU B 24 2.67 -40.58 13.87
N TYR B 25 2.19 -39.36 13.60
CA TYR B 25 0.80 -39.19 13.18
C TYR B 25 0.58 -39.80 11.80
N SER B 26 1.50 -39.57 10.87
CA SER B 26 1.41 -40.23 9.56
C SER B 26 1.38 -41.75 9.73
N ALA B 27 2.13 -42.28 10.69
CA ALA B 27 2.12 -43.72 10.90
C ALA B 27 0.78 -44.19 11.42
N LEU B 28 0.19 -43.47 12.38
CA LEU B 28 -1.12 -43.84 12.89
C LEU B 28 -2.14 -43.89 11.76
N ILE B 29 -2.15 -42.88 10.90
CA ILE B 29 -3.10 -42.84 9.79
C ILE B 29 -2.88 -44.03 8.87
N LEU B 30 -1.65 -44.21 8.40
CA LEU B 30 -1.36 -45.33 7.50
C LEU B 30 -1.67 -46.66 8.19
N GLN B 31 -1.36 -46.76 9.48
CA GLN B 31 -1.65 -47.99 10.21
C GLN B 31 -3.16 -48.24 10.29
N SER B 32 -3.95 -47.17 10.47
CA SER B 32 -5.40 -47.33 10.52
C SER B 32 -5.99 -47.67 9.16
N LEU B 33 -5.26 -47.37 8.07
CA LEU B 33 -5.70 -47.68 6.72
C LEU B 33 -5.00 -48.90 6.14
N ASP B 34 -4.27 -49.66 6.96
CA ASP B 34 -3.62 -50.89 6.52
C ASP B 34 -2.67 -50.64 5.35
N VAL B 35 -1.82 -49.63 5.52
CA VAL B 35 -0.80 -49.27 4.53
C VAL B 35 0.56 -49.54 5.16
N PRO B 36 1.42 -50.37 4.55
CA PRO B 36 2.74 -50.63 5.14
C PRO B 36 3.61 -49.38 5.13
N PHE B 37 4.36 -49.20 6.22
CA PHE B 37 5.22 -48.03 6.37
C PHE B 37 6.47 -48.40 7.15
N GLU B 38 7.42 -47.45 7.19
CA GLU B 38 8.64 -47.60 7.97
CA GLU B 38 8.64 -47.60 7.97
C GLU B 38 9.12 -46.22 8.36
N ILE B 39 9.37 -46.02 9.65
CA ILE B 39 9.84 -44.73 10.17
C ILE B 39 11.35 -44.77 10.28
N ILE B 40 11.99 -43.72 9.75
CA ILE B 40 13.45 -43.58 9.77
C ILE B 40 13.78 -42.37 10.64
N GLU B 41 14.50 -42.61 11.73
CA GLU B 41 14.86 -41.58 12.69
C GLU B 41 16.37 -41.48 12.82
N ALA B 42 16.88 -40.25 12.80
CA ALA B 42 18.32 -40.05 12.88
C ALA B 42 18.86 -40.18 14.30
N SER B 43 18.04 -39.88 15.31
CA SER B 43 18.51 -39.91 16.68
C SER B 43 18.17 -41.28 17.30
N ASN B 44 18.40 -41.40 18.61
CA ASN B 44 18.09 -42.62 19.34
C ASN B 44 16.77 -42.50 20.10
N ARG B 45 15.96 -41.49 19.80
CA ARG B 45 14.72 -41.23 20.51
C ARG B 45 13.65 -40.80 19.53
N VAL B 46 12.40 -40.96 19.94
CA VAL B 46 11.26 -40.50 19.16
C VAL B 46 10.61 -39.33 19.89
N GLY B 47 9.90 -38.50 19.13
CA GLY B 47 9.24 -37.32 19.64
C GLY B 47 9.79 -36.02 19.08
N GLY B 48 11.02 -36.03 18.56
CA GLY B 48 11.61 -34.83 18.01
C GLY B 48 11.50 -33.66 18.95
N ARG B 49 10.77 -32.63 18.55
CA ARG B 49 10.61 -31.43 19.36
C ARG B 49 9.61 -31.61 20.49
N LEU B 50 9.11 -32.84 20.70
CA LEU B 50 8.42 -33.19 21.93
C LEU B 50 9.50 -33.73 22.87
N PHE B 51 10.17 -32.81 23.55
CA PHE B 51 11.36 -33.12 24.35
C PHE B 51 11.11 -32.72 25.80
N THR B 52 11.05 -33.72 26.68
CA THR B 52 10.91 -33.51 28.11
C THR B 52 12.21 -33.88 28.79
N HIS B 53 12.71 -33.00 29.65
CA HIS B 53 13.94 -33.23 30.39
C HIS B 53 13.58 -33.54 31.85
N LYS B 54 14.04 -34.69 32.32
CA LYS B 54 13.85 -35.12 33.71
C LYS B 54 15.15 -34.90 34.47
N PHE B 55 15.09 -34.09 35.52
CA PHE B 55 16.25 -33.92 36.38
C PHE B 55 16.47 -35.19 37.18
N PRO B 56 17.64 -35.82 37.12
CA PRO B 56 17.83 -37.08 37.84
C PRO B 56 17.78 -36.93 39.36
N ASN B 57 18.02 -35.72 39.88
CA ASN B 57 18.02 -35.47 41.31
C ASN B 57 16.67 -34.92 41.79
N GLY B 58 15.60 -35.16 41.04
CA GLY B 58 14.30 -34.61 41.36
C GLY B 58 13.26 -35.70 41.62
N GLY B 59 12.05 -35.23 41.89
CA GLY B 59 10.94 -36.09 42.22
C GLY B 59 10.09 -36.42 41.00
N LYS B 60 8.85 -36.85 41.28
CA LYS B 60 7.97 -37.30 40.20
C LYS B 60 7.72 -36.19 39.19
N TYR B 61 7.50 -34.96 39.66
CA TYR B 61 7.15 -33.83 38.80
C TYR B 61 8.29 -32.83 38.66
N ASP B 62 9.54 -33.27 38.85
CA ASP B 62 10.69 -32.40 38.66
C ASP B 62 11.27 -32.62 37.25
N TYR B 63 10.47 -32.23 36.27
CA TYR B 63 10.84 -32.23 34.87
C TYR B 63 10.38 -30.91 34.27
N TYR B 64 10.70 -30.70 33.01
CA TYR B 64 10.16 -29.55 32.29
C TYR B 64 10.29 -29.83 30.80
N ASP B 65 9.35 -29.28 30.03
CA ASP B 65 9.27 -29.53 28.60
C ASP B 65 10.18 -28.55 27.87
N VAL B 66 11.23 -29.10 27.24
CA VAL B 66 12.16 -28.26 26.47
C VAL B 66 11.49 -27.75 25.20
N GLY B 67 10.56 -28.53 24.66
CA GLY B 67 9.79 -28.11 23.50
C GLY B 67 8.34 -27.86 23.85
N ALA B 68 7.44 -28.68 23.31
CA ALA B 68 6.01 -28.47 23.52
C ALA B 68 5.64 -28.72 24.98
N MET B 69 4.74 -27.90 25.51
CA MET B 69 4.37 -27.99 26.91
C MET B 69 2.92 -27.63 27.18
N ARG B 70 2.30 -26.84 26.30
CA ARG B 70 0.95 -26.35 26.52
C ARG B 70 0.13 -26.49 25.24
N TYR B 71 -1.15 -26.79 25.41
CA TYR B 71 -2.03 -27.05 24.28
C TYR B 71 -3.36 -26.35 24.46
N PRO B 72 -3.65 -25.29 23.68
CA PRO B 72 -4.96 -24.61 23.79
C PRO B 72 -6.07 -25.39 23.08
N LEU B 73 -6.54 -26.43 23.76
CA LEU B 73 -7.51 -27.32 23.15
C LEU B 73 -8.92 -26.75 23.29
N PRO B 74 -9.83 -27.12 22.38
CA PRO B 74 -11.23 -26.73 22.55
C PRO B 74 -11.85 -27.48 23.72
N LYS B 75 -12.99 -26.95 24.18
CA LYS B 75 -13.69 -27.57 25.29
C LYS B 75 -14.09 -29.00 24.93
N SER B 76 -14.12 -29.87 25.93
CA SER B 76 -14.41 -31.28 25.72
C SER B 76 -15.33 -31.79 26.82
N ASP B 77 -16.03 -32.88 26.50
CA ASP B 77 -16.89 -33.55 27.46
C ASP B 77 -16.05 -34.50 28.31
N ASP B 78 -16.70 -35.31 29.13
CA ASP B 78 -16.01 -36.26 30.00
C ASP B 78 -15.67 -37.57 29.30
N LYS B 79 -15.88 -37.67 27.99
CA LYS B 79 -15.62 -38.89 27.24
C LYS B 79 -14.68 -38.68 26.07
N GLY B 80 -14.05 -37.51 25.97
CA GLY B 80 -13.02 -37.27 24.98
C GLY B 80 -13.48 -36.69 23.66
N ASN B 81 -14.72 -36.22 23.58
CA ASN B 81 -15.21 -35.58 22.36
C ASN B 81 -14.95 -34.08 22.46
N TYR B 82 -14.30 -33.53 21.45
CA TYR B 82 -13.90 -32.14 21.40
C TYR B 82 -14.77 -31.41 20.39
N GLN B 83 -15.23 -30.22 20.77
CA GLN B 83 -16.01 -29.38 19.88
C GLN B 83 -15.07 -28.78 18.84
N PRO B 84 -15.60 -28.21 17.78
CA PRO B 84 -14.78 -27.59 16.74
C PRO B 84 -13.79 -26.56 17.30
N GLY B 85 -12.68 -26.41 16.59
CA GLY B 85 -11.66 -25.47 17.01
C GLY B 85 -10.36 -25.72 16.30
N VAL B 86 -9.44 -24.77 16.47
CA VAL B 86 -8.14 -24.86 15.82
C VAL B 86 -7.43 -26.14 16.23
N MET B 87 -7.39 -26.42 17.54
CA MET B 87 -6.65 -27.54 18.08
C MET B 87 -7.50 -28.80 18.24
N GLN B 88 -8.63 -28.88 17.53
CA GLN B 88 -9.49 -30.06 17.64
C GLN B 88 -8.74 -31.33 17.26
N ARG B 89 -7.97 -31.28 16.17
CA ARG B 89 -7.25 -32.47 15.72
C ARG B 89 -6.34 -33.01 16.81
N VAL B 90 -5.79 -32.14 17.66
CA VAL B 90 -4.94 -32.61 18.76
C VAL B 90 -5.78 -33.32 19.80
N GLY B 91 -6.90 -32.72 20.19
CA GLY B 91 -7.76 -33.35 21.18
C GLY B 91 -8.21 -34.75 20.76
N GLN B 92 -8.56 -34.90 19.48
CA GLN B 92 -8.97 -36.21 19.00
C GLN B 92 -7.81 -37.21 19.08
N LEU B 93 -6.59 -36.74 18.81
CA LEU B 93 -5.44 -37.63 18.89
C LEU B 93 -5.24 -38.13 20.32
N PHE B 94 -5.43 -37.26 21.31
CA PHE B 94 -5.34 -37.69 22.70
C PHE B 94 -6.41 -38.73 23.02
N THR B 95 -7.64 -38.53 22.54
CA THR B 95 -8.69 -39.50 22.79
C THR B 95 -8.43 -40.80 22.04
N TYR B 96 -8.01 -40.70 20.78
CA TYR B 96 -7.70 -41.89 19.98
C TYR B 96 -6.67 -42.77 20.66
N LEU B 97 -5.81 -42.18 21.49
CA LEU B 97 -4.77 -42.90 22.20
C LEU B 97 -5.13 -43.15 23.66
N GLY B 98 -6.38 -42.87 24.06
CA GLY B 98 -6.78 -43.11 25.43
C GLY B 98 -6.04 -42.26 26.44
N MET B 99 -5.78 -40.99 26.10
CA MET B 99 -5.01 -40.10 26.96
C MET B 99 -5.84 -38.98 27.57
N HIS B 100 -7.16 -38.99 27.38
CA HIS B 100 -7.96 -37.87 27.85
C HIS B 100 -7.82 -37.65 29.35
N LYS B 101 -7.76 -38.73 30.12
CA LYS B 101 -7.62 -38.61 31.57
C LYS B 101 -6.24 -38.11 31.98
N GLN B 102 -5.28 -38.10 31.06
CA GLN B 102 -3.93 -37.61 31.36
C GLN B 102 -3.75 -36.14 31.03
N LEU B 103 -4.73 -35.49 30.42
CA LEU B 103 -4.66 -34.08 30.08
C LEU B 103 -5.02 -33.27 31.32
N ILE B 104 -4.02 -32.77 32.02
CA ILE B 104 -4.21 -32.03 33.27
C ILE B 104 -4.27 -30.54 32.96
N PRO B 105 -4.79 -29.72 33.87
CA PRO B 105 -4.92 -28.29 33.58
C PRO B 105 -3.56 -27.62 33.40
N TYR B 106 -3.49 -26.71 32.43
CA TYR B 106 -2.36 -25.82 32.26
C TYR B 106 -2.81 -24.40 32.58
N TYR B 107 -2.10 -23.75 33.51
CA TYR B 107 -2.47 -22.41 33.97
C TYR B 107 -1.66 -21.39 33.19
N PHE B 108 -2.30 -20.81 32.16
CA PHE B 108 -1.67 -19.74 31.41
C PHE B 108 -1.50 -18.50 32.28
N LYS B 109 -2.46 -18.25 33.15
CA LYS B 109 -2.37 -17.23 34.18
C LYS B 109 -2.26 -17.92 35.53
N SER B 110 -1.67 -17.23 36.50
CA SER B 110 -1.47 -17.82 37.81
C SER B 110 -2.80 -18.26 38.40
N ASN B 111 -2.85 -19.49 38.93
CA ASN B 111 -4.07 -20.00 39.50
C ASN B 111 -4.46 -19.30 40.79
N LYS B 112 -3.55 -18.53 41.40
CA LYS B 112 -3.86 -17.73 42.57
C LYS B 112 -3.51 -16.27 42.32
N SER B 113 -2.42 -15.77 42.94
CA SER B 113 -2.07 -14.37 42.74
C SER B 113 -1.41 -14.17 41.39
N PRO B 114 -1.67 -13.04 40.72
CA PRO B 114 -1.15 -12.84 39.36
C PRO B 114 0.37 -12.88 39.30
N GLY B 115 0.86 -13.20 38.11
CA GLY B 115 2.29 -13.19 37.85
C GLY B 115 2.86 -11.78 37.87
N PHE B 116 4.18 -11.72 37.73
CA PHE B 116 4.91 -10.47 37.83
C PHE B 116 5.20 -9.88 36.45
N GLN B 117 5.27 -8.54 36.41
CA GLN B 117 5.72 -7.80 35.25
C GLN B 117 6.84 -6.86 35.68
N TYR B 118 7.96 -6.89 34.96
CA TYR B 118 9.13 -6.08 35.31
C TYR B 118 9.67 -5.47 34.02
N PHE B 119 9.26 -4.24 33.74
CA PHE B 119 9.69 -3.51 32.55
C PHE B 119 10.18 -2.14 32.94
N ASN B 120 11.28 -1.70 32.33
CA ASN B 120 11.82 -0.37 32.57
C ASN B 120 12.04 -0.15 34.06
N GLY B 121 12.52 -1.16 34.75
CA GLY B 121 12.77 -1.11 36.17
C GLY B 121 11.55 -1.03 37.05
N VAL B 122 10.36 -1.02 36.46
CA VAL B 122 9.11 -0.92 37.22
C VAL B 122 8.52 -2.32 37.37
N ARG B 123 8.30 -2.73 38.60
CA ARG B 123 7.76 -4.05 38.91
C ARG B 123 6.30 -3.92 39.31
N ALA B 124 5.47 -4.81 38.77
CA ALA B 124 4.05 -4.81 39.08
C ALA B 124 3.52 -6.21 38.83
N ARG B 125 2.28 -6.43 39.24
CA ARG B 125 1.61 -7.70 39.00
C ARG B 125 0.62 -7.55 37.85
N ILE B 126 0.40 -8.66 37.13
CA ILE B 126 -0.48 -8.64 35.97
C ILE B 126 -1.88 -8.26 36.41
N GLY B 127 -2.39 -7.16 35.87
CA GLY B 127 -3.72 -6.66 36.17
C GLY B 127 -3.75 -5.32 36.88
N GLU B 128 -2.62 -4.89 37.43
CA GLU B 128 -2.55 -3.61 38.15
C GLU B 128 -2.51 -2.41 37.22
N GLY B 129 -2.56 -2.61 35.91
CA GLY B 129 -2.61 -1.50 34.97
C GLY B 129 -1.47 -0.52 35.11
N SER B 130 -0.27 -1.01 35.33
CA SER B 130 0.89 -0.13 35.43
C SER B 130 1.34 0.31 34.03
N SER B 131 1.83 1.55 33.95
CA SER B 131 2.35 2.09 32.70
C SER B 131 3.81 1.74 32.49
N PHE B 132 4.50 1.23 33.51
CA PHE B 132 5.91 0.85 33.41
C PHE B 132 6.75 2.00 32.88
N ASP B 133 6.41 3.22 33.31
CA ASP B 133 7.15 4.43 32.99
C ASP B 133 7.11 4.77 31.50
N ALA B 134 6.08 4.30 30.80
CA ALA B 134 5.99 4.59 29.37
C ALA B 134 6.01 6.09 29.05
N PRO B 135 5.40 6.97 29.85
CA PRO B 135 5.47 8.40 29.51
C PRO B 135 6.87 8.92 29.28
N ALA B 136 7.87 8.39 29.99
CA ALA B 136 9.24 8.81 29.77
C ALA B 136 9.75 8.36 28.40
N LEU B 137 9.07 7.41 27.75
CA LEU B 137 9.42 6.97 26.41
C LEU B 137 8.75 7.81 25.32
N GLY B 138 7.77 8.64 25.67
CA GLY B 138 7.03 9.39 24.69
C GLY B 138 5.69 8.78 24.30
N ILE B 139 5.23 7.77 25.03
CA ILE B 139 3.95 7.14 24.74
C ILE B 139 2.85 7.99 25.35
N ASN B 140 1.97 8.53 24.50
CA ASN B 140 0.88 9.39 24.96
C ASN B 140 0.06 8.72 26.06
N SER B 141 -0.64 9.53 26.85
CA SER B 141 -1.51 8.96 27.90
C SER B 141 -2.68 8.21 27.30
N SER B 142 -3.12 8.60 26.10
CA SER B 142 -4.24 7.90 25.47
C SER B 142 -3.86 6.48 25.08
N LEU B 143 -2.63 6.29 24.58
CA LEU B 143 -2.19 4.94 24.24
C LEU B 143 -2.09 4.06 25.47
N ILE B 144 -1.54 4.59 26.56
CA ILE B 144 -1.38 3.80 27.78
C ILE B 144 -2.74 3.35 28.30
N ASP B 145 -3.75 4.22 28.19
CA ASP B 145 -5.08 3.88 28.68
C ASP B 145 -5.72 2.80 27.80
N ILE B 146 -5.52 2.88 26.49
CA ILE B 146 -6.06 1.85 25.60
C ILE B 146 -5.37 0.52 25.85
N GLY B 147 -4.04 0.51 25.84
CA GLY B 147 -3.28 -0.69 26.14
C GLY B 147 -2.77 -1.38 24.89
N VAL B 148 -1.68 -2.13 25.05
CA VAL B 148 -1.10 -2.83 23.92
C VAL B 148 -2.01 -3.95 23.46
N THR B 149 -2.52 -4.74 24.42
CA THR B 149 -3.41 -5.84 24.07
C THR B 149 -4.61 -5.36 23.26
N LYS B 150 -5.19 -4.24 23.66
CA LYS B 150 -6.39 -3.75 22.97
C LYS B 150 -6.05 -3.20 21.59
N ILE B 151 -4.87 -2.62 21.43
CA ILE B 151 -4.47 -2.08 20.13
C ILE B 151 -4.12 -3.21 19.16
N VAL B 152 -3.29 -4.15 19.60
CA VAL B 152 -2.89 -5.25 18.73
C VAL B 152 -4.10 -6.06 18.30
N ASN B 153 -5.04 -6.31 19.23
CA ASN B 153 -6.24 -7.03 18.87
C ASN B 153 -7.07 -6.26 17.85
N ASP B 154 -7.01 -4.93 17.89
CA ASP B 154 -7.76 -4.13 16.93
C ASP B 154 -7.14 -4.19 15.54
N ALA B 155 -5.82 -4.36 15.44
CA ALA B 155 -5.16 -4.43 14.15
C ALA B 155 -5.23 -5.83 13.56
N VAL B 156 -5.11 -6.86 14.40
CA VAL B 156 -5.15 -8.24 13.92
C VAL B 156 -6.57 -8.78 13.82
N GLY B 157 -7.51 -8.25 14.59
CA GLY B 157 -8.88 -8.72 14.61
C GLY B 157 -9.44 -8.99 13.23
N PRO B 158 -9.48 -7.96 12.38
CA PRO B 158 -10.05 -8.14 11.04
C PRO B 158 -9.47 -9.33 10.28
N PHE B 159 -8.14 -9.41 10.18
CA PHE B 159 -7.52 -10.53 9.50
C PHE B 159 -7.91 -11.85 10.16
N ALA B 160 -7.77 -11.93 11.49
CA ALA B 160 -8.05 -13.18 12.18
C ALA B 160 -9.52 -13.58 12.03
N GLN B 161 -10.43 -12.62 12.12
CA GLN B 161 -11.85 -12.94 11.97
C GLN B 161 -12.14 -13.52 10.59
N ALA B 162 -11.50 -12.97 9.55
CA ALA B 162 -11.71 -13.50 8.21
C ALA B 162 -11.19 -14.92 8.09
N LEU B 163 -10.05 -15.21 8.73
CA LEU B 163 -9.51 -16.57 8.70
C LEU B 163 -10.34 -17.51 9.57
N PHE B 164 -10.82 -17.01 10.71
CA PHE B 164 -11.69 -17.83 11.56
C PHE B 164 -13.00 -18.16 10.85
N ASP B 165 -13.50 -17.26 10.01
CA ASP B 165 -14.69 -17.55 9.22
C ASP B 165 -14.40 -18.60 8.15
N ASP B 166 -13.20 -18.59 7.58
CA ASP B 166 -12.82 -19.63 6.63
C ASP B 166 -12.94 -21.01 7.26
N LEU B 167 -12.55 -21.13 8.54
CA LEU B 167 -12.58 -22.42 9.21
C LEU B 167 -14.01 -22.85 9.51
N GLN B 168 -14.86 -21.90 9.89
CA GLN B 168 -16.26 -22.22 10.19
C GLN B 168 -17.07 -22.41 8.91
N LYS B 169 -17.08 -21.39 8.05
CA LYS B 169 -17.90 -21.42 6.84
C LYS B 169 -17.30 -22.27 5.73
N HIS B 170 -16.11 -22.84 5.93
CA HIS B 170 -15.43 -23.65 4.93
C HIS B 170 -15.24 -22.85 3.63
N THR B 171 -14.42 -21.81 3.75
CA THR B 171 -14.09 -20.96 2.61
C THR B 171 -12.60 -20.66 2.63
N THR B 172 -12.13 -19.99 1.57
CA THR B 172 -10.73 -19.57 1.47
C THR B 172 -10.61 -18.09 1.15
N THR B 173 -11.70 -17.33 1.18
CA THR B 173 -11.62 -15.91 0.89
C THR B 173 -10.78 -15.18 1.94
N GLY B 174 -10.92 -15.55 3.21
CA GLY B 174 -10.11 -14.94 4.25
C GLY B 174 -8.63 -15.14 4.00
N TRP B 175 -8.22 -16.34 3.60
CA TRP B 175 -6.82 -16.59 3.28
C TRP B 175 -6.39 -15.76 2.08
N ASP B 176 -7.26 -15.64 1.08
CA ASP B 176 -6.94 -14.80 -0.08
C ASP B 176 -6.65 -13.38 0.36
N ASP B 177 -7.47 -12.83 1.27
CA ASP B 177 -7.24 -11.47 1.75
C ASP B 177 -5.96 -11.40 2.58
N MET B 178 -5.68 -12.42 3.38
CA MET B 178 -4.44 -12.43 4.16
C MET B 178 -3.23 -12.39 3.24
N MET B 179 -3.28 -13.13 2.14
CA MET B 179 -2.14 -13.16 1.21
C MET B 179 -1.97 -11.84 0.49
N LYS B 180 -3.05 -11.09 0.28
CA LYS B 180 -2.92 -9.76 -0.30
C LYS B 180 -2.08 -8.85 0.58
N ASN B 181 -2.01 -9.13 1.88
CA ASN B 181 -1.25 -8.32 2.82
C ASN B 181 -0.02 -9.04 3.35
N ASP B 182 0.32 -10.21 2.79
CA ASP B 182 1.45 -10.97 3.31
C ASP B 182 2.78 -10.24 3.09
N ALA B 183 2.82 -9.32 2.13
CA ALA B 183 4.03 -8.54 1.89
C ALA B 183 4.36 -7.63 3.07
N TYR B 184 3.44 -7.45 4.00
CA TYR B 184 3.70 -6.63 5.19
C TYR B 184 4.40 -7.45 6.26
N SER B 185 5.40 -6.85 6.88
CA SER B 185 5.76 -7.26 8.23
C SER B 185 4.78 -6.60 9.21
N THR B 186 4.67 -7.17 10.40
CA THR B 186 3.81 -6.56 11.40
C THR B 186 4.22 -5.11 11.65
N ARG B 187 5.53 -4.84 11.61
CA ARG B 187 6.01 -3.48 11.80
C ARG B 187 5.56 -2.57 10.66
N SER B 188 5.84 -2.98 9.42
CA SER B 188 5.50 -2.14 8.28
C SER B 188 3.99 -1.96 8.15
N TYR B 189 3.20 -2.90 8.66
CA TYR B 189 1.75 -2.71 8.65
C TYR B 189 1.34 -1.57 9.58
N PHE B 190 1.93 -1.51 10.78
CA PHE B 190 1.63 -0.38 11.67
C PHE B 190 2.18 0.93 11.12
N SER B 191 3.31 0.88 10.40
CA SER B 191 3.98 2.10 9.97
C SER B 191 3.34 2.71 8.73
N PHE B 192 2.66 1.92 7.91
CA PHE B 192 2.22 2.37 6.59
C PHE B 192 0.75 2.16 6.30
N LYS B 193 0.03 1.32 7.04
CA LYS B 193 -1.33 0.99 6.66
C LYS B 193 -2.30 1.14 7.82
N TYR B 194 -1.97 0.54 8.97
CA TYR B 194 -2.89 0.51 10.10
C TYR B 194 -3.25 1.92 10.55
N LEU B 195 -4.54 2.13 10.83
CA LEU B 195 -5.01 3.34 11.46
C LEU B 195 -5.87 2.93 12.65
N PRO B 196 -5.64 3.49 13.84
CA PRO B 196 -6.38 3.04 15.02
C PRO B 196 -7.88 3.22 14.84
N SER B 197 -8.65 2.33 15.45
CA SER B 197 -10.09 2.44 15.38
C SER B 197 -10.52 3.77 16.00
N PRO B 198 -11.46 4.49 15.37
CA PRO B 198 -11.90 5.77 15.94
C PRO B 198 -12.40 5.66 17.37
N SER B 199 -12.87 4.47 17.79
CA SER B 199 -13.39 4.32 19.15
C SER B 199 -12.30 4.51 20.20
N PHE B 200 -11.03 4.44 19.82
CA PHE B 200 -9.94 4.61 20.77
C PHE B 200 -9.70 6.07 21.12
N GLY B 201 -10.15 7.00 20.29
CA GLY B 201 -9.91 8.42 20.53
C GLY B 201 -8.51 8.88 20.24
N LEU B 202 -7.76 8.13 19.44
CA LEU B 202 -6.39 8.47 19.09
C LEU B 202 -6.37 9.29 17.80
N PRO B 203 -5.23 9.91 17.49
CA PRO B 203 -5.13 10.60 16.20
C PRO B 203 -5.21 9.63 15.03
N SER B 204 -5.82 10.09 13.95
CA SER B 204 -5.96 9.27 12.75
C SER B 204 -4.68 9.27 11.92
N GLU B 205 -3.69 8.56 12.43
CA GLU B 205 -2.41 8.45 11.75
C GLU B 205 -1.72 7.16 12.19
N HIS B 206 -0.83 6.68 11.33
CA HIS B 206 -0.04 5.48 11.62
C HIS B 206 0.83 5.69 12.86
N PHE B 207 1.21 4.57 13.49
CA PHE B 207 2.02 4.64 14.69
C PHE B 207 3.48 4.93 14.34
N SER B 208 4.16 5.59 15.27
CA SER B 208 5.58 5.87 15.12
C SER B 208 6.40 4.66 15.55
N THR B 209 7.70 4.69 15.23
CA THR B 209 8.58 3.60 15.63
C THR B 209 8.57 3.41 17.14
N ARG B 210 8.59 4.52 17.88
CA ARG B 210 8.57 4.43 19.34
C ARG B 210 7.35 3.65 19.83
N VAL B 211 6.18 3.94 19.25
CA VAL B 211 4.97 3.25 19.69
C VAL B 211 5.00 1.79 19.25
N ILE B 212 5.50 1.52 18.04
CA ILE B 212 5.51 0.14 17.54
C ILE B 212 6.40 -0.74 18.42
N ASN B 213 7.62 -0.27 18.70
CA ASN B 213 8.50 -1.02 19.59
C ASN B 213 7.89 -1.17 20.97
N TRP B 214 7.10 -0.19 21.41
CA TRP B 214 6.40 -0.32 22.68
C TRP B 214 5.36 -1.43 22.61
N LEU B 215 4.65 -1.55 21.49
CA LEU B 215 3.71 -2.66 21.32
C LEU B 215 4.46 -3.99 21.32
N GLU B 216 5.55 -4.08 20.56
CA GLU B 216 6.29 -5.33 20.48
C GLU B 216 6.81 -5.74 21.85
N THR B 217 7.25 -4.77 22.65
CA THR B 217 7.85 -5.07 23.94
C THR B 217 6.89 -5.85 24.84
N PHE B 218 5.62 -5.41 24.90
CA PHE B 218 4.65 -6.03 25.78
C PHE B 218 3.78 -7.09 25.10
N ASP B 219 3.70 -7.07 23.77
CA ASP B 219 2.85 -8.03 23.07
C ASP B 219 3.58 -9.35 22.81
N LYS B 220 4.84 -9.27 22.37
CA LYS B 220 5.60 -10.47 22.02
C LYS B 220 7.07 -10.32 22.38
N SER B 221 7.97 -10.67 21.45
CA SER B 221 9.39 -10.69 21.72
C SER B 221 10.12 -9.72 20.81
N THR B 222 11.37 -9.42 21.18
CA THR B 222 12.20 -8.49 20.42
C THR B 222 12.43 -9.02 19.01
N GLY B 223 12.05 -8.23 18.01
CA GLY B 223 12.23 -8.59 16.62
C GLY B 223 11.08 -9.35 15.99
N TRP B 224 10.06 -9.70 16.77
CA TRP B 224 8.91 -10.40 16.19
C TRP B 224 8.29 -9.59 15.06
N TYR B 225 8.06 -8.29 15.30
CA TYR B 225 7.31 -7.48 14.35
C TYR B 225 8.04 -7.29 13.03
N ASP B 226 9.30 -7.67 12.94
CA ASP B 226 10.03 -7.60 11.67
C ASP B 226 9.72 -8.78 10.76
N ARG B 227 9.02 -9.79 11.25
CA ARG B 227 8.64 -10.96 10.47
C ARG B 227 7.20 -10.80 9.98
N GLY B 228 6.75 -11.77 9.18
CA GLY B 228 5.50 -11.66 8.47
C GLY B 228 4.30 -11.29 9.32
N LEU B 229 3.50 -10.33 8.82
CA LEU B 229 2.23 -10.02 9.47
C LEU B 229 1.34 -11.25 9.57
N THR B 230 1.36 -12.10 8.54
CA THR B 230 0.53 -13.30 8.56
C THR B 230 0.82 -14.16 9.78
N GLU B 231 2.10 -14.29 10.15
CA GLU B 231 2.45 -15.13 11.29
C GLU B 231 1.84 -14.58 12.58
N THR B 232 1.85 -13.26 12.75
CA THR B 232 1.25 -12.67 13.93
C THR B 232 -0.25 -12.91 13.98
N VAL B 233 -0.91 -12.91 12.81
CA VAL B 233 -2.34 -13.14 12.77
C VAL B 233 -2.64 -14.60 13.09
N LEU B 234 -1.84 -15.52 12.55
CA LEU B 234 -2.09 -16.95 12.78
C LEU B 234 -1.84 -17.32 14.23
N GLU B 235 -0.79 -16.77 14.85
CA GLU B 235 -0.53 -17.06 16.25
C GLU B 235 -1.61 -16.48 17.16
N ALA B 236 -2.32 -15.44 16.71
CA ALA B 236 -3.45 -14.95 17.47
C ALA B 236 -4.60 -15.94 17.44
N ILE B 237 -4.76 -16.66 16.34
CA ILE B 237 -5.82 -17.66 16.23
C ILE B 237 -5.46 -18.90 17.03
N ALA B 238 -4.19 -19.32 16.99
CA ALA B 238 -3.78 -20.52 17.71
C ALA B 238 -3.93 -20.33 19.21
N PHE B 239 -3.55 -19.16 19.73
CA PHE B 239 -3.70 -18.85 21.14
C PHE B 239 -5.15 -18.64 21.56
N GLY B 240 -6.10 -18.74 20.62
CA GLY B 240 -7.50 -18.57 20.94
C GLY B 240 -7.96 -17.14 21.12
N GLU B 241 -7.21 -16.17 20.62
CA GLU B 241 -7.61 -14.77 20.73
C GLU B 241 -8.74 -14.45 19.76
N VAL B 242 -9.89 -15.10 19.94
CA VAL B 242 -11.03 -14.91 19.05
C VAL B 242 -12.32 -15.06 19.84
N GLU B 246 -14.20 -20.35 23.51
CA GLU B 246 -13.23 -20.27 24.61
C GLU B 246 -12.32 -21.48 24.62
N VAL B 247 -11.07 -21.25 25.02
CA VAL B 247 -10.02 -22.27 25.01
C VAL B 247 -9.87 -22.88 26.39
N ASP B 248 -9.52 -24.17 26.41
CA ASP B 248 -9.30 -24.95 27.63
C ASP B 248 -7.84 -25.40 27.61
N TRP B 249 -6.97 -24.60 28.23
CA TRP B 249 -5.55 -24.92 28.24
C TRP B 249 -5.28 -26.22 28.98
N ARG B 250 -4.45 -27.07 28.38
CA ARG B 250 -4.12 -28.36 28.96
C ARG B 250 -2.65 -28.68 28.69
N CYS B 251 -2.06 -29.45 29.60
CA CYS B 251 -0.75 -30.05 29.38
C CYS B 251 -0.85 -31.53 29.72
N ILE B 252 0.20 -32.27 29.41
CA ILE B 252 0.20 -33.73 29.55
C ILE B 252 0.86 -34.09 30.87
N ASP B 253 0.17 -34.89 31.68
CA ASP B 253 0.72 -35.32 32.96
C ASP B 253 1.96 -36.16 32.75
N GLY B 254 3.10 -35.66 33.21
CA GLY B 254 4.36 -36.34 33.06
C GLY B 254 5.26 -35.79 31.97
N GLY B 255 4.81 -34.77 31.24
CA GLY B 255 5.59 -34.20 30.17
C GLY B 255 5.08 -34.63 28.80
N SER B 256 5.33 -33.77 27.80
CA SER B 256 4.81 -34.03 26.46
C SER B 256 5.39 -35.29 25.83
N HIS B 257 6.49 -35.82 26.38
CA HIS B 257 7.07 -37.05 25.85
C HIS B 257 6.10 -38.21 25.89
N VAL B 258 5.07 -38.15 26.75
CA VAL B 258 4.12 -39.24 26.84
C VAL B 258 3.40 -39.44 25.52
N LEU B 259 3.17 -38.37 24.76
CA LEU B 259 2.45 -38.50 23.49
C LEU B 259 3.22 -39.35 22.49
N PRO B 260 4.46 -39.00 22.11
CA PRO B 260 5.19 -39.87 21.17
C PRO B 260 5.47 -41.26 21.73
N ASP B 261 5.78 -41.37 23.02
CA ASP B 261 6.00 -42.69 23.62
C ASP B 261 4.74 -43.54 23.53
N THR B 262 3.58 -42.95 23.82
CA THR B 262 2.33 -43.70 23.75
C THR B 262 2.03 -44.15 22.32
N ILE B 263 2.34 -43.30 21.33
CA ILE B 263 2.09 -43.67 19.95
C ILE B 263 3.06 -44.76 19.50
N ALA B 264 4.28 -44.75 20.02
CA ALA B 264 5.24 -45.79 19.65
C ALA B 264 4.82 -47.15 20.18
N ALA B 265 4.15 -47.19 21.35
CA ALA B 265 3.64 -48.45 21.86
C ALA B 265 2.43 -48.90 21.05
N PHE B 266 1.54 -47.97 20.70
CA PHE B 266 0.39 -48.33 19.88
C PHE B 266 0.80 -48.96 18.56
N LEU B 267 1.99 -48.61 18.06
CA LEU B 267 2.47 -49.13 16.78
C LEU B 267 3.25 -50.42 16.93
N HIS B 268 3.94 -50.63 18.05
CA HIS B 268 4.71 -51.85 18.23
CA HIS B 268 4.71 -51.85 18.23
C HIS B 268 3.83 -53.07 18.48
N LYS B 269 2.62 -52.87 18.98
CA LYS B 269 1.73 -54.00 19.24
C LYS B 269 1.03 -54.46 17.97
N LYS B 270 0.46 -53.53 17.21
CA LYS B 270 -0.29 -53.84 16.00
C LYS B 270 0.66 -53.75 14.81
N GLY B 271 0.94 -54.90 14.19
CA GLY B 271 1.81 -54.96 13.04
C GLY B 271 3.28 -55.12 13.35
N GLY B 272 3.66 -55.13 14.62
CA GLY B 272 5.06 -55.25 15.00
C GLY B 272 5.81 -53.95 14.84
N ASN B 273 7.05 -53.95 15.33
CA ASN B 273 7.89 -52.76 15.25
C ASN B 273 8.23 -52.44 13.80
N ALA B 274 8.33 -51.14 13.51
CA ALA B 274 8.71 -50.69 12.17
C ALA B 274 9.56 -49.43 12.22
N PHE B 275 10.38 -49.28 13.25
CA PHE B 275 11.22 -48.10 13.43
C PHE B 275 12.66 -48.42 13.03
N VAL B 276 13.31 -47.44 12.40
CA VAL B 276 14.73 -47.52 12.06
C VAL B 276 15.40 -46.34 12.75
N MET B 277 15.94 -46.59 13.94
CA MET B 277 16.56 -45.55 14.75
C MET B 277 18.03 -45.37 14.37
N ASN B 278 18.59 -44.24 14.78
CA ASN B 278 20.02 -43.97 14.58
C ASN B 278 20.41 -44.13 13.11
N ALA B 279 19.61 -43.53 12.23
CA ALA B 279 19.83 -43.60 10.78
C ALA B 279 19.61 -42.21 10.20
N SER B 280 20.70 -41.49 9.94
CA SER B 280 20.61 -40.12 9.43
C SER B 280 20.41 -40.14 7.92
N VAL B 281 19.25 -39.65 7.48
CA VAL B 281 18.98 -39.55 6.05
C VAL B 281 19.98 -38.60 5.41
N THR B 282 20.69 -39.08 4.38
CA THR B 282 21.63 -38.26 3.64
C THR B 282 21.25 -38.05 2.18
N ALA B 283 20.30 -38.82 1.65
CA ALA B 283 19.90 -38.65 0.26
C ALA B 283 18.50 -39.19 0.06
N ILE B 284 17.74 -38.52 -0.81
CA ILE B 284 16.41 -38.94 -1.21
C ILE B 284 16.29 -38.75 -2.72
N GLY B 285 15.58 -39.65 -3.38
CA GLY B 285 15.38 -39.52 -4.81
C GLY B 285 14.91 -40.81 -5.41
N LEU B 286 14.41 -40.69 -6.65
CA LEU B 286 13.98 -41.85 -7.41
C LEU B 286 15.18 -42.72 -7.78
N GLU B 287 14.98 -44.04 -7.75
CA GLU B 287 16.03 -44.94 -8.20
C GLU B 287 16.42 -44.65 -9.64
N ASN B 288 15.44 -44.28 -10.47
CA ASN B 288 15.69 -43.89 -11.85
C ASN B 288 14.69 -42.79 -12.20
N PRO B 289 15.12 -41.53 -12.26
CA PRO B 289 14.15 -40.45 -12.50
C PRO B 289 13.43 -40.54 -13.84
N ASN B 290 13.93 -41.34 -14.78
CA ASN B 290 13.30 -41.43 -16.09
C ASN B 290 12.23 -42.50 -16.17
N LYS B 291 12.40 -43.61 -15.45
CA LYS B 291 11.38 -44.66 -15.45
C LYS B 291 10.12 -44.18 -14.75
N GLU B 292 8.97 -44.47 -15.37
CA GLU B 292 7.71 -43.96 -14.86
C GLU B 292 7.37 -44.54 -13.48
N ASP B 293 7.64 -45.82 -13.27
CA ASP B 293 7.30 -46.50 -12.03
C ASP B 293 8.54 -46.79 -11.19
N SER B 294 9.43 -45.82 -11.09
CA SER B 294 10.63 -45.99 -10.27
C SER B 294 10.28 -45.83 -8.80
N PRO B 295 10.85 -46.65 -7.92
CA PRO B 295 10.63 -46.47 -6.49
C PRO B 295 11.45 -45.32 -5.95
N MET B 296 11.18 -44.97 -4.70
CA MET B 296 11.96 -43.96 -4.00
C MET B 296 13.08 -44.65 -3.21
N VAL B 297 14.26 -44.06 -3.23
CA VAL B 297 15.41 -44.56 -2.50
C VAL B 297 15.76 -43.54 -1.42
N VAL B 298 15.97 -44.02 -0.20
CA VAL B 298 16.32 -43.18 0.94
C VAL B 298 17.62 -43.71 1.52
N VAL B 299 18.70 -42.97 1.32
CA VAL B 299 20.01 -43.32 1.87
C VAL B 299 20.01 -42.87 3.33
N ALA B 300 19.86 -43.82 4.25
CA ALA B 300 19.84 -43.55 5.68
C ALA B 300 20.82 -44.49 6.37
N GLY B 301 21.65 -43.94 7.24
CA GLY B 301 22.65 -44.74 7.92
C GLY B 301 23.62 -45.42 6.98
N GLY B 302 23.85 -44.85 5.80
CA GLY B 302 24.78 -45.41 4.85
C GLY B 302 24.27 -46.59 4.05
N GLN B 303 22.97 -46.85 4.07
CA GLN B 303 22.38 -47.97 3.34
C GLN B 303 21.13 -47.51 2.61
N LYS B 304 21.00 -47.93 1.36
CA LYS B 304 19.85 -47.56 0.55
C LYS B 304 18.62 -48.34 0.99
N ARG B 305 17.46 -47.68 0.96
CA ARG B 305 16.20 -48.29 1.33
C ARG B 305 15.16 -47.88 0.29
N LYS B 306 14.37 -48.84 -0.18
CA LYS B 306 13.39 -48.59 -1.22
C LYS B 306 12.01 -48.40 -0.62
N TYR B 307 11.24 -47.49 -1.21
CA TYR B 307 9.86 -47.26 -0.82
C TYR B 307 9.06 -46.84 -2.05
N SER B 308 7.74 -47.03 -1.97
CA SER B 308 6.86 -46.55 -3.03
C SER B 308 6.65 -45.05 -2.94
N HIS B 309 6.42 -44.53 -1.73
CA HIS B 309 6.29 -43.11 -1.50
C HIS B 309 7.05 -42.75 -0.24
N VAL B 310 7.51 -41.50 -0.17
CA VAL B 310 8.25 -40.99 0.98
C VAL B 310 7.51 -39.77 1.51
N ILE B 311 7.29 -39.76 2.83
CA ILE B 311 6.70 -38.62 3.53
C ILE B 311 7.79 -38.05 4.43
N SER B 312 8.28 -36.87 4.08
CA SER B 312 9.38 -36.24 4.80
C SER B 312 8.82 -35.27 5.83
N THR B 313 9.11 -35.52 7.10
CA THR B 313 8.82 -34.60 8.18
C THR B 313 10.06 -33.83 8.63
N LEU B 314 11.15 -33.93 7.88
CA LEU B 314 12.37 -33.23 8.23
C LEU B 314 12.16 -31.73 8.16
N PRO B 315 12.67 -30.96 9.12
CA PRO B 315 12.59 -29.50 9.01
C PRO B 315 13.25 -29.01 7.74
N LEU B 316 12.74 -27.91 7.19
CA LEU B 316 13.24 -27.42 5.91
C LEU B 316 14.75 -27.20 5.90
N PRO B 317 15.37 -26.60 6.92
CA PRO B 317 16.83 -26.43 6.87
C PRO B 317 17.58 -27.74 6.80
N VAL B 318 16.98 -28.83 7.31
CA VAL B 318 17.65 -30.12 7.27
C VAL B 318 17.65 -30.68 5.85
N LEU B 319 16.55 -30.50 5.12
CA LEU B 319 16.50 -30.93 3.73
C LEU B 319 17.58 -30.25 2.90
N ARG B 320 18.02 -29.06 3.29
CA ARG B 320 19.07 -28.38 2.57
C ARG B 320 20.42 -29.08 2.74
N THR B 321 20.55 -29.96 3.73
CA THR B 321 21.75 -30.77 3.90
C THR B 321 21.61 -32.15 3.27
N VAL B 322 20.43 -32.52 2.79
CA VAL B 322 20.19 -33.81 2.16
C VAL B 322 20.34 -33.65 0.65
N ASP B 323 20.83 -34.69 0.00
CA ASP B 323 21.00 -34.70 -1.45
C ASP B 323 19.67 -35.08 -2.09
N LEU B 324 19.02 -34.11 -2.75
CA LEU B 324 17.72 -34.31 -3.38
C LEU B 324 17.84 -34.27 -4.90
N LYS B 325 19.00 -34.65 -5.43
CA LYS B 325 19.24 -34.61 -6.88
C LYS B 325 18.13 -35.32 -7.64
N ASN B 326 17.92 -36.60 -7.34
CA ASN B 326 16.96 -37.43 -8.07
C ASN B 326 15.54 -37.29 -7.57
N SER B 327 15.27 -36.30 -6.71
CA SER B 327 13.90 -36.00 -6.28
C SER B 327 13.17 -35.06 -7.23
N LYS B 328 13.88 -34.43 -8.17
CA LYS B 328 13.27 -33.61 -9.21
C LYS B 328 12.35 -32.54 -8.61
N LEU B 329 12.94 -31.70 -7.76
CA LEU B 329 12.23 -30.52 -7.27
C LEU B 329 12.27 -29.42 -8.32
N ASP B 330 11.17 -28.67 -8.43
CA ASP B 330 11.15 -27.54 -9.34
C ASP B 330 11.92 -26.37 -8.73
N ILE B 331 12.08 -25.30 -9.51
CA ILE B 331 12.93 -24.21 -9.09
C ILE B 331 12.34 -23.47 -7.89
N VAL B 332 11.01 -23.48 -7.75
CA VAL B 332 10.39 -22.80 -6.61
C VAL B 332 10.57 -23.61 -5.34
N GLN B 333 10.39 -24.93 -5.42
CA GLN B 333 10.62 -25.78 -4.26
C GLN B 333 12.06 -25.68 -3.79
N SER B 334 13.01 -25.66 -4.73
CA SER B 334 14.42 -25.51 -4.36
C SER B 334 14.65 -24.23 -3.56
N ASN B 335 14.06 -23.12 -3.99
CA ASN B 335 14.24 -21.86 -3.27
C ASN B 335 13.43 -21.82 -1.99
N ALA B 336 12.26 -22.47 -1.95
CA ALA B 336 11.45 -22.46 -0.74
C ALA B 336 12.20 -23.08 0.43
N LEU B 337 12.95 -24.15 0.17
CA LEU B 337 13.72 -24.77 1.24
C LEU B 337 14.71 -23.78 1.86
N ARG B 338 15.23 -22.86 1.06
CA ARG B 338 16.22 -21.90 1.53
C ARG B 338 15.58 -20.65 2.12
N LYS B 339 14.58 -20.09 1.43
CA LYS B 339 14.06 -18.78 1.81
C LYS B 339 13.03 -18.88 2.93
N LEU B 340 12.20 -19.92 2.92
CA LEU B 340 11.19 -20.06 3.98
C LEU B 340 11.89 -20.01 5.34
N GLN B 341 11.60 -18.96 6.10
CA GLN B 341 12.41 -18.62 7.27
C GLN B 341 11.95 -19.39 8.50
N TYR B 342 12.91 -19.72 9.35
CA TYR B 342 12.67 -20.33 10.65
C TYR B 342 12.98 -19.31 11.76
N GLY B 343 12.52 -19.63 12.96
CA GLY B 343 12.75 -18.79 14.11
C GLY B 343 13.50 -19.53 15.19
N PRO B 344 14.24 -18.80 16.03
CA PRO B 344 14.96 -19.43 17.13
C PRO B 344 14.12 -19.44 18.41
N SER B 345 14.63 -20.18 19.40
CA SER B 345 14.01 -20.24 20.72
C SER B 345 14.95 -20.98 21.66
N ILE B 346 14.94 -20.55 22.92
CA ILE B 346 15.72 -21.19 23.96
C ILE B 346 14.85 -21.36 25.20
N LYS B 347 15.17 -22.39 26.00
CA LYS B 347 14.54 -22.58 27.29
C LYS B 347 15.60 -22.93 28.31
N ILE B 348 15.43 -22.42 29.53
CA ILE B 348 16.32 -22.71 30.65
C ILE B 348 15.45 -23.19 31.80
N GLY B 349 15.63 -24.46 32.18
CA GLY B 349 14.93 -25.03 33.32
C GLY B 349 15.88 -25.19 34.50
N ILE B 350 15.44 -24.74 35.67
CA ILE B 350 16.22 -24.79 36.89
C ILE B 350 15.44 -25.61 37.91
N LEU B 351 16.13 -26.54 38.58
CA LEU B 351 15.58 -27.32 39.67
C LEU B 351 15.98 -26.67 40.99
N PHE B 352 14.99 -26.36 41.82
CA PHE B 352 15.22 -25.72 43.10
C PHE B 352 14.97 -26.70 44.24
N LYS B 353 15.37 -26.29 45.45
CA LYS B 353 15.13 -27.12 46.63
C LYS B 353 13.66 -27.13 47.02
N GLU B 354 12.93 -26.06 46.71
CA GLU B 354 11.52 -25.95 47.08
C GLU B 354 10.82 -25.10 46.03
N PRO B 355 9.49 -25.21 45.93
CA PRO B 355 8.75 -24.28 45.04
C PRO B 355 8.61 -22.90 45.67
N TRP B 356 9.75 -22.19 45.75
CA TRP B 356 9.76 -20.89 46.43
C TRP B 356 8.76 -19.92 45.82
N TRP B 357 8.53 -20.00 44.51
CA TRP B 357 7.57 -19.11 43.87
C TRP B 357 6.16 -19.29 44.42
N THR B 358 5.85 -20.45 44.97
CA THR B 358 4.53 -20.73 45.51
C THR B 358 4.45 -20.46 47.02
N THR B 359 5.53 -20.73 47.74
CA THR B 359 5.54 -20.66 49.19
C THR B 359 6.44 -19.57 49.75
N GLY B 360 7.34 -19.02 48.95
CA GLY B 360 8.32 -18.07 49.44
C GLY B 360 7.76 -16.67 49.59
N GLN B 361 8.67 -15.75 49.88
CA GLN B 361 8.34 -14.34 50.06
C GLN B 361 9.53 -13.51 49.64
N ASP B 362 9.26 -12.25 49.31
CA ASP B 362 10.29 -11.37 48.76
C ASP B 362 11.13 -10.80 49.91
N LYS B 363 12.02 -9.86 49.58
CA LYS B 363 12.87 -9.25 50.60
C LYS B 363 12.08 -8.43 51.60
N ASN B 364 10.85 -8.05 51.27
CA ASN B 364 10.02 -7.22 52.13
C ASN B 364 8.93 -8.02 52.83
N GLY B 365 8.93 -9.35 52.67
CA GLY B 365 7.99 -10.21 53.36
C GLY B 365 6.74 -10.55 52.59
N GLU B 366 6.47 -9.87 51.47
CA GLU B 366 5.27 -10.15 50.71
C GLU B 366 5.38 -11.50 50.00
N LYS B 367 4.36 -12.34 50.17
CA LYS B 367 4.35 -13.65 49.56
C LYS B 367 4.22 -13.54 48.05
N PHE B 368 4.95 -14.40 47.33
CA PHE B 368 4.76 -14.48 45.89
C PHE B 368 3.38 -15.04 45.55
N ASP B 369 3.04 -16.19 46.14
CA ASP B 369 1.72 -16.80 45.97
C ASP B 369 1.42 -17.06 44.49
N LEU B 370 2.37 -17.67 43.81
CA LEU B 370 2.25 -18.01 42.39
C LEU B 370 2.05 -19.51 42.24
N VAL B 371 1.00 -19.89 41.54
CA VAL B 371 0.73 -21.28 41.19
C VAL B 371 0.51 -21.34 39.69
N GLY B 372 1.43 -21.96 38.97
CA GLY B 372 1.32 -21.92 37.53
C GLY B 372 1.47 -20.49 37.03
N GLY B 373 0.98 -20.28 35.80
CA GLY B 373 1.03 -18.97 35.21
C GLY B 373 2.40 -18.63 34.66
N GLN B 374 2.61 -17.34 34.40
CA GLN B 374 3.85 -16.86 33.81
C GLN B 374 4.14 -15.46 34.33
N SER B 375 5.43 -15.12 34.33
CA SER B 375 5.88 -13.77 34.63
C SER B 375 6.65 -13.24 33.42
N TYR B 376 6.57 -11.92 33.22
CA TYR B 376 7.12 -11.28 32.05
C TYR B 376 8.05 -10.14 32.46
N THR B 377 9.06 -9.91 31.62
CA THR B 377 10.03 -8.86 31.89
C THR B 377 10.73 -8.51 30.58
N ASP B 378 11.35 -7.34 30.56
CA ASP B 378 12.22 -6.95 29.46
C ASP B 378 13.69 -7.31 29.73
N LEU B 379 13.97 -7.96 30.85
CA LEU B 379 15.29 -8.47 31.13
C LEU B 379 15.60 -9.65 30.22
N PRO B 380 16.87 -10.02 30.08
CA PRO B 380 17.22 -11.07 29.11
C PRO B 380 16.39 -12.34 29.19
N ILE B 381 15.88 -12.71 30.37
CA ILE B 381 15.10 -13.94 30.44
C ILE B 381 13.71 -13.78 29.84
N ARG B 382 13.21 -12.55 29.75
CA ARG B 382 11.95 -12.24 29.08
C ARG B 382 10.75 -12.91 29.74
N THR B 383 10.72 -14.23 29.76
CA THR B 383 9.55 -14.98 30.21
C THR B 383 9.96 -15.99 31.28
N VAL B 384 9.12 -16.13 32.30
CA VAL B 384 9.25 -17.16 33.31
C VAL B 384 7.95 -17.94 33.35
N VAL B 385 8.04 -19.27 33.38
CA VAL B 385 6.87 -20.14 33.33
C VAL B 385 6.90 -21.02 34.57
N TYR B 386 5.87 -20.90 35.41
CA TYR B 386 5.81 -21.70 36.62
C TYR B 386 5.05 -23.00 36.35
N PRO B 387 5.48 -24.11 36.94
CA PRO B 387 4.89 -25.41 36.58
C PRO B 387 3.44 -25.51 37.01
N SER B 388 2.58 -25.94 36.07
CA SER B 388 1.21 -26.28 36.39
C SER B 388 1.02 -27.76 36.69
N TYR B 389 1.99 -28.59 36.30
CA TYR B 389 1.93 -30.02 36.58
C TYR B 389 2.45 -30.30 37.99
N GLY B 390 1.85 -31.28 38.65
CA GLY B 390 2.27 -31.67 39.97
C GLY B 390 1.64 -30.90 41.11
N VAL B 391 0.96 -29.78 40.83
CA VAL B 391 0.29 -29.04 41.88
C VAL B 391 -0.82 -29.91 42.46
N ASN B 392 -1.09 -29.72 43.75
CA ASN B 392 -2.09 -30.50 44.47
C ASN B 392 -1.66 -31.96 44.60
N THR B 393 -0.36 -32.19 44.80
CA THR B 393 0.19 -33.53 44.94
C THR B 393 1.07 -33.58 46.18
N ASN B 394 1.33 -34.80 46.65
CA ASN B 394 2.23 -34.97 47.79
C ASN B 394 3.56 -34.30 47.53
N ALA B 395 4.04 -34.36 46.29
CA ALA B 395 5.35 -33.80 45.91
C ALA B 395 5.14 -32.84 44.74
N PRO B 396 4.79 -31.59 45.02
CA PRO B 396 4.69 -30.61 43.95
C PRO B 396 6.04 -30.36 43.29
N SER B 397 6.01 -29.79 42.10
CA SER B 397 7.23 -29.62 41.32
C SER B 397 8.11 -28.53 41.92
N ASN B 398 9.42 -28.79 41.92
CA ASN B 398 10.42 -27.82 42.32
C ASN B 398 11.16 -27.25 41.11
N THR B 399 10.68 -27.52 39.90
CA THR B 399 11.35 -27.12 38.67
C THR B 399 10.69 -25.87 38.10
N LEU B 400 11.52 -24.91 37.70
CA LEU B 400 11.07 -23.65 37.13
C LEU B 400 11.67 -23.47 35.75
N ILE B 401 10.89 -22.92 34.83
CA ILE B 401 11.40 -22.48 33.53
C ILE B 401 11.84 -21.03 33.72
N ALA B 402 13.11 -20.85 34.07
CA ALA B 402 13.62 -19.53 34.40
C ALA B 402 13.75 -18.62 33.17
N SER B 403 13.76 -19.18 31.96
CA SER B 403 13.86 -18.37 30.77
C SER B 403 13.24 -19.10 29.58
N TYR B 404 12.47 -18.36 28.79
CA TYR B 404 11.83 -18.87 27.58
C TYR B 404 11.76 -17.71 26.60
N CYS B 405 12.64 -17.70 25.60
CA CYS B 405 12.82 -16.57 24.71
C CYS B 405 12.46 -16.92 23.27
N TRP B 406 12.21 -15.88 22.48
CA TRP B 406 11.94 -15.99 21.06
CA TRP B 406 11.92 -15.98 21.06
C TRP B 406 12.77 -14.96 20.31
N THR B 407 12.81 -15.13 18.98
CA THR B 407 13.48 -14.19 18.07
C THR B 407 14.79 -13.65 18.63
N ASN B 408 14.97 -12.32 18.67
CA ASN B 408 16.27 -11.77 19.03
C ASN B 408 16.66 -12.15 20.45
N ASP B 409 15.69 -12.18 21.37
CA ASP B 409 16.00 -12.57 22.74
C ASP B 409 16.60 -13.97 22.79
N ALA B 410 16.22 -14.84 21.86
CA ALA B 410 16.78 -16.19 21.84
C ALA B 410 18.14 -16.21 21.17
N GLU B 411 18.33 -15.42 20.11
CA GLU B 411 19.63 -15.37 19.45
C GLU B 411 20.70 -14.93 20.43
N ARG B 412 20.42 -13.88 21.21
CA ARG B 412 21.41 -13.38 22.17
C ARG B 412 21.67 -14.40 23.28
N MET B 413 20.60 -14.86 23.93
CA MET B 413 20.79 -15.81 25.03
C MET B 413 21.44 -17.10 24.53
N GLY B 414 21.14 -17.51 23.30
CA GLY B 414 21.69 -18.75 22.81
C GLY B 414 23.21 -18.78 22.83
N SER B 415 23.83 -17.62 22.62
CA SER B 415 25.29 -17.55 22.61
C SER B 415 25.90 -17.91 23.96
N LEU B 416 25.14 -17.75 25.05
CA LEU B 416 25.59 -18.12 26.38
C LEU B 416 25.26 -19.56 26.74
N ILE B 417 24.61 -20.30 25.83
CA ILE B 417 24.15 -21.66 26.08
C ILE B 417 24.98 -22.63 25.26
N GLY B 418 25.24 -23.81 25.83
CA GLY B 418 25.94 -24.85 25.11
C GLY B 418 27.40 -24.59 24.87
N THR B 419 28.04 -23.72 25.66
CA THR B 419 29.45 -23.44 25.47
C THR B 419 30.32 -24.63 25.86
N GLY B 420 29.82 -25.52 26.71
CA GLY B 420 30.62 -26.61 27.22
C GLY B 420 31.69 -26.21 28.20
N ALA B 421 31.77 -24.92 28.55
CA ALA B 421 32.78 -24.42 29.47
C ALA B 421 32.11 -24.13 30.81
N ALA B 422 32.73 -24.61 31.90
CA ALA B 422 32.17 -24.41 33.22
C ALA B 422 32.06 -22.93 33.58
N THR B 423 33.08 -22.14 33.23
CA THR B 423 33.09 -20.73 33.61
C THR B 423 31.87 -20.00 33.05
N TYR B 424 31.50 -20.27 31.80
CA TYR B 424 30.39 -19.56 31.19
C TYR B 424 29.04 -20.16 31.55
N GLU B 425 28.99 -21.45 31.87
CA GLU B 425 27.74 -22.00 32.40
C GLU B 425 27.38 -21.36 33.74
N GLU B 426 28.38 -20.94 34.52
CA GLU B 426 28.09 -20.24 35.76
C GLU B 426 27.69 -18.79 35.49
N GLN B 427 28.34 -18.14 34.53
CA GLN B 427 27.90 -16.81 34.12
C GLN B 427 26.43 -16.82 33.75
N LEU B 428 26.03 -17.78 32.90
CA LEU B 428 24.63 -17.90 32.51
C LEU B 428 23.75 -18.08 33.73
N GLU B 429 24.15 -18.97 34.64
CA GLU B 429 23.35 -19.21 35.84
C GLU B 429 23.22 -17.94 36.66
N HIS B 430 24.30 -17.18 36.81
CA HIS B 430 24.25 -15.95 37.59
C HIS B 430 23.34 -14.93 36.92
N LEU B 431 23.39 -14.82 35.59
CA LEU B 431 22.52 -13.91 34.88
C LEU B 431 21.05 -14.27 35.07
N VAL B 432 20.74 -15.56 34.94
CA VAL B 432 19.35 -16.00 35.05
C VAL B 432 18.83 -15.76 36.46
N LEU B 433 19.56 -16.23 37.47
CA LEU B 433 19.14 -16.03 38.86
C LEU B 433 19.05 -14.53 39.18
N SER B 434 19.99 -13.74 38.69
CA SER B 434 19.97 -12.31 38.96
C SER B 434 18.72 -11.66 38.37
N ASN B 435 18.34 -12.05 37.15
CA ASN B 435 17.12 -11.52 36.56
C ASN B 435 15.89 -12.00 37.30
N LEU B 436 15.85 -13.29 37.66
CA LEU B 436 14.76 -13.80 38.49
C LEU B 436 14.70 -13.02 39.79
N ALA B 437 15.86 -12.65 40.34
CA ALA B 437 15.88 -11.90 41.60
C ALA B 437 15.25 -10.53 41.43
N ALA B 438 15.51 -9.86 40.30
CA ALA B 438 14.94 -8.54 40.08
C ALA B 438 13.45 -8.62 39.78
N VAL B 439 13.04 -9.60 38.96
CA VAL B 439 11.64 -9.72 38.58
C VAL B 439 10.76 -9.98 39.80
N HIS B 440 11.27 -10.77 40.75
CA HIS B 440 10.48 -11.20 41.91
C HIS B 440 10.77 -10.38 43.17
N ASN B 441 11.75 -9.47 43.12
CA ASN B 441 12.07 -8.61 44.26
C ASN B 441 12.72 -9.39 45.40
N THR B 442 13.67 -10.28 45.08
CA THR B 442 14.40 -11.03 46.07
C THR B 442 15.90 -10.81 45.89
N ASP B 443 16.66 -11.20 46.91
CA ASP B 443 18.11 -11.15 46.81
C ASP B 443 18.61 -12.30 45.93
N TYR B 444 19.71 -12.03 45.22
CA TYR B 444 20.31 -13.08 44.41
C TYR B 444 20.62 -14.32 45.24
N GLN B 445 21.13 -14.13 46.46
CA GLN B 445 21.51 -15.27 47.28
C GLN B 445 20.30 -16.08 47.72
N TYR B 446 19.13 -15.44 47.82
CA TYR B 446 17.92 -16.17 48.19
C TYR B 446 17.63 -17.29 47.19
N LEU B 447 17.85 -17.03 45.90
CA LEU B 447 17.61 -18.05 44.90
C LEU B 447 18.79 -19.01 44.78
N LYS B 448 20.03 -18.48 44.88
CA LYS B 448 21.20 -19.33 44.80
C LYS B 448 21.20 -20.39 45.90
N ASP B 449 20.81 -20.02 47.11
CA ASP B 449 20.78 -20.98 48.20
C ASP B 449 19.79 -22.10 47.94
N ARG B 450 18.85 -21.91 47.03
CA ARG B 450 17.83 -22.92 46.72
C ARG B 450 18.07 -23.62 45.39
N LEU B 451 19.10 -23.24 44.65
CA LEU B 451 19.38 -23.85 43.35
C LEU B 451 20.01 -25.23 43.52
N VAL B 452 19.70 -26.13 42.58
CA VAL B 452 20.18 -27.50 42.63
C VAL B 452 20.80 -27.90 41.30
N ASP B 453 20.09 -27.67 40.21
CA ASP B 453 20.55 -28.07 38.89
C ASP B 453 19.98 -27.14 37.83
N VAL B 454 20.71 -27.01 36.73
CA VAL B 454 20.32 -26.16 35.61
C VAL B 454 20.44 -26.95 34.32
N HIS B 455 19.47 -26.75 33.42
CA HIS B 455 19.47 -27.38 32.11
C HIS B 455 19.00 -26.35 31.09
N SER B 456 19.82 -26.12 30.07
CA SER B 456 19.53 -25.12 29.04
C SER B 456 19.56 -25.79 27.67
N TRP B 457 18.77 -25.23 26.75
CA TRP B 457 18.64 -25.79 25.41
C TRP B 457 18.41 -24.67 24.42
N ASP B 458 19.13 -24.72 23.30
CA ASP B 458 19.06 -23.70 22.25
C ASP B 458 18.69 -24.42 20.96
N TRP B 459 17.42 -24.31 20.55
CA TRP B 459 16.97 -25.00 19.36
C TRP B 459 17.63 -24.48 18.09
N ASN B 460 18.19 -23.27 18.15
CA ASN B 460 18.93 -22.72 17.02
C ASN B 460 20.38 -23.19 16.97
N HIS B 461 20.73 -24.17 17.81
CA HIS B 461 22.06 -24.77 17.83
C HIS B 461 21.94 -26.28 17.95
N ASN B 462 21.01 -26.85 17.18
CA ASN B 462 20.69 -28.28 17.25
C ASN B 462 20.53 -28.83 15.84
N PRO B 463 21.44 -29.70 15.39
CA PRO B 463 21.39 -30.13 13.98
C PRO B 463 20.12 -30.87 13.60
N LEU B 464 19.35 -31.37 14.56
CA LEU B 464 18.13 -32.11 14.23
C LEU B 464 16.94 -31.19 13.99
N THR B 465 17.05 -29.91 14.33
CA THR B 465 15.96 -28.96 14.07
C THR B 465 16.46 -27.75 13.29
N MET B 466 17.70 -27.33 13.56
CA MET B 466 18.30 -26.18 12.89
C MET B 466 17.37 -24.97 12.99
N GLY B 467 16.87 -24.73 14.19
CA GLY B 467 15.88 -23.70 14.44
C GLY B 467 14.79 -24.27 15.34
N ALA B 468 14.06 -23.37 16.01
CA ALA B 468 12.98 -23.82 16.88
C ALA B 468 11.78 -24.31 16.08
N PHE B 469 11.37 -23.53 15.08
CA PHE B 469 10.18 -23.86 14.30
C PHE B 469 10.08 -22.87 13.15
N ALA B 470 9.16 -23.13 12.24
CA ALA B 470 8.89 -22.21 11.16
C ALA B 470 8.41 -20.88 11.71
N PHE B 471 8.93 -19.78 11.14
CA PHE B 471 8.52 -18.42 11.52
C PHE B 471 8.73 -17.56 10.27
N PHE B 472 7.78 -17.67 9.34
CA PHE B 472 7.94 -17.07 8.02
C PHE B 472 8.09 -15.55 8.11
N GLY B 473 8.88 -15.01 7.18
CA GLY B 473 8.97 -13.58 7.01
C GLY B 473 7.97 -13.10 5.98
N PRO B 474 7.92 -11.79 5.74
CA PRO B 474 6.94 -11.25 4.80
C PRO B 474 7.10 -11.87 3.42
N GLY B 475 5.95 -12.22 2.81
CA GLY B 475 5.93 -12.74 1.46
C GLY B 475 6.15 -14.24 1.34
N ASP B 476 6.62 -14.90 2.41
CA ASP B 476 6.90 -16.33 2.32
C ASP B 476 5.62 -17.13 2.07
N PHE B 477 4.55 -16.82 2.79
CA PHE B 477 3.31 -17.58 2.61
C PHE B 477 2.72 -17.40 1.21
N GLN B 478 2.78 -16.18 0.68
CA GLN B 478 2.10 -15.89 -0.58
C GLN B 478 2.91 -16.30 -1.80
N ASP B 479 4.20 -16.60 -1.66
CA ASP B 479 5.07 -16.82 -2.80
C ASP B 479 5.75 -18.19 -2.82
N LEU B 480 6.09 -18.76 -1.66
CA LEU B 480 6.84 -20.00 -1.59
C LEU B 480 6.14 -21.12 -0.84
N TYR B 481 5.17 -20.79 0.02
CA TYR B 481 4.54 -21.83 0.83
C TYR B 481 3.84 -22.86 -0.02
N THR B 482 3.16 -22.43 -1.09
CA THR B 482 2.40 -23.37 -1.90
C THR B 482 3.29 -24.39 -2.61
N SER B 483 4.50 -23.99 -2.99
CA SER B 483 5.35 -24.88 -3.77
C SER B 483 5.65 -26.18 -3.04
N LEU B 484 5.85 -26.11 -1.73
CA LEU B 484 6.18 -27.31 -0.97
C LEU B 484 4.95 -28.12 -0.57
N ASN B 485 3.75 -27.57 -0.75
CA ASN B 485 2.53 -28.32 -0.46
C ASN B 485 2.15 -29.28 -1.59
N ARG B 486 2.81 -29.19 -2.76
CA ARG B 486 2.68 -30.18 -3.81
C ARG B 486 3.90 -31.10 -3.82
N PRO B 487 3.75 -32.34 -4.25
CA PRO B 487 4.83 -33.32 -4.10
C PRO B 487 5.95 -33.11 -5.11
N ALA B 488 7.03 -33.87 -4.91
CA ALA B 488 8.16 -33.92 -5.84
C ALA B 488 8.41 -35.37 -6.22
N ALA B 489 9.47 -35.58 -7.00
CA ALA B 489 9.89 -36.92 -7.41
C ALA B 489 8.74 -37.67 -8.10
N ASN B 490 8.20 -37.05 -9.15
CA ASN B 490 7.10 -37.63 -9.90
C ASN B 490 5.93 -37.96 -8.97
N GLY B 491 5.72 -37.11 -7.96
CA GLY B 491 4.63 -37.29 -7.03
C GLY B 491 4.88 -38.31 -5.95
N LYS B 492 6.09 -38.82 -5.81
CA LYS B 492 6.41 -39.84 -4.83
C LYS B 492 7.12 -39.28 -3.60
N LEU B 493 7.39 -37.98 -3.55
CA LEU B 493 7.99 -37.33 -2.40
C LEU B 493 7.03 -36.28 -1.86
N HIS B 494 6.55 -36.48 -0.64
CA HIS B 494 5.59 -35.59 0.00
C HIS B 494 6.27 -34.87 1.16
N PHE B 495 6.19 -33.55 1.15
CA PHE B 495 6.77 -32.73 2.20
C PHE B 495 5.76 -32.54 3.34
N ALA B 496 6.21 -32.75 4.57
CA ALA B 496 5.38 -32.59 5.74
C ALA B 496 6.23 -32.03 6.87
N GLY B 497 5.61 -31.88 8.04
CA GLY B 497 6.22 -31.19 9.16
C GLY B 497 5.50 -29.89 9.47
N GLU B 498 5.72 -29.41 10.70
CA GLU B 498 5.02 -28.22 11.18
C GLU B 498 5.20 -27.03 10.24
N ALA B 499 6.33 -26.98 9.52
CA ALA B 499 6.54 -25.87 8.59
C ALA B 499 5.49 -25.86 7.48
N LEU B 500 5.05 -27.04 7.05
CA LEU B 500 4.05 -27.15 5.99
C LEU B 500 2.63 -27.08 6.57
N SER B 501 2.33 -25.93 7.16
CA SER B 501 1.01 -25.71 7.75
C SER B 501 0.88 -24.24 8.09
N VAL B 502 -0.34 -23.85 8.51
CA VAL B 502 -0.60 -22.51 8.97
C VAL B 502 -0.69 -22.45 10.50
N ARG B 503 -0.25 -23.49 11.19
CA ARG B 503 -0.14 -23.47 12.64
C ARG B 503 1.30 -23.72 13.06
N HIS B 504 2.22 -22.88 12.58
CA HIS B 504 3.62 -23.02 12.93
C HIS B 504 3.82 -23.00 14.44
N ALA B 505 4.83 -23.74 14.90
CA ALA B 505 5.20 -23.82 16.31
C ALA B 505 4.11 -24.46 17.15
N TRP B 506 3.24 -25.25 16.54
CA TRP B 506 2.20 -25.97 17.25
C TRP B 506 2.18 -27.42 16.78
N VAL B 507 1.80 -28.32 17.69
CA VAL B 507 1.70 -29.72 17.32
C VAL B 507 0.65 -29.92 16.24
N VAL B 508 -0.46 -29.18 16.32
CA VAL B 508 -1.53 -29.33 15.35
C VAL B 508 -1.04 -29.03 13.94
N GLY B 509 -0.04 -28.15 13.81
CA GLY B 509 0.51 -27.88 12.49
C GLY B 509 1.17 -29.10 11.88
N ALA B 510 1.92 -29.84 12.69
CA ALA B 510 2.52 -31.08 12.21
C ALA B 510 1.45 -32.11 11.85
N LEU B 511 0.35 -32.14 12.62
CA LEU B 511 -0.73 -33.06 12.29
C LEU B 511 -1.38 -32.69 10.97
N ASP B 512 -1.62 -31.39 10.75
CA ASP B 512 -2.20 -30.94 9.49
C ASP B 512 -1.30 -31.33 8.32
N SER B 513 0.01 -31.18 8.47
CA SER B 513 0.93 -31.54 7.39
C SER B 513 0.90 -33.04 7.13
N ALA B 514 0.83 -33.85 8.18
CA ALA B 514 0.72 -35.29 7.99
C ALA B 514 -0.60 -35.65 7.31
N TRP B 515 -1.69 -35.01 7.72
CA TRP B 515 -2.98 -35.25 7.07
C TRP B 515 -2.90 -34.97 5.58
N ARG B 516 -2.37 -33.81 5.19
CA ARG B 516 -2.28 -33.46 3.79
C ARG B 516 -1.36 -34.40 3.03
N ALA B 517 -0.27 -34.84 3.67
CA ALA B 517 0.65 -35.75 3.00
C ALA B 517 -0.01 -37.09 2.74
N VAL B 518 -0.73 -37.63 3.73
CA VAL B 518 -1.44 -38.89 3.53
C VAL B 518 -2.56 -38.71 2.52
N TYR B 519 -3.27 -37.60 2.57
CA TYR B 519 -4.35 -37.34 1.63
C TYR B 519 -3.87 -37.44 0.20
N ASN B 520 -2.75 -36.77 -0.11
CA ASN B 520 -2.22 -36.83 -1.47
C ASN B 520 -1.76 -38.24 -1.82
N TYR B 521 -1.19 -38.95 -0.84
CA TYR B 521 -0.74 -40.31 -1.10
C TYR B 521 -1.91 -41.21 -1.47
N LEU B 522 -2.96 -41.23 -0.63
CA LEU B 522 -4.14 -42.03 -0.95
C LEU B 522 -4.78 -41.60 -2.26
N TYR B 523 -4.87 -40.28 -2.49
CA TYR B 523 -5.50 -39.77 -3.70
C TYR B 523 -4.82 -40.32 -4.95
N VAL B 524 -3.51 -40.50 -4.91
CA VAL B 524 -2.75 -40.89 -6.10
C VAL B 524 -2.51 -42.39 -6.20
N THR B 525 -2.74 -43.15 -5.14
CA THR B 525 -2.47 -44.59 -5.17
C THR B 525 -3.70 -45.43 -4.89
N ASP B 526 -4.52 -45.07 -3.90
CA ASP B 526 -5.66 -45.90 -3.49
C ASP B 526 -6.81 -45.00 -3.05
N PRO B 527 -7.45 -44.32 -4.00
CA PRO B 527 -8.56 -43.43 -3.63
C PRO B 527 -9.75 -44.17 -3.02
N ALA B 528 -9.83 -45.49 -3.17
CA ALA B 528 -10.91 -46.23 -2.54
C ALA B 528 -10.93 -46.06 -1.03
N LYS B 529 -9.80 -45.68 -0.43
CA LYS B 529 -9.68 -45.53 1.01
C LYS B 529 -9.98 -44.11 1.48
N LEU B 530 -10.24 -43.18 0.58
CA LEU B 530 -10.51 -41.81 1.00
C LEU B 530 -11.70 -41.70 1.95
N PRO B 531 -12.83 -42.39 1.72
CA PRO B 531 -13.94 -42.28 2.68
C PRO B 531 -13.55 -42.71 4.09
N LYS B 532 -12.82 -43.81 4.23
CA LYS B 532 -12.35 -44.22 5.55
C LYS B 532 -11.36 -43.21 6.12
N PHE B 533 -10.48 -42.67 5.26
CA PHE B 533 -9.56 -41.64 5.69
C PHE B 533 -10.31 -40.42 6.21
N PHE B 534 -11.30 -39.96 5.44
CA PHE B 534 -12.10 -38.81 5.89
C PHE B 534 -12.85 -39.15 7.18
N GLU B 535 -13.40 -40.35 7.27
CA GLU B 535 -14.22 -40.71 8.42
C GLU B 535 -13.40 -40.81 9.70
N LEU B 536 -12.13 -41.24 9.58
CA LEU B 536 -11.30 -41.43 10.77
C LEU B 536 -10.50 -40.19 11.14
N TRP B 537 -10.09 -39.40 10.15
CA TRP B 537 -9.17 -38.30 10.38
C TRP B 537 -9.67 -36.97 9.83
N GLY B 538 -10.90 -36.92 9.35
CA GLY B 538 -11.51 -35.66 8.97
C GLY B 538 -11.53 -35.43 7.47
N LYS B 539 -12.54 -34.68 7.02
CA LYS B 539 -12.69 -34.36 5.62
C LYS B 539 -11.70 -33.30 5.15
N ASN B 540 -11.17 -32.50 6.07
CA ASN B 540 -10.24 -31.44 5.73
C ASN B 540 -9.17 -31.37 6.81
N ALA B 541 -8.01 -30.84 6.44
CA ALA B 541 -6.93 -30.66 7.41
C ALA B 541 -7.34 -29.67 8.49
N GLU B 542 -7.89 -28.54 8.08
CA GLU B 542 -8.11 -27.39 8.96
C GLU B 542 -9.58 -27.04 9.14
N TRP B 543 -10.37 -27.06 8.08
CA TRP B 543 -11.79 -26.70 8.18
C TRP B 543 -12.46 -27.47 9.30
N PHE B 544 -13.21 -26.75 10.12
CA PHE B 544 -13.81 -27.34 11.31
C PHE B 544 -14.79 -28.45 10.97
N GLU B 545 -14.99 -29.34 11.93
CA GLU B 545 -15.95 -30.43 11.84
C GLU B 545 -16.41 -30.76 13.24
N GLN B 546 -17.41 -31.64 13.34
CA GLN B 546 -17.92 -32.08 14.64
C GLN B 546 -17.19 -33.34 15.10
N GLU C 12 -35.72 5.78 23.28
CA GLU C 12 -35.36 7.00 22.57
C GLU C 12 -33.87 7.02 22.27
N ARG C 13 -33.52 6.83 20.99
CA ARG C 13 -32.12 6.78 20.57
C ARG C 13 -32.04 7.19 19.11
N VAL C 14 -31.18 8.17 18.82
CA VAL C 14 -31.04 8.71 17.48
C VAL C 14 -29.94 7.96 16.74
N GLY C 15 -30.21 7.62 15.49
CA GLY C 15 -29.24 6.96 14.65
C GLY C 15 -28.60 7.89 13.64
N ILE C 16 -27.36 8.28 13.86
CA ILE C 16 -26.64 9.15 12.95
C ILE C 16 -25.96 8.28 11.91
N LEU C 17 -26.30 8.49 10.64
CA LEU C 17 -25.72 7.75 9.53
C LEU C 17 -24.58 8.57 8.94
N GLY C 18 -23.36 8.05 9.06
CA GLY C 18 -22.19 8.74 8.54
C GLY C 18 -21.44 9.49 9.62
N ALA C 19 -20.17 9.15 9.82
CA ALA C 19 -19.33 9.80 10.81
C ALA C 19 -18.55 10.98 10.25
N GLY C 20 -19.11 11.69 9.28
CA GLY C 20 -18.49 12.90 8.78
C GLY C 20 -18.64 14.02 9.79
N ILE C 21 -18.18 15.21 9.39
CA ILE C 21 -18.28 16.35 10.29
C ILE C 21 -19.74 16.66 10.58
N GLY C 22 -20.63 16.37 9.63
CA GLY C 22 -22.05 16.56 9.88
C GLY C 22 -22.59 15.59 10.91
N GLY C 23 -22.21 14.32 10.81
CA GLY C 23 -22.66 13.35 11.81
C GLY C 23 -22.03 13.57 13.17
N LEU C 24 -20.75 13.93 13.20
CA LEU C 24 -20.08 14.21 14.47
C LEU C 24 -20.66 15.45 15.13
N TYR C 25 -21.04 16.45 14.34
CA TYR C 25 -21.66 17.65 14.90
C TYR C 25 -23.01 17.31 15.53
N SER C 26 -23.81 16.50 14.84
CA SER C 26 -25.06 16.02 15.43
C SER C 26 -24.78 15.29 16.75
N ALA C 27 -23.69 14.54 16.81
CA ALA C 27 -23.37 13.82 18.04
C ALA C 27 -23.03 14.78 19.17
N LEU C 28 -22.21 15.81 18.88
CA LEU C 28 -21.87 16.79 19.90
C LEU C 28 -23.13 17.43 20.47
N ILE C 29 -24.05 17.84 19.61
CA ILE C 29 -25.28 18.47 20.08
C ILE C 29 -26.07 17.50 20.96
N LEU C 30 -26.36 16.31 20.42
CA LEU C 30 -27.13 15.33 21.20
C LEU C 30 -26.42 14.97 22.49
N GLN C 31 -25.09 14.81 22.45
CA GLN C 31 -24.36 14.47 23.66
C GLN C 31 -24.47 15.58 24.71
N SER C 32 -24.41 16.83 24.28
CA SER C 32 -24.54 17.95 25.21
C SER C 32 -25.96 18.08 25.75
N LEU C 33 -26.95 17.52 25.06
CA LEU C 33 -28.34 17.56 25.48
C LEU C 33 -28.81 16.26 26.10
N ASP C 34 -27.89 15.33 26.39
CA ASP C 34 -28.22 14.08 27.07
C ASP C 34 -29.26 13.29 26.28
N VAL C 35 -29.02 13.15 24.98
CA VAL C 35 -29.87 12.37 24.08
C VAL C 35 -29.06 11.17 23.62
N PRO C 36 -29.53 9.94 23.82
CA PRO C 36 -28.77 8.79 23.35
C PRO C 36 -28.70 8.76 21.83
N PHE C 37 -27.53 8.39 21.32
CA PHE C 37 -27.33 8.33 19.87
C PHE C 37 -26.37 7.19 19.55
N GLU C 38 -26.11 7.02 18.26
CA GLU C 38 -25.18 6.00 17.79
C GLU C 38 -24.82 6.31 16.34
N ILE C 39 -23.53 6.42 16.04
CA ILE C 39 -23.05 6.79 14.71
C ILE C 39 -22.77 5.52 13.93
N ILE C 40 -23.30 5.46 12.71
CA ILE C 40 -23.09 4.32 11.81
C ILE C 40 -22.25 4.80 10.64
N GLU C 41 -21.05 4.24 10.52
CA GLU C 41 -20.08 4.62 9.50
C GLU C 41 -19.74 3.42 8.66
N ALA C 42 -19.71 3.60 7.34
CA ALA C 42 -19.42 2.49 6.44
C ALA C 42 -17.95 2.13 6.40
N SER C 43 -17.07 3.10 6.63
CA SER C 43 -15.63 2.88 6.59
C SER C 43 -15.11 2.60 8.01
N ASN C 44 -13.79 2.53 8.14
CA ASN C 44 -13.14 2.35 9.42
C ASN C 44 -12.60 3.65 9.99
N ARG C 45 -13.01 4.80 9.45
CA ARG C 45 -12.47 6.08 9.85
C ARG C 45 -13.60 7.10 9.96
N VAL C 46 -13.34 8.15 10.74
CA VAL C 46 -14.26 9.27 10.89
C VAL C 46 -13.64 10.50 10.25
N GLY C 47 -14.49 11.44 9.88
CA GLY C 47 -14.08 12.67 9.24
C GLY C 47 -14.59 12.82 7.82
N GLY C 48 -14.95 11.74 7.15
CA GLY C 48 -15.48 11.81 5.81
C GLY C 48 -14.61 12.63 4.87
N ARG C 49 -15.15 13.73 4.37
CA ARG C 49 -14.44 14.58 3.42
C ARG C 49 -13.43 15.49 4.10
N LEU C 50 -13.20 15.36 5.40
CA LEU C 50 -12.02 15.91 6.06
C LEU C 50 -10.97 14.80 6.06
N PHE C 51 -10.24 14.72 4.96
CA PHE C 51 -9.31 13.63 4.69
C PHE C 51 -7.92 14.23 4.52
N THR C 52 -7.03 13.94 5.47
CA THR C 52 -5.65 14.42 5.43
C THR C 52 -4.72 13.25 5.15
N HIS C 53 -3.86 13.41 4.15
CA HIS C 53 -2.89 12.39 3.78
C HIS C 53 -1.49 12.88 4.15
N LYS C 54 -0.79 12.12 4.98
CA LYS C 54 0.59 12.40 5.33
C LYS C 54 1.48 11.40 4.60
N PHE C 55 2.44 11.90 3.84
CA PHE C 55 3.38 11.03 3.15
C PHE C 55 4.27 10.34 4.18
N PRO C 56 4.36 9.00 4.17
CA PRO C 56 5.16 8.32 5.20
C PRO C 56 6.65 8.63 5.15
N ASN C 57 7.17 9.07 4.00
CA ASN C 57 8.58 9.41 3.87
C ASN C 57 8.85 10.89 4.08
N GLY C 58 7.94 11.59 4.77
CA GLY C 58 8.05 13.02 4.95
C GLY C 58 8.17 13.40 6.42
N GLY C 59 8.22 14.71 6.64
CA GLY C 59 8.38 15.27 7.96
C GLY C 59 7.06 15.65 8.62
N LYS C 60 7.18 16.53 9.61
CA LYS C 60 6.01 16.93 10.39
C LYS C 60 4.93 17.53 9.52
N TYR C 61 5.32 18.40 8.57
CA TYR C 61 4.37 19.11 7.74
C TYR C 61 4.37 18.61 6.29
N ASP C 62 4.77 17.37 6.07
CA ASP C 62 4.71 16.77 4.73
C ASP C 62 3.41 15.99 4.60
N TYR C 63 2.31 16.74 4.64
CA TYR C 63 0.98 16.22 4.42
C TYR C 63 0.23 17.21 3.53
N TYR C 64 -1.00 16.87 3.18
CA TYR C 64 -1.88 17.81 2.51
C TYR C 64 -3.31 17.30 2.66
N ASP C 65 -4.25 18.25 2.70
CA ASP C 65 -5.65 17.93 2.92
C ASP C 65 -6.30 17.58 1.59
N VAL C 66 -6.72 16.33 1.46
CA VAL C 66 -7.36 15.88 0.22
C VAL C 66 -8.73 16.52 0.08
N GLY C 67 -9.39 16.81 1.21
CA GLY C 67 -10.66 17.49 1.20
C GLY C 67 -10.56 18.89 1.75
N ALA C 68 -11.20 19.15 2.89
CA ALA C 68 -11.21 20.50 3.45
C ALA C 68 -9.83 20.90 3.94
N MET C 69 -9.44 22.14 3.61
CA MET C 69 -8.14 22.66 4.02
C MET C 69 -8.16 24.10 4.51
N ARG C 70 -9.05 24.96 4.03
CA ARG C 70 -9.04 26.38 4.34
C ARG C 70 -10.41 26.81 4.85
N TYR C 71 -10.41 27.76 5.78
CA TYR C 71 -11.63 28.18 6.45
C TYR C 71 -11.70 29.70 6.56
N PRO C 72 -12.59 30.36 5.81
CA PRO C 72 -12.72 31.83 5.92
C PRO C 72 -13.53 32.26 7.15
N LEU C 73 -12.86 32.24 8.30
CA LEU C 73 -13.55 32.50 9.55
C LEU C 73 -13.64 34.01 9.81
N PRO C 74 -14.63 34.44 10.58
CA PRO C 74 -14.66 35.85 11.02
C PRO C 74 -13.54 36.13 12.00
N LYS C 75 -13.26 37.42 12.18
CA LYS C 75 -12.22 37.81 13.12
C LYS C 75 -12.55 37.33 14.52
N SER C 76 -11.50 37.05 15.30
CA SER C 76 -11.64 36.53 16.65
C SER C 76 -10.59 37.19 17.54
N ASP C 77 -10.71 36.92 18.83
CA ASP C 77 -9.74 37.36 19.83
C ASP C 77 -8.95 36.15 20.34
N ASP C 78 -7.99 36.41 21.22
CA ASP C 78 -7.14 35.35 21.74
C ASP C 78 -7.89 34.37 22.63
N LYS C 79 -9.11 34.70 23.06
CA LYS C 79 -9.89 33.81 23.91
C LYS C 79 -10.76 32.83 23.11
N GLY C 80 -10.81 32.99 21.79
CA GLY C 80 -11.59 32.08 20.97
C GLY C 80 -12.99 32.54 20.65
N ASN C 81 -13.29 33.83 20.82
CA ASN C 81 -14.63 34.37 20.56
C ASN C 81 -14.66 34.97 19.16
N TYR C 82 -15.64 34.56 18.37
CA TYR C 82 -15.79 35.00 16.99
C TYR C 82 -16.97 35.96 16.89
N GLN C 83 -16.79 37.02 16.11
CA GLN C 83 -17.88 37.95 15.82
C GLN C 83 -18.82 37.30 14.80
N PRO C 84 -20.02 37.86 14.63
CA PRO C 84 -20.95 37.29 13.65
C PRO C 84 -20.34 37.17 12.27
N GLY C 85 -20.83 36.21 11.50
CA GLY C 85 -20.32 35.98 10.16
C GLY C 85 -20.80 34.64 9.65
N VAL C 86 -20.55 34.43 8.36
CA VAL C 86 -21.00 33.20 7.71
C VAL C 86 -20.41 31.97 8.41
N MET C 87 -19.10 31.98 8.65
CA MET C 87 -18.40 30.83 9.21
C MET C 87 -18.29 30.88 10.73
N GLN C 88 -19.12 31.68 11.40
CA GLN C 88 -19.03 31.76 12.85
C GLN C 88 -19.27 30.40 13.50
N ARG C 89 -20.26 29.66 13.02
CA ARG C 89 -20.57 28.37 13.61
C ARG C 89 -19.36 27.44 13.58
N VAL C 90 -18.52 27.56 12.55
CA VAL C 90 -17.30 26.75 12.49
C VAL C 90 -16.30 27.24 13.54
N GLY C 91 -16.08 28.56 13.59
CA GLY C 91 -15.17 29.09 14.58
C GLY C 91 -15.55 28.73 16.00
N GLN C 92 -16.84 28.77 16.32
CA GLN C 92 -17.29 28.40 17.65
C GLN C 92 -17.03 26.92 17.92
N LEU C 93 -17.17 26.07 16.89
CA LEU C 93 -16.89 24.65 17.08
C LEU C 93 -15.43 24.41 17.43
N PHE C 94 -14.51 25.15 16.80
CA PHE C 94 -13.11 25.04 17.15
C PHE C 94 -12.88 25.42 18.61
N THR C 95 -13.53 26.49 19.07
CA THR C 95 -13.39 26.90 20.46
C THR C 95 -14.01 25.88 21.41
N TYR C 96 -15.19 25.36 21.07
CA TYR C 96 -15.84 24.37 21.92
C TYR C 96 -14.95 23.16 22.14
N LEU C 97 -14.05 22.87 21.20
CA LEU C 97 -13.15 21.73 21.28
C LEU C 97 -11.74 22.14 21.71
N GLY C 98 -11.54 23.38 22.12
CA GLY C 98 -10.22 23.82 22.55
C GLY C 98 -9.17 23.78 21.47
N MET C 99 -9.53 24.17 20.25
CA MET C 99 -8.63 24.10 19.10
C MET C 99 -8.19 25.48 18.60
N HIS C 100 -8.55 26.56 19.29
CA HIS C 100 -8.26 27.89 18.77
C HIS C 100 -6.76 28.08 18.53
N LYS C 101 -5.93 27.57 19.43
CA LYS C 101 -4.49 27.72 19.27
C LYS C 101 -3.94 26.89 18.12
N GLN C 102 -4.70 25.94 17.58
CA GLN C 102 -4.27 25.12 16.46
C GLN C 102 -4.67 25.69 15.12
N LEU C 103 -5.45 26.78 15.11
CA LEU C 103 -5.87 27.42 13.87
C LEU C 103 -4.74 28.36 13.43
N ILE C 104 -3.92 27.89 12.49
CA ILE C 104 -2.76 28.66 12.04
C ILE C 104 -3.15 29.45 10.79
N PRO C 105 -2.38 30.47 10.42
CA PRO C 105 -2.77 31.29 9.26
C PRO C 105 -2.76 30.48 7.98
N TYR C 106 -3.76 30.75 7.14
CA TYR C 106 -3.81 30.24 5.77
C TYR C 106 -3.63 31.42 4.82
N TYR C 107 -2.65 31.34 3.93
CA TYR C 107 -2.33 32.42 3.01
C TYR C 107 -3.04 32.16 1.69
N PHE C 108 -4.17 32.84 1.50
CA PHE C 108 -4.88 32.74 0.22
C PHE C 108 -4.05 33.35 -0.91
N LYS C 109 -3.31 34.42 -0.60
CA LYS C 109 -2.30 34.98 -1.49
C LYS C 109 -0.92 34.72 -0.90
N SER C 110 0.09 34.68 -1.76
CA SER C 110 1.45 34.43 -1.31
C SER C 110 1.86 35.47 -0.28
N ASN C 111 2.42 35.01 0.83
CA ASN C 111 2.83 35.93 1.89
C ASN C 111 4.02 36.80 1.48
N LYS C 112 4.72 36.46 0.41
CA LYS C 112 5.80 37.29 -0.11
C LYS C 112 5.53 37.65 -1.58
N SER C 113 6.26 37.02 -2.51
CA SER C 113 6.07 37.39 -3.91
C SER C 113 4.78 36.77 -4.44
N PRO C 114 4.06 37.48 -5.32
CA PRO C 114 2.76 36.99 -5.77
C PRO C 114 2.87 35.65 -6.49
N GLY C 115 1.76 34.92 -6.49
CA GLY C 115 1.68 33.68 -7.22
C GLY C 115 1.73 33.91 -8.73
N PHE C 116 1.78 32.82 -9.46
CA PHE C 116 1.92 32.87 -10.92
C PHE C 116 0.57 32.72 -11.59
N GLN C 117 0.46 33.35 -12.76
CA GLN C 117 -0.69 33.18 -13.65
C GLN C 117 -0.15 32.82 -15.03
N TYR C 118 -0.69 31.75 -15.62
CA TYR C 118 -0.22 31.25 -16.91
C TYR C 118 -1.45 30.90 -17.76
N PHE C 119 -1.86 31.84 -18.60
CA PHE C 119 -3.01 31.65 -19.47
C PHE C 119 -2.61 32.01 -20.91
N ASN C 120 -3.07 31.19 -21.86
CA ASN C 120 -2.82 31.43 -23.28
C ASN C 120 -1.32 31.59 -23.54
N GLY C 121 -0.52 30.77 -22.87
CA GLY C 121 0.92 30.83 -23.03
C GLY C 121 1.58 32.07 -22.45
N VAL C 122 0.82 32.97 -21.84
CA VAL C 122 1.36 34.20 -21.26
C VAL C 122 1.52 33.98 -19.76
N ARG C 123 2.74 34.16 -19.27
CA ARG C 123 3.06 33.99 -17.86
C ARG C 123 3.22 35.35 -17.20
N ALA C 124 2.62 35.49 -16.01
CA ALA C 124 2.71 36.73 -15.26
C ALA C 124 2.48 36.40 -13.79
N ARG C 125 2.70 37.40 -12.93
CA ARG C 125 2.44 37.28 -11.51
C ARG C 125 1.13 37.98 -11.17
N ILE C 126 0.46 37.47 -10.13
CA ILE C 126 -0.82 38.05 -9.71
C ILE C 126 -0.58 39.49 -9.30
N GLY C 127 -1.25 40.42 -9.98
CA GLY C 127 -1.13 41.84 -9.71
C GLY C 127 -0.50 42.63 -10.82
N GLU C 128 0.17 41.98 -11.77
CA GLU C 128 0.83 42.67 -12.87
C GLU C 128 -0.14 43.15 -13.95
N GLY C 129 -1.44 42.96 -13.77
CA GLY C 129 -2.40 43.47 -14.74
C GLY C 129 -2.13 43.02 -16.15
N SER C 130 -1.76 41.75 -16.33
CA SER C 130 -1.52 41.21 -17.66
C SER C 130 -2.84 40.93 -18.37
N SER C 131 -2.83 41.11 -19.69
CA SER C 131 -4.00 40.80 -20.51
C SER C 131 -4.05 39.35 -20.94
N PHE C 132 -2.97 38.60 -20.79
CA PHE C 132 -2.92 37.19 -21.14
C PHE C 132 -3.41 36.95 -22.56
N ASP C 133 -3.07 37.87 -23.45
CA ASP C 133 -3.36 37.77 -24.88
C ASP C 133 -4.85 37.81 -25.18
N ALA C 134 -5.64 38.40 -24.28
CA ALA C 134 -7.07 38.48 -24.50
C ALA C 134 -7.45 39.19 -25.80
N PRO C 135 -6.76 40.25 -26.23
CA PRO C 135 -7.14 40.90 -27.49
C PRO C 135 -7.19 39.95 -28.68
N ALA C 136 -6.32 38.93 -28.71
CA ALA C 136 -6.35 37.96 -29.80
C ALA C 136 -7.60 37.10 -29.76
N LEU C 137 -8.30 37.06 -28.64
CA LEU C 137 -9.55 36.32 -28.53
C LEU C 137 -10.77 37.13 -28.94
N GLY C 138 -10.63 38.44 -29.12
CA GLY C 138 -11.75 39.30 -29.44
C GLY C 138 -12.35 40.05 -28.28
N ILE C 139 -11.70 40.07 -27.12
CA ILE C 139 -12.21 40.77 -25.96
C ILE C 139 -11.84 42.24 -26.12
N ASN C 140 -12.85 43.10 -26.27
CA ASN C 140 -12.58 44.52 -26.50
CA ASN C 140 -12.59 44.52 -26.50
C ASN C 140 -11.74 45.10 -25.38
N SER C 141 -10.99 46.16 -25.71
CA SER C 141 -10.07 46.75 -24.75
C SER C 141 -10.79 47.28 -23.52
N SER C 142 -12.04 47.69 -23.66
CA SER C 142 -12.78 48.21 -22.51
C SER C 142 -13.02 47.11 -21.48
N LEU C 143 -13.33 45.90 -21.94
CA LEU C 143 -13.53 44.79 -21.01
C LEU C 143 -12.25 44.44 -20.28
N ILE C 144 -11.12 44.40 -21.01
CA ILE C 144 -9.84 44.04 -20.40
C ILE C 144 -9.45 45.06 -19.34
N ASP C 145 -9.71 46.34 -19.61
CA ASP C 145 -9.33 47.38 -18.66
C ASP C 145 -10.21 47.32 -17.41
N ILE C 146 -11.49 47.02 -17.57
CA ILE C 146 -12.38 46.89 -16.41
C ILE C 146 -11.97 45.69 -15.57
N GLY C 147 -11.79 44.54 -16.19
CA GLY C 147 -11.35 43.34 -15.51
C GLY C 147 -12.47 42.36 -15.26
N VAL C 148 -12.11 41.08 -15.15
CA VAL C 148 -13.10 40.03 -14.94
C VAL C 148 -13.72 40.14 -13.54
N THR C 149 -12.88 40.34 -12.53
CA THR C 149 -13.39 40.44 -11.16
C THR C 149 -14.43 41.55 -11.04
N LYS C 150 -14.17 42.69 -11.66
CA LYS C 150 -15.09 43.82 -11.55
C LYS C 150 -16.39 43.56 -12.32
N ILE C 151 -16.31 42.83 -13.43
CA ILE C 151 -17.51 42.54 -14.21
C ILE C 151 -18.37 41.52 -13.50
N VAL C 152 -17.76 40.41 -13.07
CA VAL C 152 -18.53 39.38 -12.37
C VAL C 152 -19.13 39.93 -11.08
N ASN C 153 -18.37 40.77 -10.38
CA ASN C 153 -18.90 41.38 -9.16
C ASN C 153 -20.09 42.29 -9.46
N ASP C 154 -20.12 42.90 -10.64
CA ASP C 154 -21.23 43.78 -10.98
C ASP C 154 -22.50 42.98 -11.24
N ALA C 155 -22.38 41.76 -11.75
CA ALA C 155 -23.54 40.92 -11.99
C ALA C 155 -23.94 40.17 -10.72
N VAL C 156 -22.96 39.69 -9.96
CA VAL C 156 -23.24 38.93 -8.75
C VAL C 156 -23.45 39.82 -7.54
N GLY C 157 -22.84 41.01 -7.52
CA GLY C 157 -22.94 41.91 -6.40
C GLY C 157 -24.35 42.07 -5.86
N PRO C 158 -25.27 42.53 -6.71
CA PRO C 158 -26.64 42.76 -6.25
C PRO C 158 -27.26 41.56 -5.55
N PHE C 159 -27.22 40.37 -6.17
CA PHE C 159 -27.78 39.19 -5.54
C PHE C 159 -27.11 38.91 -4.20
N ALA C 160 -25.77 38.89 -4.19
CA ALA C 160 -25.05 38.53 -2.98
C ALA C 160 -25.32 39.52 -1.86
N GLN C 161 -25.37 40.81 -2.18
CA GLN C 161 -25.65 41.82 -1.15
C GLN C 161 -27.02 41.60 -0.54
N ALA C 162 -28.01 41.23 -1.36
CA ALA C 162 -29.35 40.99 -0.83
C ALA C 162 -29.37 39.81 0.12
N LEU C 163 -28.60 38.77 -0.17
CA LEU C 163 -28.53 37.62 0.73
C LEU C 163 -27.76 37.97 2.00
N PHE C 164 -26.69 38.76 1.85
CA PHE C 164 -25.95 39.18 3.03
C PHE C 164 -26.81 40.04 3.96
N ASP C 165 -27.74 40.81 3.38
CA ASP C 165 -28.67 41.58 4.21
C ASP C 165 -29.64 40.65 4.93
N ASP C 166 -30.05 39.56 4.28
CA ASP C 166 -30.88 38.57 4.96
C ASP C 166 -30.20 38.04 6.21
N LEU C 167 -28.89 37.80 6.15
CA LEU C 167 -28.19 37.24 7.29
C LEU C 167 -28.07 38.23 8.43
N GLN C 168 -27.82 39.50 8.12
CA GLN C 168 -27.70 40.52 9.17
C GLN C 168 -29.07 40.93 9.69
N LYS C 169 -29.94 41.39 8.81
CA LYS C 169 -31.23 41.94 9.20
C LYS C 169 -32.25 40.87 9.55
N HIS C 170 -31.91 39.58 9.41
CA HIS C 170 -32.83 38.49 9.68
C HIS C 170 -34.10 38.63 8.82
N THR C 171 -33.89 38.51 7.52
CA THR C 171 -34.96 38.57 6.54
C THR C 171 -34.75 37.46 5.52
N THR C 172 -35.74 37.31 4.63
CA THR C 172 -35.67 36.31 3.56
C THR C 172 -35.96 36.90 2.19
N THR C 173 -36.08 38.22 2.08
CA THR C 173 -36.37 38.83 0.78
C THR C 173 -35.27 38.56 -0.21
N GLY C 174 -34.01 38.58 0.24
CA GLY C 174 -32.91 38.28 -0.66
C GLY C 174 -33.01 36.88 -1.24
N TRP C 175 -33.33 35.89 -0.41
CA TRP C 175 -33.50 34.53 -0.92
C TRP C 175 -34.69 34.44 -1.86
N ASP C 176 -35.80 35.10 -1.51
CA ASP C 176 -36.94 35.13 -2.41
C ASP C 176 -36.56 35.72 -3.75
N ASP C 177 -35.81 36.82 -3.74
CA ASP C 177 -35.36 37.43 -4.99
C ASP C 177 -34.37 36.53 -5.72
N MET C 178 -33.50 35.85 -4.97
CA MET C 178 -32.58 34.90 -5.60
C MET C 178 -33.33 33.78 -6.30
N MET C 179 -34.39 33.27 -5.66
CA MET C 179 -35.13 32.15 -6.25
C MET C 179 -35.91 32.56 -7.49
N LYS C 180 -36.32 33.83 -7.59
CA LYS C 180 -36.95 34.27 -8.83
C LYS C 180 -36.02 34.15 -10.02
N ASN C 181 -34.71 34.14 -9.78
CA ASN C 181 -33.71 34.04 -10.85
C ASN C 181 -32.99 32.70 -10.83
N ASP C 182 -33.43 31.74 -10.01
CA ASP C 182 -32.71 30.48 -9.89
C ASP C 182 -32.73 29.67 -11.18
N ALA C 183 -33.71 29.90 -12.06
CA ALA C 183 -33.74 29.21 -13.34
C ALA C 183 -32.55 29.58 -14.21
N TYR C 184 -31.81 30.62 -13.86
CA TYR C 184 -30.63 31.01 -14.62
C TYR C 184 -29.42 30.19 -14.20
N SER C 185 -28.67 29.70 -15.19
CA SER C 185 -27.27 29.43 -14.99
C SER C 185 -26.51 30.75 -15.09
N THR C 186 -25.28 30.76 -14.55
CA THR C 186 -24.47 31.97 -14.68
C THR C 186 -24.32 32.37 -16.14
N ARG C 187 -24.20 31.39 -17.03
CA ARG C 187 -24.06 31.70 -18.44
C ARG C 187 -25.31 32.34 -19.00
N SER C 188 -26.48 31.72 -18.79
CA SER C 188 -27.71 32.27 -19.35
C SER C 188 -28.03 33.63 -18.75
N TYR C 189 -27.58 33.90 -17.53
CA TYR C 189 -27.79 35.22 -16.94
C TYR C 189 -26.98 36.28 -17.69
N PHE C 190 -25.72 35.97 -18.01
CA PHE C 190 -24.91 36.89 -18.80
C PHE C 190 -25.42 37.00 -20.23
N SER C 191 -25.97 35.91 -20.77
CA SER C 191 -26.36 35.87 -22.18
C SER C 191 -27.72 36.51 -22.43
N PHE C 192 -28.61 36.53 -21.43
CA PHE C 192 -30.00 36.89 -21.68
C PHE C 192 -30.57 37.97 -20.77
N LYS C 193 -29.93 38.31 -19.66
CA LYS C 193 -30.54 39.24 -18.71
C LYS C 193 -29.57 40.36 -18.34
N TYR C 194 -28.34 39.99 -17.96
CA TYR C 194 -27.40 40.97 -17.45
C TYR C 194 -27.17 42.10 -18.44
N LEU C 195 -27.14 43.33 -17.94
CA LEU C 195 -26.76 44.50 -18.70
C LEU C 195 -25.67 45.21 -17.90
N PRO C 196 -24.54 45.56 -18.51
CA PRO C 196 -23.44 46.15 -17.73
C PRO C 196 -23.86 47.46 -17.07
N SER C 197 -23.28 47.72 -15.91
CA SER C 197 -23.55 48.96 -15.22
C SER C 197 -23.13 50.14 -16.09
N PRO C 198 -23.93 51.21 -16.17
CA PRO C 198 -23.54 52.34 -17.02
C PRO C 198 -22.18 52.91 -16.71
N SER C 199 -21.69 52.77 -15.48
CA SER C 199 -20.40 53.35 -15.10
C SER C 199 -19.24 52.70 -15.85
N PHE C 200 -19.44 51.52 -16.44
CA PHE C 200 -18.36 50.84 -17.13
C PHE C 200 -18.06 51.44 -18.50
N GLY C 201 -19.00 52.19 -19.08
CA GLY C 201 -18.78 52.74 -20.40
C GLY C 201 -18.88 51.73 -21.51
N LEU C 202 -19.50 50.59 -21.26
CA LEU C 202 -19.70 49.56 -22.26
C LEU C 202 -21.06 49.73 -22.92
N PRO C 203 -21.30 49.05 -24.04
CA PRO C 203 -22.64 49.08 -24.63
C PRO C 203 -23.63 48.37 -23.72
N SER C 204 -24.85 48.90 -23.67
CA SER C 204 -25.91 48.31 -22.85
C SER C 204 -26.49 47.11 -23.61
N GLU C 205 -25.76 46.00 -23.57
CA GLU C 205 -26.19 44.79 -24.24
C GLU C 205 -25.59 43.58 -23.52
N HIS C 206 -26.26 42.44 -23.68
CA HIS C 206 -25.80 41.21 -23.06
C HIS C 206 -24.44 40.79 -23.62
N PHE C 207 -23.72 40.00 -22.83
CA PHE C 207 -22.40 39.52 -23.24
C PHE C 207 -22.53 38.35 -24.21
N SER C 208 -21.54 38.24 -25.09
CA SER C 208 -21.45 37.13 -26.03
C SER C 208 -20.83 35.91 -25.35
N THR C 209 -20.92 34.76 -26.03
CA THR C 209 -20.30 33.55 -25.51
C THR C 209 -18.79 33.73 -25.32
N ARG C 210 -18.14 34.40 -26.26
CA ARG C 210 -16.69 34.61 -26.15
C ARG C 210 -16.35 35.35 -24.86
N VAL C 211 -17.09 36.41 -24.54
CA VAL C 211 -16.80 37.16 -23.33
C VAL C 211 -17.15 36.34 -22.10
N ILE C 212 -18.26 35.60 -22.15
CA ILE C 212 -18.67 34.81 -20.99
C ILE C 212 -17.63 33.73 -20.68
N ASN C 213 -17.22 32.98 -21.71
CA ASN C 213 -16.19 31.98 -21.50
C ASN C 213 -14.89 32.60 -21.01
N TRP C 214 -14.61 33.84 -21.42
CA TRP C 214 -13.43 34.54 -20.93
C TRP C 214 -13.56 34.85 -19.45
N LEU C 215 -14.76 35.22 -18.99
CA LEU C 215 -14.98 35.42 -17.56
C LEU C 215 -14.79 34.12 -16.79
N GLU C 216 -15.36 33.02 -17.29
CA GLU C 216 -15.26 31.74 -16.61
C GLU C 216 -13.81 31.30 -16.44
N THR C 217 -12.99 31.56 -17.45
CA THR C 217 -11.59 31.10 -17.41
C THR C 217 -10.88 31.66 -16.19
N PHE C 218 -11.05 32.95 -15.92
CA PHE C 218 -10.34 33.62 -14.83
C PHE C 218 -11.15 33.68 -13.54
N ASP C 219 -12.47 33.53 -13.61
CA ASP C 219 -13.30 33.62 -12.41
C ASP C 219 -13.45 32.27 -11.71
N LYS C 220 -13.66 31.19 -12.46
CA LYS C 220 -13.92 29.89 -11.85
C LYS C 220 -13.26 28.78 -12.65
N SER C 221 -13.97 27.68 -12.88
CA SER C 221 -13.45 26.49 -13.54
C SER C 221 -14.25 26.21 -14.81
N THR C 222 -13.68 25.37 -15.66
CA THR C 222 -14.34 25.04 -16.92
C THR C 222 -15.69 24.38 -16.64
N GLY C 223 -16.76 24.98 -17.17
CA GLY C 223 -18.10 24.47 -16.99
C GLY C 223 -18.82 25.01 -15.78
N TRP C 224 -18.15 25.81 -14.94
CA TRP C 224 -18.81 26.38 -13.77
C TRP C 224 -20.06 27.16 -14.16
N TYR C 225 -19.94 28.03 -15.17
CA TYR C 225 -21.03 28.93 -15.51
C TYR C 225 -22.25 28.22 -16.08
N ASP C 226 -22.14 26.94 -16.43
CA ASP C 226 -23.29 26.19 -16.89
C ASP C 226 -24.16 25.68 -15.74
N ARG C 227 -23.72 25.85 -14.50
CA ARG C 227 -24.48 25.47 -13.32
C ARG C 227 -25.19 26.70 -12.75
N GLY C 228 -26.00 26.47 -11.73
CA GLY C 228 -26.89 27.49 -11.20
C GLY C 228 -26.25 28.82 -10.88
N LEU C 229 -26.89 29.92 -11.29
CA LEU C 229 -26.45 31.24 -10.86
C LEU C 229 -26.44 31.35 -9.34
N THR C 230 -27.41 30.73 -8.68
CA THR C 230 -27.49 30.81 -7.23
C THR C 230 -26.20 30.30 -6.59
N GLU C 231 -25.61 29.24 -7.15
CA GLU C 231 -24.37 28.71 -6.60
C GLU C 231 -23.23 29.72 -6.71
N THR C 232 -23.17 30.45 -7.83
CA THR C 232 -22.13 31.46 -7.98
C THR C 232 -22.31 32.58 -6.96
N VAL C 233 -23.55 32.93 -6.64
CA VAL C 233 -23.80 33.98 -5.65
C VAL C 233 -23.46 33.50 -4.25
N LEU C 234 -23.83 32.27 -3.93
CA LEU C 234 -23.58 31.75 -2.58
C LEU C 234 -22.10 31.58 -2.31
N GLU C 235 -21.34 31.10 -3.31
CA GLU C 235 -19.91 30.92 -3.14
C GLU C 235 -19.18 32.26 -2.98
N ALA C 236 -19.76 33.35 -3.49
CA ALA C 236 -19.17 34.67 -3.26
C ALA C 236 -19.32 35.10 -1.81
N ILE C 237 -20.42 34.71 -1.17
CA ILE C 237 -20.63 35.05 0.24
C ILE C 237 -19.76 34.17 1.13
N ALA C 238 -19.64 32.89 0.81
CA ALA C 238 -18.82 31.99 1.61
C ALA C 238 -17.36 32.42 1.60
N PHE C 239 -16.84 32.79 0.42
CA PHE C 239 -15.47 33.27 0.31
C PHE C 239 -15.27 34.66 0.90
N GLY C 240 -16.33 35.29 1.41
CA GLY C 240 -16.20 36.61 1.99
C GLY C 240 -16.08 37.73 0.99
N GLU C 241 -16.45 37.50 -0.27
CA GLU C 241 -16.38 38.50 -1.32
C GLU C 241 -17.50 39.54 -1.22
N VAL C 242 -18.14 39.66 -0.05
CA VAL C 242 -19.26 40.58 0.14
C VAL C 242 -19.22 41.10 1.56
N GLY C 243 -19.82 42.27 1.76
CA GLY C 243 -19.86 42.89 3.07
C GLY C 243 -18.53 43.47 3.48
N ASP C 244 -18.55 44.64 4.12
CA ASP C 244 -17.31 45.27 4.58
C ASP C 244 -16.58 44.40 5.60
N GLY C 245 -17.29 43.46 6.24
CA GLY C 245 -16.67 42.56 7.18
C GLY C 245 -15.46 41.87 6.61
N GLU C 246 -14.42 41.71 7.43
CA GLU C 246 -13.14 41.16 6.98
C GLU C 246 -13.02 39.70 7.40
N VAL C 247 -12.42 38.90 6.54
CA VAL C 247 -12.29 37.46 6.74
C VAL C 247 -10.92 37.13 7.29
N ASP C 248 -10.86 36.11 8.14
CA ASP C 248 -9.62 35.62 8.76
C ASP C 248 -9.43 34.18 8.32
N TRP C 249 -8.72 33.98 7.21
CA TRP C 249 -8.49 32.64 6.71
C TRP C 249 -7.67 31.83 7.70
N ARG C 250 -8.10 30.61 7.96
CA ARG C 250 -7.42 29.74 8.91
C ARG C 250 -7.44 28.30 8.40
N CYS C 251 -6.40 27.55 8.78
CA CYS C 251 -6.34 26.12 8.59
C CYS C 251 -5.94 25.49 9.92
N ILE C 252 -6.02 24.16 9.99
CA ILE C 252 -5.80 23.42 11.23
C ILE C 252 -4.38 22.90 11.22
N ASP C 253 -3.65 23.17 12.32
CA ASP C 253 -2.27 22.73 12.43
C ASP C 253 -2.22 21.20 12.40
N GLY C 254 -1.62 20.64 11.35
CA GLY C 254 -1.54 19.21 11.19
C GLY C 254 -2.52 18.63 10.19
N GLY C 255 -3.38 19.44 9.61
CA GLY C 255 -4.37 18.96 8.67
C GLY C 255 -5.76 18.91 9.27
N SER C 256 -6.76 19.01 8.41
CA SER C 256 -8.14 19.06 8.88
C SER C 256 -8.56 17.79 9.61
N HIS C 257 -7.83 16.70 9.45
CA HIS C 257 -8.18 15.47 10.14
C HIS C 257 -8.20 15.64 11.65
N VAL C 258 -7.49 16.65 12.17
CA VAL C 258 -7.47 16.89 13.61
C VAL C 258 -8.88 17.18 14.14
N LEU C 259 -9.72 17.82 13.32
CA LEU C 259 -11.06 18.19 13.79
C LEU C 259 -11.91 16.96 14.11
N PRO C 260 -12.14 16.03 13.16
CA PRO C 260 -12.92 14.84 13.52
C PRO C 260 -12.24 13.98 14.58
N ASP C 261 -10.91 13.86 14.55
CA ASP C 261 -10.22 13.09 15.58
C ASP C 261 -10.45 13.68 16.96
N THR C 262 -10.38 15.01 17.08
CA THR C 262 -10.60 15.64 18.38
C THR C 262 -12.01 15.39 18.89
N ILE C 263 -12.99 15.37 17.97
CA ILE C 263 -14.36 15.12 18.39
C ILE C 263 -14.53 13.67 18.79
N ALA C 264 -13.80 12.76 18.14
CA ALA C 264 -13.88 11.35 18.51
C ALA C 264 -13.30 11.10 19.90
N ALA C 265 -12.29 11.88 20.29
CA ALA C 265 -11.76 11.77 21.64
C ALA C 265 -12.74 12.35 22.66
N PHE C 266 -13.40 13.45 22.30
CA PHE C 266 -14.40 14.05 23.18
C PHE C 266 -15.50 13.05 23.52
N LEU C 267 -16.03 12.37 22.50
CA LEU C 267 -17.10 11.39 22.74
C LEU C 267 -16.57 10.15 23.44
N HIS C 268 -15.32 9.78 23.20
CA HIS C 268 -14.71 8.68 23.95
C HIS C 268 -14.71 8.96 25.44
N LYS C 269 -14.40 10.20 25.81
CA LYS C 269 -14.44 10.62 27.21
C LYS C 269 -15.87 10.92 27.63
N LYS C 270 -16.31 12.16 27.44
CA LYS C 270 -17.66 12.57 27.81
C LYS C 270 -18.70 11.84 26.99
N ASN C 273 -18.56 4.20 24.40
CA ASN C 273 -18.43 4.02 22.96
C ASN C 273 -19.78 4.17 22.28
N ALA C 274 -19.77 4.84 21.11
CA ALA C 274 -20.99 5.06 20.35
C ALA C 274 -20.81 4.88 18.84
N PHE C 275 -19.63 4.46 18.39
CA PHE C 275 -19.39 4.29 16.97
C PHE C 275 -19.71 2.87 16.52
N VAL C 276 -20.29 2.76 15.34
CA VAL C 276 -20.55 1.48 14.69
C VAL C 276 -19.81 1.55 13.35
N MET C 277 -18.58 1.08 13.33
CA MET C 277 -17.73 1.20 12.16
C MET C 277 -17.93 0.01 11.21
N ASN C 278 -17.49 0.20 9.97
CA ASN C 278 -17.53 -0.85 8.95
C ASN C 278 -18.94 -1.41 8.81
N ALA C 279 -19.92 -0.51 8.73
CA ALA C 279 -21.31 -0.89 8.58
C ALA C 279 -21.92 0.03 7.54
N SER C 280 -22.02 -0.45 6.31
CA SER C 280 -22.56 0.34 5.21
C SER C 280 -24.07 0.24 5.23
N VAL C 281 -24.74 1.36 5.49
CA VAL C 281 -26.20 1.38 5.48
C VAL C 281 -26.70 0.99 4.10
N THR C 282 -27.53 -0.04 4.05
CA THR C 282 -28.12 -0.52 2.81
C THR C 282 -29.63 -0.37 2.75
N ALA C 283 -30.29 -0.07 3.86
CA ALA C 283 -31.74 0.11 3.86
C ALA C 283 -32.14 0.95 5.05
N ILE C 284 -33.16 1.79 4.85
CA ILE C 284 -33.73 2.61 5.92
C ILE C 284 -35.24 2.60 5.76
N GLY C 285 -35.94 2.65 6.88
CA GLY C 285 -37.39 2.71 6.86
C GLY C 285 -37.98 2.36 8.20
N LEU C 286 -39.26 2.69 8.35
CA LEU C 286 -39.99 2.35 9.56
C LEU C 286 -40.17 0.84 9.66
N GLU C 287 -40.07 0.31 10.87
CA GLU C 287 -40.36 -1.10 11.10
C GLU C 287 -41.79 -1.44 10.71
N ASN C 288 -42.70 -0.49 10.88
CA ASN C 288 -44.08 -0.67 10.45
C ASN C 288 -44.62 0.66 9.96
N PRO C 289 -44.78 0.86 8.62
CA PRO C 289 -45.22 2.20 8.18
C PRO C 289 -46.59 2.61 8.67
N ASN C 290 -47.39 1.66 9.18
CA ASN C 290 -48.76 1.98 9.60
C ASN C 290 -48.85 2.42 11.05
N LYS C 291 -47.99 1.90 11.93
CA LYS C 291 -48.01 2.32 13.33
C LYS C 291 -47.53 3.75 13.46
N GLU C 292 -48.26 4.54 14.28
CA GLU C 292 -47.94 5.95 14.40
C GLU C 292 -46.58 6.17 15.05
N ASP C 293 -46.25 5.39 16.07
CA ASP C 293 -45.00 5.52 16.79
C ASP C 293 -44.07 4.33 16.52
N SER C 294 -43.97 3.94 15.26
CA SER C 294 -43.07 2.84 14.90
C SER C 294 -41.62 3.33 14.91
N PRO C 295 -40.68 2.52 15.40
CA PRO C 295 -39.28 2.93 15.36
C PRO C 295 -38.72 2.81 13.96
N MET C 296 -37.52 3.36 13.79
CA MET C 296 -36.81 3.28 12.53
C MET C 296 -35.85 2.10 12.55
N VAL C 297 -35.76 1.40 11.42
CA VAL C 297 -34.85 0.27 11.24
C VAL C 297 -33.79 0.68 10.23
N VAL C 298 -32.53 0.44 10.57
CA VAL C 298 -31.40 0.76 9.71
C VAL C 298 -30.61 -0.52 9.52
N VAL C 299 -30.72 -1.11 8.33
CA VAL C 299 -29.95 -2.30 7.99
C VAL C 299 -28.55 -1.81 7.59
N ALA C 300 -27.59 -1.95 8.51
CA ALA C 300 -26.22 -1.51 8.29
C ALA C 300 -25.27 -2.65 8.59
N GLY C 301 -24.32 -2.88 7.69
CA GLY C 301 -23.39 -3.98 7.86
C GLY C 301 -24.08 -5.33 7.91
N GLY C 302 -25.24 -5.45 7.27
CA GLY C 302 -25.96 -6.70 7.23
C GLY C 302 -26.73 -7.05 8.47
N GLN C 303 -26.94 -6.11 9.38
CA GLN C 303 -27.66 -6.36 10.62
C GLN C 303 -28.67 -5.26 10.87
N LYS C 304 -29.88 -5.65 11.28
CA LYS C 304 -30.92 -4.68 11.56
C LYS C 304 -30.66 -3.98 12.88
N ARG C 305 -30.93 -2.67 12.90
CA ARG C 305 -30.75 -1.86 14.10
C ARG C 305 -31.95 -0.94 14.25
N LYS C 306 -32.48 -0.84 15.45
CA LYS C 306 -33.67 -0.03 15.72
C LYS C 306 -33.27 1.32 16.30
N TYR C 307 -34.01 2.35 15.90
CA TYR C 307 -33.86 3.68 16.46
C TYR C 307 -35.23 4.36 16.46
N SER C 308 -35.35 5.37 17.33
CA SER C 308 -36.56 6.19 17.33
C SER C 308 -36.56 7.18 16.18
N HIS C 309 -35.42 7.82 15.94
CA HIS C 309 -35.25 8.75 14.83
C HIS C 309 -33.91 8.50 14.16
N VAL C 310 -33.83 8.83 12.88
CA VAL C 310 -32.63 8.66 12.08
C VAL C 310 -32.24 10.01 11.50
N ILE C 311 -30.97 10.38 11.67
CA ILE C 311 -30.40 11.58 11.07
C ILE C 311 -29.37 11.12 10.04
N SER C 312 -29.69 11.30 8.76
CA SER C 312 -28.84 10.84 7.67
C SER C 312 -27.96 11.98 7.19
N THR C 313 -26.64 11.78 7.30
CA THR C 313 -25.67 12.67 6.69
C THR C 313 -25.08 12.09 5.41
N LEU C 314 -25.66 11.00 4.90
CA LEU C 314 -25.16 10.40 3.68
C LEU C 314 -25.38 11.35 2.50
N PRO C 315 -24.40 11.49 1.60
CA PRO C 315 -24.62 12.29 0.40
C PRO C 315 -25.79 11.78 -0.40
N LEU C 316 -26.48 12.70 -1.08
CA LEU C 316 -27.68 12.33 -1.82
C LEU C 316 -27.44 11.18 -2.80
N PRO C 317 -26.36 11.15 -3.58
CA PRO C 317 -26.16 10.00 -4.47
C PRO C 317 -26.05 8.69 -3.74
N VAL C 318 -25.58 8.71 -2.47
CA VAL C 318 -25.50 7.49 -1.70
C VAL C 318 -26.88 7.03 -1.27
N LEU C 319 -27.74 7.97 -0.87
CA LEU C 319 -29.10 7.61 -0.51
C LEU C 319 -29.82 6.95 -1.67
N ARG C 320 -29.43 7.28 -2.90
CA ARG C 320 -30.02 6.65 -4.07
C ARG C 320 -29.65 5.18 -4.19
N THR C 321 -28.61 4.74 -3.49
CA THR C 321 -28.24 3.34 -3.43
C THR C 321 -28.81 2.63 -2.21
N VAL C 322 -29.45 3.36 -1.32
CA VAL C 322 -30.06 2.79 -0.12
C VAL C 322 -31.53 2.53 -0.42
N ASP C 323 -32.06 1.46 0.16
CA ASP C 323 -33.46 1.10 -0.01
C ASP C 323 -34.30 1.90 0.99
N LEU C 324 -35.08 2.84 0.49
CA LEU C 324 -35.91 3.71 1.33
C LEU C 324 -37.39 3.43 1.17
N LYS C 325 -37.73 2.18 0.84
CA LYS C 325 -39.13 1.81 0.63
C LYS C 325 -40.00 2.25 1.81
N ASN C 326 -39.67 1.78 3.00
CA ASN C 326 -40.49 2.04 4.19
C ASN C 326 -40.18 3.38 4.84
N SER C 327 -39.38 4.23 4.21
CA SER C 327 -39.17 5.59 4.70
C SER C 327 -40.23 6.55 4.18
N LYS C 328 -41.00 6.15 3.17
CA LYS C 328 -42.14 6.89 2.66
C LYS C 328 -41.79 8.35 2.38
N LEU C 329 -40.83 8.53 1.48
CA LEU C 329 -40.53 9.85 0.95
C LEU C 329 -41.61 10.23 -0.05
N ASP C 330 -41.98 11.51 -0.08
CA ASP C 330 -42.96 11.95 -1.05
C ASP C 330 -42.33 12.00 -2.43
N ILE C 331 -43.17 12.28 -3.44
CA ILE C 331 -42.70 12.16 -4.82
C ILE C 331 -41.65 13.22 -5.13
N VAL C 332 -41.69 14.37 -4.45
CA VAL C 332 -40.71 15.42 -4.71
C VAL C 332 -39.38 15.07 -4.05
N GLN C 333 -39.41 14.57 -2.82
CA GLN C 333 -38.18 14.14 -2.17
C GLN C 333 -37.51 13.01 -2.94
N SER C 334 -38.32 12.06 -3.45
CA SER C 334 -37.78 10.98 -4.25
C SER C 334 -37.00 11.50 -5.46
N ASN C 335 -37.57 12.48 -6.16
CA ASN C 335 -36.90 13.02 -7.34
C ASN C 335 -35.73 13.92 -6.97
N ALA C 336 -35.81 14.62 -5.83
CA ALA C 336 -34.73 15.52 -5.44
C ALA C 336 -33.42 14.75 -5.24
N LEU C 337 -33.50 13.53 -4.70
CA LEU C 337 -32.30 12.74 -4.51
C LEU C 337 -31.54 12.53 -5.82
N ARG C 338 -32.27 12.43 -6.93
CA ARG C 338 -31.67 12.14 -8.23
C ARG C 338 -31.23 13.41 -8.95
N LYS C 339 -32.08 14.45 -8.97
CA LYS C 339 -31.82 15.61 -9.80
C LYS C 339 -30.87 16.60 -9.14
N LEU C 340 -30.96 16.78 -7.82
CA LEU C 340 -30.07 17.70 -7.13
C LEU C 340 -28.62 17.36 -7.46
N GLN C 341 -27.96 18.28 -8.16
CA GLN C 341 -26.71 17.95 -8.84
C GLN C 341 -25.52 18.06 -7.90
N TYR C 342 -24.54 17.19 -8.13
CA TYR C 342 -23.26 17.23 -7.45
C TYR C 342 -22.17 17.68 -8.41
N GLY C 343 -21.03 18.08 -7.84
CA GLY C 343 -19.89 18.50 -8.62
C GLY C 343 -18.67 17.65 -8.35
N PRO C 344 -17.77 17.56 -9.32
CA PRO C 344 -16.54 16.78 -9.14
C PRO C 344 -15.40 17.63 -8.61
N SER C 345 -14.32 16.95 -8.23
CA SER C 345 -13.10 17.62 -7.80
C SER C 345 -12.01 16.57 -7.63
N ILE C 346 -10.78 16.97 -7.96
CA ILE C 346 -9.61 16.13 -7.77
C ILE C 346 -8.52 16.98 -7.13
N LYS C 347 -7.64 16.31 -6.40
CA LYS C 347 -6.45 16.94 -5.85
C LYS C 347 -5.25 16.04 -6.07
N ILE C 348 -4.10 16.64 -6.36
CA ILE C 348 -2.85 15.92 -6.53
C ILE C 348 -1.84 16.57 -5.60
N GLY C 349 -1.39 15.82 -4.59
CA GLY C 349 -0.35 16.29 -3.69
C GLY C 349 0.96 15.59 -4.04
N ILE C 350 2.02 16.38 -4.16
CA ILE C 350 3.34 15.88 -4.50
C ILE C 350 4.30 16.26 -3.36
N LEU C 351 5.11 15.29 -2.94
CA LEU C 351 6.16 15.52 -1.96
C LEU C 351 7.48 15.73 -2.71
N PHE C 352 8.12 16.86 -2.45
CA PHE C 352 9.38 17.20 -3.08
C PHE C 352 10.52 17.09 -2.07
N LYS C 353 11.76 17.15 -2.57
CA LYS C 353 12.91 17.13 -1.69
C LYS C 353 13.05 18.46 -0.94
N GLU C 354 12.56 19.55 -1.51
CA GLU C 354 12.68 20.87 -0.90
C GLU C 354 11.48 21.70 -1.32
N PRO C 355 11.18 22.77 -0.58
CA PRO C 355 10.14 23.71 -1.06
C PRO C 355 10.68 24.61 -2.16
N TRP C 356 10.92 24.00 -3.33
CA TRP C 356 11.53 24.73 -4.43
C TRP C 356 10.77 26.00 -4.77
N TRP C 357 9.44 25.99 -4.60
CA TRP C 357 8.65 27.17 -4.88
C TRP C 357 9.01 28.34 -3.98
N THR C 358 9.59 28.08 -2.81
CA THR C 358 9.98 29.14 -1.88
C THR C 358 11.44 29.55 -2.03
N THR C 359 12.33 28.60 -2.32
CA THR C 359 13.76 28.86 -2.32
C THR C 359 14.41 28.73 -3.69
N GLY C 360 13.74 28.10 -4.65
CA GLY C 360 14.33 27.86 -5.95
C GLY C 360 14.27 29.07 -6.86
N GLN C 361 14.63 28.83 -8.12
CA GLN C 361 14.62 29.87 -9.14
C GLN C 361 14.29 29.22 -10.48
N ASP C 362 13.80 30.05 -11.41
CA ASP C 362 13.35 29.56 -12.70
C ASP C 362 14.56 29.37 -13.62
N LYS C 363 14.30 29.08 -14.89
CA LYS C 363 15.38 28.85 -15.84
C LYS C 363 16.23 30.10 -16.07
N ASN C 364 15.71 31.29 -15.72
CA ASN C 364 16.41 32.54 -15.97
C ASN C 364 17.02 33.14 -14.71
N GLY C 365 16.97 32.42 -13.58
CA GLY C 365 17.59 32.85 -12.36
C GLY C 365 16.71 33.61 -11.39
N GLU C 366 15.52 34.04 -11.82
CA GLU C 366 14.62 34.76 -10.91
C GLU C 366 14.03 33.79 -9.90
N LYS C 367 14.14 34.14 -8.62
CA LYS C 367 13.59 33.28 -7.57
C LYS C 367 12.06 33.28 -7.62
N PHE C 368 11.48 32.12 -7.36
CA PHE C 368 10.03 32.03 -7.25
C PHE C 368 9.53 32.82 -6.03
N ASP C 369 10.12 32.55 -4.86
CA ASP C 369 9.81 33.32 -3.65
C ASP C 369 8.32 33.25 -3.31
N LEU C 370 7.78 32.03 -3.32
CA LEU C 370 6.37 31.79 -3.01
C LEU C 370 6.24 31.15 -1.64
N VAL C 371 5.43 31.76 -0.78
CA VAL C 371 5.10 31.23 0.54
C VAL C 371 3.59 31.21 0.65
N GLY C 372 3.01 30.02 0.70
CA GLY C 372 1.57 29.94 0.69
C GLY C 372 1.02 30.49 -0.62
N GLY C 373 -0.25 30.84 -0.59
CA GLY C 373 -0.88 31.41 -1.76
C GLY C 373 -1.25 30.35 -2.78
N GLN C 374 -1.53 30.80 -3.99
CA GLN C 374 -1.95 29.92 -5.07
C GLN C 374 -1.48 30.48 -6.40
N SER C 375 -1.30 29.58 -7.36
CA SER C 375 -1.07 29.94 -8.75
C SER C 375 -2.16 29.33 -9.61
N TYR C 376 -2.51 30.02 -10.70
CA TYR C 376 -3.63 29.64 -11.54
C TYR C 376 -3.17 29.53 -12.99
N THR C 377 -3.82 28.64 -13.74
CA THR C 377 -3.44 28.41 -15.12
C THR C 377 -4.61 27.80 -15.87
N ASP C 378 -4.54 27.87 -17.20
CA ASP C 378 -5.49 27.18 -18.06
C ASP C 378 -4.99 25.81 -18.47
N LEU C 379 -3.83 25.39 -17.98
CA LEU C 379 -3.34 24.04 -18.22
C LEU C 379 -4.17 23.04 -17.41
N PRO C 380 -4.09 21.75 -17.78
CA PRO C 380 -4.95 20.75 -17.12
C PRO C 380 -4.95 20.82 -15.60
N ILE C 381 -3.85 21.24 -14.97
CA ILE C 381 -3.82 21.28 -13.51
C ILE C 381 -4.60 22.47 -12.95
N ARG C 382 -4.81 23.52 -13.75
CA ARG C 382 -5.64 24.66 -13.38
C ARG C 382 -5.12 25.44 -12.17
N THR C 383 -5.04 24.79 -11.00
CA THR C 383 -4.71 25.48 -9.76
C THR C 383 -3.54 24.79 -9.07
N VAL C 384 -2.66 25.59 -8.49
CA VAL C 384 -1.57 25.12 -7.65
C VAL C 384 -1.69 25.83 -6.31
N VAL C 385 -1.58 25.08 -5.23
CA VAL C 385 -1.73 25.60 -3.87
C VAL C 385 -0.46 25.29 -3.09
N TYR C 386 0.23 26.33 -2.64
CA TYR C 386 1.45 26.15 -1.87
C TYR C 386 1.12 26.08 -0.38
N PRO C 387 1.81 25.23 0.38
CA PRO C 387 1.42 25.03 1.78
C PRO C 387 1.61 26.28 2.61
N SER C 388 0.58 26.63 3.37
CA SER C 388 0.67 27.69 4.36
C SER C 388 1.04 27.16 5.74
N TYR C 389 0.87 25.86 5.96
CA TYR C 389 1.27 25.22 7.21
C TYR C 389 2.75 24.88 7.18
N GLY C 390 3.38 24.99 8.35
CA GLY C 390 4.78 24.65 8.50
C GLY C 390 5.75 25.76 8.18
N VAL C 391 5.29 26.85 7.56
CA VAL C 391 6.17 27.98 7.30
C VAL C 391 6.62 28.58 8.63
N ASN C 392 7.84 29.10 8.65
CA ASN C 392 8.42 29.72 9.85
C ASN C 392 8.64 28.67 10.95
N THR C 393 9.01 27.46 10.56
CA THR C 393 9.24 26.38 11.50
C THR C 393 10.57 25.70 11.17
N ASN C 394 11.08 24.93 12.16
CA ASN C 394 12.31 24.18 11.94
C ASN C 394 12.23 23.32 10.69
N ALA C 395 11.05 22.75 10.43
CA ALA C 395 10.83 21.83 9.30
C ALA C 395 9.70 22.35 8.43
N PRO C 396 9.98 23.25 7.48
CA PRO C 396 8.92 23.70 6.57
C PRO C 396 8.43 22.55 5.70
N SER C 397 7.22 22.73 5.17
CA SER C 397 6.59 21.67 4.38
C SER C 397 7.24 21.55 3.01
N ASN C 398 7.44 20.30 2.57
CA ASN C 398 7.90 20.00 1.23
C ASN C 398 6.78 19.48 0.35
N THR C 399 5.53 19.57 0.81
CA THR C 399 4.39 19.03 0.11
C THR C 399 3.66 20.14 -0.64
N LEU C 400 3.33 19.87 -1.90
CA LEU C 400 2.64 20.82 -2.75
C LEU C 400 1.36 20.19 -3.28
N ILE C 401 0.31 20.99 -3.38
CA ILE C 401 -0.92 20.58 -4.08
C ILE C 401 -0.70 20.99 -5.53
N ALA C 402 -0.16 20.06 -6.32
CA ALA C 402 0.22 20.36 -7.70
C ALA C 402 -0.98 20.54 -8.61
N SER C 403 -2.16 20.06 -8.20
CA SER C 403 -3.35 20.21 -9.02
C SER C 403 -4.58 20.18 -8.13
N TYR C 404 -5.50 21.10 -8.40
CA TYR C 404 -6.77 21.17 -7.68
C TYR C 404 -7.80 21.67 -8.69
N CYS C 405 -8.64 20.75 -9.16
CA CYS C 405 -9.56 21.03 -10.26
C CYS C 405 -11.00 20.96 -9.79
N TRP C 406 -11.87 21.59 -10.57
CA TRP C 406 -13.31 21.57 -10.38
CA TRP C 406 -13.31 21.54 -10.37
C TRP C 406 -13.98 21.26 -11.70
N THR C 407 -15.28 20.99 -11.64
CA THR C 407 -16.12 20.76 -12.82
C THR C 407 -15.42 19.97 -13.91
N ASN C 408 -15.41 20.49 -15.15
CA ASN C 408 -14.92 19.70 -16.28
C ASN C 408 -13.43 19.39 -16.13
N ASP C 409 -12.66 20.34 -15.61
CA ASP C 409 -11.24 20.09 -15.42
C ASP C 409 -11.01 18.90 -14.50
N ALA C 410 -11.91 18.66 -13.56
CA ALA C 410 -11.78 17.52 -12.66
C ALA C 410 -12.27 16.24 -13.33
N GLU C 411 -13.34 16.32 -14.11
CA GLU C 411 -13.83 15.14 -14.83
C GLU C 411 -12.74 14.58 -15.74
N ARG C 412 -12.07 15.46 -16.50
CA ARG C 412 -11.04 15.01 -17.41
C ARG C 412 -9.84 14.43 -16.66
N MET C 413 -9.31 15.19 -15.69
CA MET C 413 -8.15 14.71 -14.95
C MET C 413 -8.45 13.40 -14.22
N GLY C 414 -9.70 13.22 -13.77
CA GLY C 414 -10.04 12.03 -13.02
C GLY C 414 -9.73 10.73 -13.74
N SER C 415 -9.83 10.74 -15.07
CA SER C 415 -9.58 9.52 -15.82
C SER C 415 -8.14 9.03 -15.66
N LEU C 416 -7.22 9.92 -15.29
CA LEU C 416 -5.83 9.55 -15.05
C LEU C 416 -5.56 9.20 -13.59
N ILE C 417 -6.56 9.24 -12.72
CA ILE C 417 -6.39 9.00 -11.29
C ILE C 417 -7.03 7.66 -10.94
N GLY C 418 -6.37 6.91 -10.06
CA GLY C 418 -6.95 5.67 -9.58
C GLY C 418 -7.06 4.57 -10.62
N THR C 419 -6.30 4.67 -11.71
CA THR C 419 -6.40 3.67 -12.76
C THR C 419 -5.82 2.32 -12.33
N GLY C 420 -4.90 2.31 -11.37
CA GLY C 420 -4.21 1.10 -10.98
C GLY C 420 -3.21 0.58 -11.97
N ALA C 421 -3.01 1.27 -13.09
CA ALA C 421 -2.09 0.86 -14.14
C ALA C 421 -0.83 1.69 -14.08
N ALA C 422 0.33 1.02 -14.18
CA ALA C 422 1.59 1.73 -14.12
C ALA C 422 1.72 2.75 -15.24
N THR C 423 1.27 2.39 -16.45
CA THR C 423 1.39 3.28 -17.59
C THR C 423 0.69 4.62 -17.32
N TYR C 424 -0.49 4.56 -16.70
CA TYR C 424 -1.28 5.77 -16.50
C TYR C 424 -0.82 6.56 -15.29
N GLU C 425 -0.26 5.89 -14.28
CA GLU C 425 0.37 6.62 -13.18
C GLU C 425 1.57 7.42 -13.65
N GLU C 426 2.24 6.96 -14.73
CA GLU C 426 3.36 7.72 -15.27
C GLU C 426 2.88 8.92 -16.05
N GLN C 427 1.82 8.76 -16.85
CA GLN C 427 1.24 9.89 -17.57
C GLN C 427 0.84 11.00 -16.61
N LEU C 428 0.10 10.67 -15.55
CA LEU C 428 -0.35 11.67 -14.60
C LEU C 428 0.83 12.44 -14.02
N GLU C 429 1.87 11.73 -13.58
CA GLU C 429 3.03 12.41 -13.01
C GLU C 429 3.71 13.30 -14.04
N HIS C 430 3.91 12.78 -15.26
CA HIS C 430 4.58 13.58 -16.29
C HIS C 430 3.74 14.77 -16.69
N LEU C 431 2.43 14.60 -16.81
CA LEU C 431 1.55 15.71 -17.15
C LEU C 431 1.60 16.80 -16.08
N VAL C 432 1.53 16.40 -14.82
CA VAL C 432 1.51 17.38 -13.73
C VAL C 432 2.83 18.14 -13.70
N LEU C 433 3.95 17.42 -13.68
CA LEU C 433 5.25 18.09 -13.67
C LEU C 433 5.42 19.00 -14.88
N SER C 434 4.92 18.57 -16.05
CA SER C 434 5.05 19.39 -17.24
C SER C 434 4.28 20.70 -17.08
N ASN C 435 3.08 20.64 -16.51
CA ASN C 435 2.30 21.86 -16.29
C ASN C 435 2.96 22.74 -15.23
N LEU C 436 3.42 22.14 -14.13
CA LEU C 436 4.17 22.91 -13.14
C LEU C 436 5.38 23.58 -13.77
N ALA C 437 6.03 22.90 -14.72
CA ALA C 437 7.20 23.47 -15.37
C ALA C 437 6.85 24.72 -16.16
N ALA C 438 5.71 24.70 -16.86
CA ALA C 438 5.32 25.85 -17.65
C ALA C 438 4.85 27.01 -16.78
N VAL C 439 4.08 26.70 -15.73
CA VAL C 439 3.52 27.75 -14.89
C VAL C 439 4.64 28.54 -14.21
N HIS C 440 5.71 27.86 -13.81
CA HIS C 440 6.79 28.48 -13.05
C HIS C 440 8.00 28.84 -13.91
N ASN C 441 8.01 28.45 -15.19
CA ASN C 441 9.12 28.77 -16.09
C ASN C 441 10.37 27.98 -15.72
N THR C 442 10.21 26.70 -15.42
CA THR C 442 11.33 25.82 -15.10
C THR C 442 11.29 24.62 -16.05
N ASP C 443 12.41 23.90 -16.11
CA ASP C 443 12.51 22.72 -16.95
CA ASP C 443 12.50 22.73 -16.95
C ASP C 443 11.77 21.56 -16.29
N TYR C 444 11.39 20.58 -17.13
CA TYR C 444 10.74 19.39 -16.61
C TYR C 444 11.68 18.62 -15.67
N GLN C 445 12.95 18.51 -16.04
CA GLN C 445 13.90 17.76 -15.23
C GLN C 445 14.17 18.45 -13.89
N TYR C 446 14.03 19.78 -13.85
CA TYR C 446 14.24 20.48 -12.59
C TYR C 446 13.30 19.98 -11.51
N LEU C 447 12.04 19.73 -11.87
CA LEU C 447 11.07 19.23 -10.90
C LEU C 447 11.16 17.71 -10.73
N LYS C 448 11.39 16.98 -11.83
CA LYS C 448 11.48 15.53 -11.73
C LYS C 448 12.62 15.12 -10.81
N ASP C 449 13.76 15.81 -10.90
CA ASP C 449 14.89 15.49 -10.03
C ASP C 449 14.57 15.72 -8.56
N ARG C 450 13.54 16.51 -8.25
CA ARG C 450 13.18 16.82 -6.88
C ARG C 450 11.94 16.09 -6.40
N LEU C 451 11.32 15.28 -7.25
CA LEU C 451 10.11 14.56 -6.87
C LEU C 451 10.46 13.39 -5.97
N VAL C 452 9.55 13.07 -5.04
CA VAL C 452 9.78 12.02 -4.08
C VAL C 452 8.58 11.06 -4.08
N ASP C 453 7.38 11.62 -3.96
CA ASP C 453 6.17 10.81 -3.89
C ASP C 453 5.01 11.61 -4.44
N VAL C 454 4.01 10.89 -4.97
CA VAL C 454 2.82 11.49 -5.54
C VAL C 454 1.60 10.81 -4.95
N HIS C 455 0.56 11.59 -4.66
CA HIS C 455 -0.71 11.07 -4.15
C HIS C 455 -1.82 11.83 -4.83
N SER C 456 -2.74 11.10 -5.49
CA SER C 456 -3.84 11.69 -6.22
C SER C 456 -5.16 11.15 -5.70
N TRP C 457 -6.21 11.96 -5.82
CA TRP C 457 -7.52 11.59 -5.31
C TRP C 457 -8.60 12.20 -6.19
N ASP C 458 -9.62 11.40 -6.50
CA ASP C 458 -10.73 11.81 -7.34
C ASP C 458 -12.03 11.59 -6.56
N TRP C 459 -12.60 12.68 -6.04
CA TRP C 459 -13.81 12.56 -5.23
C TRP C 459 -15.01 12.10 -6.04
N ASN C 460 -14.98 12.27 -7.36
CA ASN C 460 -16.07 11.79 -8.21
C ASN C 460 -15.93 10.31 -8.54
N HIS C 461 -14.86 9.67 -8.09
CA HIS C 461 -14.65 8.23 -8.27
C HIS C 461 -14.48 7.59 -6.90
N ASN C 462 -15.42 7.84 -6.00
CA ASN C 462 -15.33 7.41 -4.61
C ASN C 462 -16.72 6.98 -4.13
N PRO C 463 -16.94 5.69 -3.87
CA PRO C 463 -18.31 5.25 -3.54
C PRO C 463 -18.86 5.84 -2.26
N LEU C 464 -18.02 6.39 -1.38
CA LEU C 464 -18.50 6.96 -0.13
C LEU C 464 -18.97 8.40 -0.28
N THR C 465 -18.67 9.06 -1.40
CA THR C 465 -19.14 10.42 -1.62
C THR C 465 -19.88 10.53 -2.95
N MET C 466 -19.44 9.78 -3.95
CA MET C 466 -20.06 9.78 -5.27
C MET C 466 -20.18 11.21 -5.79
N GLY C 467 -19.07 11.93 -5.70
CA GLY C 467 -19.00 13.34 -6.04
C GLY C 467 -18.22 14.08 -4.97
N ALA C 468 -17.70 15.24 -5.35
CA ALA C 468 -16.94 16.06 -4.39
C ALA C 468 -17.88 16.72 -3.39
N PHE C 469 -18.96 17.31 -3.87
CA PHE C 469 -19.90 18.04 -3.02
C PHE C 469 -21.09 18.45 -3.87
N ALA C 470 -22.13 18.94 -3.19
CA ALA C 470 -23.28 19.47 -3.91
C ALA C 470 -22.86 20.67 -4.75
N PHE C 471 -23.39 20.73 -5.96
CA PHE C 471 -23.13 21.86 -6.88
C PHE C 471 -24.36 21.95 -7.78
N PHE C 472 -25.43 22.52 -7.22
CA PHE C 472 -26.73 22.49 -7.86
C PHE C 472 -26.70 23.19 -9.22
N GLY C 473 -27.51 22.67 -10.15
CA GLY C 473 -27.74 23.32 -11.41
C GLY C 473 -28.92 24.25 -11.33
N PRO C 474 -29.23 24.94 -12.44
CA PRO C 474 -30.35 25.89 -12.41
C PRO C 474 -31.64 25.21 -12.02
N GLY C 475 -32.43 25.90 -11.19
CA GLY C 475 -33.73 25.43 -10.79
C GLY C 475 -33.75 24.46 -9.62
N ASP C 476 -32.59 23.91 -9.23
CA ASP C 476 -32.59 22.93 -8.15
C ASP C 476 -33.01 23.57 -6.82
N PHE C 477 -32.48 24.75 -6.51
CA PHE C 477 -32.82 25.40 -5.25
C PHE C 477 -34.30 25.77 -5.20
N GLN C 478 -34.87 26.24 -6.30
CA GLN C 478 -36.22 26.76 -6.28
C GLN C 478 -37.29 25.68 -6.39
N ASP C 479 -36.92 24.45 -6.76
CA ASP C 479 -37.90 23.42 -7.04
C ASP C 479 -37.75 22.16 -6.20
N LEU C 480 -36.53 21.77 -5.84
CA LEU C 480 -36.30 20.50 -5.16
C LEU C 480 -35.60 20.64 -3.81
N TYR C 481 -34.92 21.75 -3.55
CA TYR C 481 -34.15 21.89 -2.31
C TYR C 481 -35.06 21.81 -1.08
N THR C 482 -36.22 22.47 -1.14
CA THR C 482 -37.09 22.53 0.03
C THR C 482 -37.64 21.16 0.42
N SER C 483 -37.88 20.29 -0.56
CA SER C 483 -38.53 19.01 -0.26
C SER C 483 -37.73 18.20 0.74
N LEU C 484 -36.40 18.22 0.63
CA LEU C 484 -35.55 17.44 1.51
C LEU C 484 -35.28 18.12 2.85
N ASN C 485 -35.64 19.39 3.00
CA ASN C 485 -35.48 20.06 4.29
C ASN C 485 -36.58 19.71 5.27
N ARG C 486 -37.67 19.04 4.82
CA ARG C 486 -38.66 18.48 5.73
C ARG C 486 -38.47 16.97 5.84
N PRO C 487 -38.82 16.36 6.96
CA PRO C 487 -38.48 14.96 7.17
C PRO C 487 -39.39 14.01 6.40
N ALA C 488 -39.01 12.74 6.42
CA ALA C 488 -39.81 11.66 5.87
C ALA C 488 -39.98 10.60 6.94
N ALA C 489 -40.61 9.48 6.58
CA ALA C 489 -40.83 8.36 7.50
C ALA C 489 -41.56 8.83 8.76
N ASN C 490 -42.73 9.44 8.54
CA ASN C 490 -43.56 9.93 9.63
C ASN C 490 -42.78 10.87 10.56
N GLY C 491 -41.87 11.64 9.98
CA GLY C 491 -41.10 12.61 10.74
C GLY C 491 -39.95 12.02 11.51
N LYS C 492 -39.61 10.75 11.31
CA LYS C 492 -38.54 10.08 12.03
C LYS C 492 -37.27 9.94 11.20
N LEU C 493 -37.28 10.37 9.95
CA LEU C 493 -36.10 10.35 9.09
C LEU C 493 -35.75 11.78 8.72
N HIS C 494 -34.59 12.24 9.17
CA HIS C 494 -34.13 13.60 8.94
C HIS C 494 -32.95 13.59 7.99
N PHE C 495 -33.05 14.38 6.92
CA PHE C 495 -31.98 14.50 5.95
C PHE C 495 -31.01 15.60 6.36
N ALA C 496 -29.72 15.30 6.34
CA ALA C 496 -28.69 16.27 6.69
C ALA C 496 -27.48 16.02 5.80
N GLY C 497 -26.43 16.78 6.03
CA GLY C 497 -25.26 16.80 5.18
C GLY C 497 -25.10 18.13 4.47
N GLU C 498 -23.87 18.39 4.01
CA GLU C 498 -23.57 19.69 3.40
C GLU C 498 -24.52 20.01 2.25
N ALA C 499 -25.03 18.99 1.57
CA ALA C 499 -25.95 19.23 0.46
C ALA C 499 -27.21 19.92 0.93
N LEU C 500 -27.67 19.62 2.15
CA LEU C 500 -28.87 20.24 2.71
C LEU C 500 -28.52 21.55 3.40
N SER C 501 -28.03 22.49 2.60
CA SER C 501 -27.64 23.81 3.10
C SER C 501 -27.38 24.71 1.90
N VAL C 502 -27.17 26.00 2.20
CA VAL C 502 -26.78 26.97 1.19
C VAL C 502 -25.28 27.29 1.26
N ARG C 503 -24.51 26.46 1.98
CA ARG C 503 -23.06 26.58 1.98
C ARG C 503 -22.46 25.28 1.45
N HIS C 504 -22.83 24.89 0.24
CA HIS C 504 -22.30 23.68 -0.36
C HIS C 504 -20.78 23.75 -0.44
N ALA C 505 -20.14 22.60 -0.29
CA ALA C 505 -18.69 22.47 -0.35
C ALA C 505 -17.98 23.20 0.79
N TRP C 506 -18.68 23.41 1.92
CA TRP C 506 -18.10 24.02 3.10
C TRP C 506 -18.48 23.22 4.33
N VAL C 507 -17.59 23.22 5.32
CA VAL C 507 -17.88 22.52 6.56
C VAL C 507 -19.10 23.13 7.24
N VAL C 508 -19.23 24.46 7.19
CA VAL C 508 -20.36 25.11 7.84
C VAL C 508 -21.67 24.62 7.25
N GLY C 509 -21.66 24.22 5.97
CA GLY C 509 -22.87 23.66 5.38
C GLY C 509 -23.29 22.36 6.05
N ALA C 510 -22.32 21.51 6.36
CA ALA C 510 -22.63 20.28 7.09
C ALA C 510 -23.13 20.60 8.48
N LEU C 511 -22.57 21.62 9.13
CA LEU C 511 -23.01 22.00 10.47
C LEU C 511 -24.44 22.54 10.44
N ASP C 512 -24.75 23.41 9.48
CA ASP C 512 -26.10 23.97 9.40
C ASP C 512 -27.14 22.87 9.22
N SER C 513 -26.87 21.90 8.36
CA SER C 513 -27.82 20.82 8.15
C SER C 513 -27.99 19.98 9.42
N ALA C 514 -26.88 19.70 10.12
CA ALA C 514 -26.97 18.97 11.38
C ALA C 514 -27.75 19.76 12.42
N TRP C 515 -27.49 21.07 12.51
CA TRP C 515 -28.25 21.92 13.42
C TRP C 515 -29.74 21.81 13.13
N ARG C 516 -30.12 21.95 11.85
CA ARG C 516 -31.53 21.87 11.49
C ARG C 516 -32.10 20.49 11.75
N ALA C 517 -31.31 19.44 11.53
CA ALA C 517 -31.81 18.08 11.74
C ALA C 517 -32.09 17.82 13.22
N VAL C 518 -31.17 18.21 14.10
CA VAL C 518 -31.39 18.05 15.53
C VAL C 518 -32.53 18.94 15.99
N TYR C 519 -32.62 20.15 15.45
CA TYR C 519 -33.69 21.07 15.81
C TYR C 519 -35.06 20.41 15.58
N ASN C 520 -35.26 19.81 14.41
CA ASN C 520 -36.54 19.15 14.15
C ASN C 520 -36.72 17.93 15.04
N TYR C 521 -35.65 17.21 15.33
CA TYR C 521 -35.76 16.04 16.21
C TYR C 521 -36.19 16.46 17.61
N LEU C 522 -35.49 17.42 18.20
CA LEU C 522 -35.87 17.90 19.53
C LEU C 522 -37.28 18.48 19.51
N TYR C 523 -37.60 19.25 18.46
CA TYR C 523 -38.91 19.88 18.36
C TYR C 523 -40.03 18.84 18.34
N VAL C 524 -39.78 17.68 17.73
CA VAL C 524 -40.83 16.69 17.52
C VAL C 524 -40.92 15.65 18.63
N THR C 525 -39.89 15.54 19.48
CA THR C 525 -39.85 14.53 20.52
C THR C 525 -39.72 15.08 21.93
N ASP C 526 -38.87 16.09 22.13
CA ASP C 526 -38.54 16.59 23.47
C ASP C 526 -38.35 18.10 23.41
N PRO C 527 -39.44 18.85 23.24
CA PRO C 527 -39.31 20.31 23.16
C PRO C 527 -38.77 20.96 24.42
N ALA C 528 -38.76 20.24 25.56
CA ALA C 528 -38.19 20.80 26.78
C ALA C 528 -36.71 21.12 26.62
N LYS C 529 -36.03 20.50 25.65
CA LYS C 529 -34.61 20.71 25.45
C LYS C 529 -34.30 21.81 24.45
N LEU C 530 -35.31 22.38 23.82
CA LEU C 530 -35.07 23.45 22.85
C LEU C 530 -34.37 24.66 23.45
N PRO C 531 -34.74 25.16 24.63
CA PRO C 531 -34.00 26.32 25.19
C PRO C 531 -32.52 26.04 25.38
N LYS C 532 -32.17 24.88 25.94
CA LYS C 532 -30.76 24.54 26.11
C LYS C 532 -30.08 24.38 24.75
N PHE C 533 -30.79 23.80 23.77
CA PHE C 533 -30.25 23.72 22.42
C PHE C 533 -29.97 25.10 21.86
N PHE C 534 -30.92 26.03 22.00
CA PHE C 534 -30.71 27.38 21.51
C PHE C 534 -29.55 28.06 22.23
N GLU C 535 -29.42 27.85 23.54
CA GLU C 535 -28.38 28.53 24.30
C GLU C 535 -26.99 28.05 23.90
N LEU C 536 -26.84 26.78 23.55
CA LEU C 536 -25.53 26.22 23.23
C LEU C 536 -25.18 26.30 21.76
N TRP C 537 -26.17 26.21 20.87
CA TRP C 537 -25.89 26.05 19.43
C TRP C 537 -26.59 27.08 18.56
N GLY C 538 -27.28 28.05 19.15
CA GLY C 538 -27.81 29.16 18.38
C GLY C 538 -29.30 29.02 18.11
N LYS C 539 -29.96 30.18 17.98
CA LYS C 539 -31.39 30.21 17.66
C LYS C 539 -31.68 29.97 16.18
N ASN C 540 -30.69 30.18 15.30
CA ASN C 540 -30.88 29.98 13.88
C ASN C 540 -29.64 29.33 13.29
N ALA C 541 -29.84 28.60 12.19
CA ALA C 541 -28.72 27.99 11.48
C ALA C 541 -27.83 29.05 10.84
N GLU C 542 -28.44 30.00 10.14
CA GLU C 542 -27.71 30.93 9.28
C GLU C 542 -27.79 32.37 9.75
N TRP C 543 -28.98 32.83 10.15
CA TRP C 543 -29.13 34.19 10.65
C TRP C 543 -28.14 34.46 11.76
N PHE C 544 -27.45 35.60 11.67
CA PHE C 544 -26.41 35.94 12.63
C PHE C 544 -26.99 36.09 14.03
N ARG D 13 3.25 10.50 -47.00
CA ARG D 13 2.79 9.53 -46.00
C ARG D 13 2.02 10.24 -44.88
N VAL D 14 0.78 9.78 -44.65
CA VAL D 14 -0.12 10.39 -43.68
C VAL D 14 -0.01 9.64 -42.36
N GLY D 15 0.05 10.41 -41.27
CA GLY D 15 0.09 9.82 -39.94
C GLY D 15 -1.23 9.95 -39.20
N ILE D 16 -1.98 8.85 -39.12
CA ILE D 16 -3.26 8.81 -38.42
C ILE D 16 -3.02 8.43 -36.98
N LEU D 17 -3.43 9.29 -36.05
CA LEU D 17 -3.29 9.04 -34.62
C LEU D 17 -4.59 8.46 -34.08
N GLY D 18 -4.53 7.23 -33.59
CA GLY D 18 -5.70 6.57 -33.05
C GLY D 18 -6.30 5.58 -34.03
N ALA D 19 -6.39 4.31 -33.62
CA ALA D 19 -6.95 3.25 -34.45
C ALA D 19 -8.45 3.07 -34.23
N GLY D 20 -9.17 4.14 -33.91
CA GLY D 20 -10.61 4.09 -33.81
C GLY D 20 -11.26 4.03 -35.18
N ILE D 21 -12.59 4.03 -35.18
CA ILE D 21 -13.32 3.99 -36.44
C ILE D 21 -13.02 5.22 -37.27
N GLY D 22 -12.74 6.35 -36.62
CA GLY D 22 -12.37 7.55 -37.35
C GLY D 22 -11.02 7.41 -38.03
N GLY D 23 -10.03 6.87 -37.32
CA GLY D 23 -8.72 6.68 -37.92
C GLY D 23 -8.73 5.60 -38.98
N LEU D 24 -9.46 4.51 -38.74
CA LEU D 24 -9.55 3.44 -39.73
C LEU D 24 -10.27 3.91 -40.99
N TYR D 25 -11.28 4.77 -40.84
CA TYR D 25 -11.97 5.30 -42.02
C TYR D 25 -11.05 6.17 -42.85
N SER D 26 -10.26 7.03 -42.19
CA SER D 26 -9.27 7.81 -42.92
C SER D 26 -8.32 6.89 -43.70
N ALA D 27 -7.98 5.74 -43.12
CA ALA D 27 -7.06 4.81 -43.78
C ALA D 27 -7.70 4.21 -45.04
N LEU D 28 -8.96 3.78 -44.95
CA LEU D 28 -9.63 3.20 -46.11
C LEU D 28 -9.65 4.17 -47.27
N ILE D 29 -10.04 5.42 -47.02
CA ILE D 29 -10.09 6.42 -48.09
C ILE D 29 -8.70 6.63 -48.67
N LEU D 30 -7.73 6.93 -47.80
CA LEU D 30 -6.37 7.19 -48.26
C LEU D 30 -5.80 5.98 -49.00
N GLN D 31 -6.05 4.77 -48.50
CA GLN D 31 -5.52 3.59 -49.18
C GLN D 31 -6.17 3.42 -50.55
N SER D 32 -7.47 3.72 -50.65
CA SER D 32 -8.17 3.60 -51.92
C SER D 32 -7.72 4.68 -52.93
N LEU D 33 -7.10 5.75 -52.46
CA LEU D 33 -6.61 6.81 -53.32
C LEU D 33 -5.10 6.71 -53.53
N ASP D 34 -4.49 5.58 -53.15
CA ASP D 34 -3.07 5.31 -53.39
C ASP D 34 -2.17 6.37 -52.77
N VAL D 35 -2.47 6.74 -51.53
CA VAL D 35 -1.65 7.67 -50.76
C VAL D 35 -1.13 6.89 -49.56
N PRO D 36 0.19 6.91 -49.29
CA PRO D 36 0.69 6.14 -48.13
C PRO D 36 0.09 6.67 -46.83
N PHE D 37 -0.17 5.75 -45.90
CA PHE D 37 -0.80 6.09 -44.64
C PHE D 37 -0.20 5.24 -43.54
N GLU D 38 -0.54 5.58 -42.29
CA GLU D 38 0.06 4.94 -41.13
C GLU D 38 -0.73 5.29 -39.87
N ILE D 39 -1.08 4.28 -39.07
CA ILE D 39 -1.94 4.45 -37.91
C ILE D 39 -1.10 4.23 -36.65
N ILE D 40 -1.22 5.15 -35.71
CA ILE D 40 -0.50 5.08 -34.43
C ILE D 40 -1.54 4.90 -33.33
N GLU D 41 -1.46 3.77 -32.63
CA GLU D 41 -2.41 3.42 -31.58
C GLU D 41 -1.66 3.22 -30.27
N ALA D 42 -2.20 3.80 -29.20
CA ALA D 42 -1.54 3.70 -27.89
C ALA D 42 -1.78 2.35 -27.23
N SER D 43 -2.91 1.71 -27.53
CA SER D 43 -3.28 0.45 -26.91
C SER D 43 -2.81 -0.72 -27.77
N ASN D 44 -3.22 -1.93 -27.39
CA ASN D 44 -2.92 -3.15 -28.13
C ASN D 44 -4.07 -3.61 -29.00
N ARG D 45 -5.07 -2.76 -29.21
CA ARG D 45 -6.26 -3.13 -29.95
C ARG D 45 -6.73 -1.99 -30.83
N VAL D 46 -7.50 -2.33 -31.85
CA VAL D 46 -8.12 -1.36 -32.74
C VAL D 46 -9.61 -1.36 -32.49
N GLY D 47 -10.25 -0.25 -32.83
CA GLY D 47 -11.68 -0.06 -32.64
C GLY D 47 -12.03 1.05 -31.67
N GLY D 48 -11.10 1.45 -30.81
CA GLY D 48 -11.36 2.52 -29.86
C GLY D 48 -12.66 2.34 -29.10
N ARG D 49 -13.59 3.25 -29.27
CA ARG D 49 -14.87 3.21 -28.59
C ARG D 49 -15.84 2.22 -29.23
N LEU D 50 -15.40 1.45 -30.22
CA LEU D 50 -16.10 0.25 -30.64
C LEU D 50 -15.50 -0.91 -29.86
N PHE D 51 -16.02 -1.12 -28.66
CA PHE D 51 -15.48 -2.06 -27.70
C PHE D 51 -16.54 -3.11 -27.41
N THR D 52 -16.29 -4.35 -27.80
CA THR D 52 -17.19 -5.46 -27.55
C THR D 52 -16.55 -6.36 -26.50
N HIS D 53 -17.30 -6.67 -25.45
CA HIS D 53 -16.84 -7.54 -24.39
C HIS D 53 -17.53 -8.88 -24.50
N LYS D 54 -16.73 -9.95 -24.58
CA LYS D 54 -17.25 -11.31 -24.61
C LYS D 54 -17.07 -11.94 -23.24
N PHE D 55 -18.16 -12.37 -22.64
CA PHE D 55 -18.06 -13.10 -21.38
C PHE D 55 -17.43 -14.45 -21.68
N PRO D 56 -16.33 -14.82 -21.03
CA PRO D 56 -15.68 -16.09 -21.38
C PRO D 56 -16.53 -17.31 -21.06
N ASN D 57 -17.50 -17.16 -20.16
CA ASN D 57 -18.36 -18.25 -19.73
C ASN D 57 -19.67 -18.30 -20.51
N GLY D 58 -19.72 -17.72 -21.70
CA GLY D 58 -20.94 -17.65 -22.47
C GLY D 58 -20.83 -18.33 -23.84
N GLY D 59 -21.94 -18.26 -24.57
CA GLY D 59 -22.04 -18.86 -25.88
C GLY D 59 -21.72 -17.88 -26.99
N LYS D 60 -22.19 -18.20 -28.19
CA LYS D 60 -21.87 -17.38 -29.35
C LYS D 60 -22.36 -15.94 -29.17
N TYR D 61 -23.57 -15.76 -28.63
CA TYR D 61 -24.18 -14.46 -28.51
C TYR D 61 -24.22 -13.96 -27.07
N ASP D 62 -23.31 -14.45 -26.22
CA ASP D 62 -23.19 -13.93 -24.85
C ASP D 62 -22.07 -12.89 -24.80
N TYR D 63 -22.32 -11.79 -25.50
CA TYR D 63 -21.43 -10.64 -25.52
C TYR D 63 -22.28 -9.39 -25.40
N TYR D 64 -21.62 -8.23 -25.35
CA TYR D 64 -22.34 -6.97 -25.41
C TYR D 64 -21.36 -5.87 -25.78
N ASP D 65 -21.87 -4.85 -26.46
CA ASP D 65 -21.05 -3.75 -26.94
C ASP D 65 -20.93 -2.70 -25.83
N VAL D 66 -19.70 -2.51 -25.34
CA VAL D 66 -19.47 -1.52 -24.30
C VAL D 66 -19.62 -0.11 -24.85
N GLY D 67 -19.33 0.06 -26.14
CA GLY D 67 -19.51 1.34 -26.80
C GLY D 67 -20.64 1.28 -27.81
N ALA D 68 -20.29 1.40 -29.10
CA ALA D 68 -21.32 1.45 -30.14
C ALA D 68 -22.04 0.12 -30.25
N MET D 69 -23.37 0.17 -30.34
CA MET D 69 -24.19 -1.04 -30.38
C MET D 69 -25.34 -0.99 -31.37
N ARG D 70 -25.76 0.18 -31.86
CA ARG D 70 -26.96 0.28 -32.67
C ARG D 70 -26.77 1.38 -33.71
N TYR D 71 -27.38 1.18 -34.88
CA TYR D 71 -27.22 2.10 -35.99
C TYR D 71 -28.56 2.36 -36.66
N PRO D 72 -29.14 3.57 -36.52
CA PRO D 72 -30.40 3.88 -37.22
C PRO D 72 -30.17 4.21 -38.69
N LEU D 73 -30.04 3.16 -39.49
CA LEU D 73 -29.68 3.28 -40.89
C LEU D 73 -30.90 3.56 -41.76
N PRO D 74 -30.70 4.16 -42.93
CA PRO D 74 -31.82 4.35 -43.86
C PRO D 74 -32.32 3.02 -44.41
N LYS D 75 -33.51 3.06 -44.99
CA LYS D 75 -34.10 1.86 -45.57
C LYS D 75 -33.21 1.28 -46.66
N SER D 76 -33.28 -0.04 -46.81
CA SER D 76 -32.46 -0.75 -47.78
C SER D 76 -33.28 -1.83 -48.50
N ASN D 81 -28.54 -1.93 -50.76
CA ASN D 81 -28.50 -0.54 -51.21
C ASN D 81 -29.23 0.36 -50.23
N TYR D 82 -28.56 1.41 -49.78
CA TYR D 82 -29.12 2.33 -48.80
C TYR D 82 -29.49 3.65 -49.45
N GLN D 83 -30.65 4.18 -49.06
CA GLN D 83 -31.09 5.49 -49.53
C GLN D 83 -30.36 6.61 -48.82
N PRO D 84 -30.44 7.83 -49.34
CA PRO D 84 -29.83 8.97 -48.65
C PRO D 84 -30.35 9.10 -47.24
N GLY D 85 -29.53 9.69 -46.37
CA GLY D 85 -29.90 9.84 -44.98
C GLY D 85 -28.70 10.17 -44.13
N VAL D 86 -28.99 10.48 -42.86
CA VAL D 86 -27.93 10.85 -41.93
C VAL D 86 -26.89 9.74 -41.85
N MET D 87 -27.36 8.50 -41.66
CA MET D 87 -26.49 7.35 -41.45
C MET D 87 -26.15 6.63 -42.75
N GLN D 88 -26.37 7.26 -43.91
CA GLN D 88 -26.07 6.58 -45.16
C GLN D 88 -24.59 6.21 -45.24
N ARG D 89 -23.71 7.13 -44.85
CA ARG D 89 -22.28 6.86 -44.93
C ARG D 89 -21.89 5.62 -44.14
N VAL D 90 -22.58 5.36 -43.03
CA VAL D 90 -22.30 4.15 -42.25
C VAL D 90 -22.83 2.93 -42.99
N GLY D 91 -24.08 2.98 -43.45
CA GLY D 91 -24.65 1.85 -44.17
C GLY D 91 -23.84 1.50 -45.40
N GLN D 92 -23.40 2.51 -46.16
CA GLN D 92 -22.60 2.26 -47.34
C GLN D 92 -21.24 1.65 -46.98
N LEU D 93 -20.67 2.07 -45.85
CA LEU D 93 -19.39 1.49 -45.43
C LEU D 93 -19.51 0.00 -45.16
N PHE D 94 -20.63 -0.43 -44.59
CA PHE D 94 -20.86 -1.85 -44.40
C PHE D 94 -20.85 -2.59 -45.72
N THR D 95 -21.47 -2.00 -46.75
CA THR D 95 -21.46 -2.61 -48.07
C THR D 95 -20.06 -2.60 -48.68
N TYR D 96 -19.35 -1.48 -48.53
CA TYR D 96 -18.00 -1.37 -49.08
C TYR D 96 -17.08 -2.48 -48.58
N LEU D 97 -17.34 -3.00 -47.38
CA LEU D 97 -16.53 -4.05 -46.80
C LEU D 97 -17.21 -5.42 -46.90
N GLY D 98 -18.30 -5.52 -47.66
CA GLY D 98 -18.99 -6.79 -47.80
C GLY D 98 -19.60 -7.27 -46.51
N MET D 99 -20.14 -6.36 -45.70
CA MET D 99 -20.71 -6.68 -44.40
C MET D 99 -22.22 -6.53 -44.36
N HIS D 100 -22.86 -6.22 -45.48
CA HIS D 100 -24.30 -5.97 -45.46
C HIS D 100 -25.05 -7.19 -44.93
N LYS D 101 -24.58 -8.38 -45.27
CA LYS D 101 -25.23 -9.62 -44.84
C LYS D 101 -25.13 -9.86 -43.34
N GLN D 102 -24.24 -9.14 -42.65
CA GLN D 102 -24.07 -9.28 -41.21
C GLN D 102 -24.89 -8.29 -40.39
N LEU D 103 -25.58 -7.35 -41.03
CA LEU D 103 -26.37 -6.35 -40.33
C LEU D 103 -27.72 -6.94 -39.97
N ILE D 104 -27.87 -7.36 -38.71
CA ILE D 104 -29.10 -7.99 -38.24
C ILE D 104 -30.01 -6.94 -37.63
N PRO D 105 -31.30 -7.22 -37.47
CA PRO D 105 -32.22 -6.20 -36.93
C PRO D 105 -31.86 -5.82 -35.50
N TYR D 106 -31.99 -4.53 -35.20
CA TYR D 106 -31.93 -4.02 -33.84
C TYR D 106 -33.30 -3.52 -33.45
N TYR D 107 -33.83 -4.03 -32.34
CA TYR D 107 -35.17 -3.69 -31.86
C TYR D 107 -35.06 -2.56 -30.85
N PHE D 108 -35.33 -1.33 -31.29
CA PHE D 108 -35.39 -0.21 -30.37
C PHE D 108 -36.57 -0.35 -29.42
N LYS D 109 -37.69 -0.88 -29.92
CA LYS D 109 -38.83 -1.26 -29.11
C LYS D 109 -38.93 -2.78 -29.07
N SER D 110 -39.56 -3.29 -28.02
CA SER D 110 -39.68 -4.74 -27.86
C SER D 110 -40.38 -5.35 -29.06
N ASN D 111 -39.78 -6.41 -29.61
CA ASN D 111 -40.37 -7.11 -30.73
C ASN D 111 -41.62 -7.90 -30.35
N LYS D 112 -41.88 -8.09 -29.06
CA LYS D 112 -43.07 -8.80 -28.61
C LYS D 112 -43.89 -7.88 -27.71
N SER D 113 -43.91 -8.17 -26.39
CA SER D 113 -44.65 -7.33 -25.46
C SER D 113 -43.84 -6.07 -25.13
N PRO D 114 -44.51 -4.93 -24.93
CA PRO D 114 -43.77 -3.68 -24.71
C PRO D 114 -42.85 -3.76 -23.50
N GLY D 115 -41.81 -2.93 -23.53
CA GLY D 115 -40.90 -2.81 -22.41
C GLY D 115 -41.56 -2.15 -21.21
N PHE D 116 -40.80 -2.10 -20.13
CA PHE D 116 -41.30 -1.60 -18.85
C PHE D 116 -40.90 -0.14 -18.63
N GLN D 117 -41.75 0.57 -17.89
CA GLN D 117 -41.45 1.90 -17.39
C GLN D 117 -41.70 1.90 -15.89
N TYR D 118 -40.73 2.38 -15.12
CA TYR D 118 -40.82 2.38 -13.66
C TYR D 118 -40.33 3.75 -13.18
N PHE D 119 -41.27 4.66 -12.97
CA PHE D 119 -41.00 6.01 -12.51
C PHE D 119 -41.87 6.33 -11.30
N ASN D 120 -41.29 7.00 -10.32
CA ASN D 120 -42.01 7.43 -9.12
C ASN D 120 -42.76 6.25 -8.50
N GLY D 121 -42.11 5.09 -8.48
CA GLY D 121 -42.70 3.90 -7.91
C GLY D 121 -43.85 3.31 -8.69
N VAL D 122 -44.24 3.91 -9.81
CA VAL D 122 -45.35 3.44 -10.61
C VAL D 122 -44.78 2.63 -11.77
N ARG D 123 -45.21 1.37 -11.87
CA ARG D 123 -44.73 0.47 -12.90
C ARG D 123 -45.78 0.31 -13.99
N ALA D 124 -45.34 0.37 -15.24
CA ALA D 124 -46.23 0.24 -16.39
C ALA D 124 -45.42 -0.23 -17.58
N ARG D 125 -46.12 -0.56 -18.65
CA ARG D 125 -45.50 -0.97 -19.91
C ARG D 125 -45.57 0.18 -20.91
N ILE D 126 -44.60 0.20 -21.82
CA ILE D 126 -44.56 1.26 -22.82
C ILE D 126 -45.83 1.20 -23.66
N GLY D 127 -46.61 2.28 -23.62
CA GLY D 127 -47.84 2.39 -24.38
C GLY D 127 -49.09 2.47 -23.54
N GLU D 128 -49.02 2.12 -22.26
CA GLU D 128 -50.20 2.15 -21.40
C GLU D 128 -50.58 3.56 -20.97
N GLY D 129 -49.86 4.59 -21.43
CA GLY D 129 -50.26 5.96 -21.14
C GLY D 129 -50.42 6.25 -19.66
N SER D 130 -49.53 5.72 -18.83
CA SER D 130 -49.57 5.99 -17.41
C SER D 130 -49.01 7.38 -17.12
N SER D 131 -49.57 8.02 -16.10
CA SER D 131 -49.09 9.33 -15.67
C SER D 131 -47.92 9.23 -14.70
N PHE D 132 -47.64 8.04 -14.18
CA PHE D 132 -46.52 7.83 -13.26
C PHE D 132 -46.59 8.81 -12.09
N ASP D 133 -47.81 9.06 -11.63
CA ASP D 133 -48.09 9.89 -10.47
C ASP D 133 -47.70 11.35 -10.69
N ALA D 134 -47.66 11.80 -11.95
CA ALA D 134 -47.32 13.18 -12.23
C ALA D 134 -48.23 14.18 -11.52
N PRO D 135 -49.53 13.93 -11.37
CA PRO D 135 -50.37 14.90 -10.65
C PRO D 135 -49.84 15.24 -9.26
N ALA D 136 -49.24 14.28 -8.58
CA ALA D 136 -48.65 14.56 -7.27
C ALA D 136 -47.43 15.47 -7.36
N LEU D 137 -46.86 15.64 -8.55
CA LEU D 137 -45.72 16.53 -8.76
C LEU D 137 -46.13 17.96 -9.07
N GLY D 138 -47.40 18.20 -9.37
CA GLY D 138 -47.87 19.51 -9.78
C GLY D 138 -48.02 19.71 -11.26
N ILE D 139 -47.95 18.64 -12.05
CA ILE D 139 -48.11 18.74 -13.49
C ILE D 139 -49.62 18.73 -13.78
N ASN D 140 -50.14 19.84 -14.28
CA ASN D 140 -51.57 19.93 -14.52
C ASN D 140 -52.01 18.84 -15.49
N SER D 141 -53.33 18.61 -15.54
CA SER D 141 -53.87 17.50 -16.31
C SER D 141 -53.70 17.72 -17.81
N SER D 142 -53.66 18.97 -18.27
CA SER D 142 -53.52 19.22 -19.70
C SER D 142 -52.16 18.77 -20.21
N LEU D 143 -51.10 19.00 -19.43
CA LEU D 143 -49.77 18.56 -19.85
C LEU D 143 -49.68 17.05 -19.88
N ILE D 144 -50.19 16.37 -18.84
CA ILE D 144 -50.08 14.92 -18.78
C ILE D 144 -50.79 14.28 -19.96
N ASP D 145 -51.94 14.84 -20.35
CA ASP D 145 -52.67 14.30 -21.49
C ASP D 145 -51.91 14.53 -22.79
N ILE D 146 -51.25 15.68 -22.91
CA ILE D 146 -50.46 15.97 -24.10
C ILE D 146 -49.26 15.03 -24.17
N GLY D 147 -48.49 14.93 -23.09
CA GLY D 147 -47.37 14.02 -23.04
C GLY D 147 -46.05 14.73 -23.28
N VAL D 148 -44.98 14.13 -22.76
CA VAL D 148 -43.65 14.71 -22.90
C VAL D 148 -43.20 14.68 -24.35
N THR D 149 -43.38 13.54 -25.02
CA THR D 149 -42.95 13.42 -26.41
C THR D 149 -43.59 14.51 -27.27
N LYS D 150 -44.88 14.77 -27.08
CA LYS D 150 -45.56 15.76 -27.90
C LYS D 150 -45.11 17.17 -27.58
N ILE D 151 -44.78 17.45 -26.32
CA ILE D 151 -44.32 18.78 -25.94
C ILE D 151 -42.91 19.03 -26.43
N VAL D 152 -42.00 18.09 -26.15
CA VAL D 152 -40.61 18.25 -26.55
C VAL D 152 -40.49 18.35 -28.07
N ASN D 153 -41.27 17.53 -28.79
CA ASN D 153 -41.22 17.60 -30.24
C ASN D 153 -41.70 18.96 -30.75
N ASP D 154 -42.59 19.61 -30.01
CA ASP D 154 -43.07 20.92 -30.42
C ASP D 154 -42.00 22.00 -30.25
N ALA D 155 -41.14 21.84 -29.24
CA ALA D 155 -40.07 22.82 -29.00
C ALA D 155 -38.84 22.56 -29.84
N VAL D 156 -38.43 21.29 -29.97
CA VAL D 156 -37.23 20.96 -30.72
C VAL D 156 -37.52 20.74 -32.21
N GLY D 157 -38.74 20.34 -32.56
CA GLY D 157 -39.10 20.05 -33.93
C GLY D 157 -38.64 21.07 -34.94
N PRO D 158 -39.05 22.33 -34.77
CA PRO D 158 -38.67 23.37 -35.75
C PRO D 158 -37.18 23.43 -36.03
N PHE D 159 -36.34 23.47 -34.99
CA PHE D 159 -34.89 23.51 -35.22
C PHE D 159 -34.43 22.30 -36.02
N ALA D 160 -34.81 21.09 -35.57
CA ALA D 160 -34.35 19.89 -36.25
C ALA D 160 -34.85 19.84 -37.69
N GLN D 161 -36.10 20.23 -37.92
CA GLN D 161 -36.65 20.19 -39.27
C GLN D 161 -35.86 21.12 -40.20
N ALA D 162 -35.45 22.29 -39.68
CA ALA D 162 -34.64 23.21 -40.48
C ALA D 162 -33.28 22.61 -40.80
N LEU D 163 -32.69 21.89 -39.85
CA LEU D 163 -31.41 21.24 -40.10
C LEU D 163 -31.58 20.04 -41.05
N PHE D 164 -32.69 19.31 -40.91
CA PHE D 164 -32.98 18.23 -41.85
C PHE D 164 -33.20 18.77 -43.26
N ASP D 165 -33.76 19.98 -43.37
CA ASP D 165 -33.92 20.59 -44.69
C ASP D 165 -32.57 20.98 -45.28
N ASP D 166 -31.63 21.41 -44.43
CA ASP D 166 -30.29 21.70 -44.91
C ASP D 166 -29.67 20.48 -45.58
N LEU D 167 -29.92 19.29 -45.01
CA LEU D 167 -29.30 18.08 -45.56
C LEU D 167 -29.92 17.69 -46.89
N GLN D 168 -31.23 17.84 -47.04
CA GLN D 168 -31.87 17.50 -48.31
C GLN D 168 -31.63 18.57 -49.37
N LYS D 169 -32.02 19.81 -49.07
CA LYS D 169 -31.95 20.89 -50.04
C LYS D 169 -30.56 21.48 -50.20
N HIS D 170 -29.58 20.98 -49.45
CA HIS D 170 -28.19 21.47 -49.52
C HIS D 170 -28.13 22.97 -49.24
N THR D 171 -28.45 23.32 -48.00
CA THR D 171 -28.38 24.69 -47.52
C THR D 171 -27.75 24.70 -46.14
N THR D 172 -27.51 25.91 -45.64
CA THR D 172 -26.96 26.12 -44.31
C THR D 172 -27.81 27.08 -43.50
N THR D 173 -28.99 27.46 -43.99
CA THR D 173 -29.85 28.38 -43.27
C THR D 173 -30.28 27.79 -41.94
N GLY D 174 -30.59 26.49 -41.91
CA GLY D 174 -30.94 25.85 -40.66
C GLY D 174 -29.83 25.95 -39.63
N TRP D 175 -28.59 25.70 -40.05
CA TRP D 175 -27.46 25.81 -39.13
C TRP D 175 -27.28 27.26 -38.66
N ASP D 176 -27.41 28.22 -39.57
CA ASP D 176 -27.29 29.62 -39.18
C ASP D 176 -28.31 29.97 -38.11
N ASP D 177 -29.55 29.55 -38.28
CA ASP D 177 -30.58 29.83 -37.29
C ASP D 177 -30.32 29.07 -36.00
N MET D 178 -29.81 27.84 -36.10
CA MET D 178 -29.46 27.08 -34.91
C MET D 178 -28.39 27.80 -34.09
N MET D 179 -27.38 28.38 -34.76
CA MET D 179 -26.32 29.07 -34.04
C MET D 179 -26.82 30.34 -33.37
N LYS D 180 -27.85 30.98 -33.93
CA LYS D 180 -28.45 32.13 -33.27
C LYS D 180 -29.03 31.77 -31.91
N ASN D 181 -29.38 30.49 -31.69
CA ASN D 181 -29.95 30.03 -30.44
C ASN D 181 -29.01 29.11 -29.66
N ASP D 182 -27.75 28.97 -30.08
CA ASP D 182 -26.87 28.03 -29.42
C ASP D 182 -26.53 28.44 -27.99
N ALA D 183 -26.65 29.73 -27.66
CA ALA D 183 -26.39 30.16 -26.29
C ALA D 183 -27.36 29.56 -25.29
N TYR D 184 -28.45 28.96 -25.76
CA TYR D 184 -29.41 28.31 -24.88
C TYR D 184 -28.95 26.90 -24.54
N SER D 185 -29.06 26.55 -23.27
CA SER D 185 -29.23 25.15 -22.92
C SER D 185 -30.68 24.76 -23.14
N THR D 186 -30.93 23.46 -23.25
CA THR D 186 -32.31 23.01 -23.40
C THR D 186 -33.19 23.55 -22.28
N ARG D 187 -32.64 23.64 -21.07
CA ARG D 187 -33.41 24.16 -19.94
C ARG D 187 -33.72 25.64 -20.13
N SER D 188 -32.70 26.46 -20.41
CA SER D 188 -32.93 27.89 -20.54
C SER D 188 -33.84 28.21 -21.71
N TYR D 189 -33.86 27.35 -22.73
CA TYR D 189 -34.79 27.57 -23.83
C TYR D 189 -36.24 27.39 -23.37
N PHE D 190 -36.50 26.36 -22.58
CA PHE D 190 -37.84 26.18 -22.03
C PHE D 190 -38.18 27.25 -21.00
N SER D 191 -37.19 27.71 -20.25
CA SER D 191 -37.44 28.66 -19.16
C SER D 191 -37.58 30.09 -19.64
N PHE D 192 -37.00 30.44 -20.79
CA PHE D 192 -36.89 31.82 -21.21
C PHE D 192 -37.39 32.12 -22.62
N LYS D 193 -37.60 31.12 -23.46
CA LYS D 193 -37.94 31.39 -24.86
C LYS D 193 -39.18 30.62 -25.32
N TYR D 194 -39.19 29.31 -25.12
CA TYR D 194 -40.25 28.48 -25.65
C TYR D 194 -41.61 28.91 -25.09
N LEU D 195 -42.60 28.95 -25.98
CA LEU D 195 -43.99 29.15 -25.59
C LEU D 195 -44.82 28.03 -26.21
N PRO D 196 -45.66 27.35 -25.44
CA PRO D 196 -46.37 26.19 -25.99
C PRO D 196 -47.23 26.60 -27.18
N SER D 197 -47.38 25.67 -28.12
CA SER D 197 -48.19 25.95 -29.29
C SER D 197 -49.63 26.27 -28.86
N PRO D 198 -50.26 27.28 -29.45
CA PRO D 198 -51.65 27.60 -29.06
C PRO D 198 -52.59 26.42 -29.17
N SER D 199 -52.29 25.45 -30.04
CA SER D 199 -53.17 24.30 -30.20
C SER D 199 -53.24 23.43 -28.95
N PHE D 200 -52.28 23.56 -28.04
CA PHE D 200 -52.29 22.78 -26.81
C PHE D 200 -53.26 23.32 -25.77
N GLY D 201 -53.64 24.59 -25.87
CA GLY D 201 -54.52 25.18 -24.88
C GLY D 201 -53.86 25.53 -23.57
N LEU D 202 -52.54 25.67 -23.55
CA LEU D 202 -51.82 26.03 -22.34
C LEU D 202 -51.67 27.53 -22.26
N PRO D 203 -51.31 28.05 -21.09
CA PRO D 203 -51.07 29.50 -20.97
C PRO D 203 -49.86 29.92 -21.79
N SER D 204 -49.92 31.13 -22.31
CA SER D 204 -48.81 31.67 -23.10
C SER D 204 -47.74 32.17 -22.13
N GLU D 205 -47.01 31.22 -21.56
CA GLU D 205 -45.91 31.52 -20.65
C GLU D 205 -44.92 30.37 -20.69
N HIS D 206 -43.68 30.66 -20.35
CA HIS D 206 -42.64 29.65 -20.32
C HIS D 206 -42.94 28.60 -19.25
N PHE D 207 -42.35 27.42 -19.42
CA PHE D 207 -42.57 26.33 -18.47
C PHE D 207 -41.76 26.56 -17.20
N SER D 208 -42.27 26.05 -16.09
CA SER D 208 -41.60 26.13 -14.81
C SER D 208 -40.54 25.04 -14.69
N THR D 209 -39.68 25.19 -13.66
CA THR D 209 -38.66 24.19 -13.40
C THR D 209 -39.28 22.81 -13.15
N ARG D 210 -40.39 22.77 -12.41
CA ARG D 210 -41.05 21.50 -12.14
C ARG D 210 -41.42 20.80 -13.44
N VAL D 211 -41.99 21.54 -14.39
CA VAL D 211 -42.37 20.93 -15.66
C VAL D 211 -41.13 20.56 -16.47
N ILE D 212 -40.11 21.42 -16.46
CA ILE D 212 -38.91 21.16 -17.25
C ILE D 212 -38.22 19.89 -16.75
N ASN D 213 -38.03 19.77 -15.44
CA ASN D 213 -37.44 18.55 -14.89
C ASN D 213 -38.31 17.33 -15.20
N TRP D 214 -39.62 17.53 -15.29
CA TRP D 214 -40.52 16.43 -15.66
C TRP D 214 -40.29 16.00 -17.11
N LEU D 215 -40.07 16.97 -18.01
CA LEU D 215 -39.76 16.62 -19.38
C LEU D 215 -38.43 15.87 -19.46
N GLU D 216 -37.40 16.37 -18.77
CA GLU D 216 -36.09 15.72 -18.80
C GLU D 216 -36.17 14.30 -18.26
N THR D 217 -36.97 14.08 -17.21
CA THR D 217 -37.02 12.77 -16.58
C THR D 217 -37.41 11.69 -17.57
N PHE D 218 -38.43 11.95 -18.38
CA PHE D 218 -38.95 10.95 -19.30
C PHE D 218 -38.37 11.06 -20.70
N ASP D 219 -37.79 12.20 -21.07
CA ASP D 219 -37.25 12.37 -22.40
C ASP D 219 -35.81 11.87 -22.51
N LYS D 220 -34.97 12.17 -21.53
CA LYS D 220 -33.56 11.79 -21.62
C LYS D 220 -33.00 11.43 -20.24
N SER D 221 -31.83 11.96 -19.89
CA SER D 221 -31.15 11.59 -18.67
C SER D 221 -30.97 12.80 -17.75
N THR D 222 -30.67 12.52 -16.49
CA THR D 222 -30.51 13.56 -15.49
C THR D 222 -29.37 14.50 -15.88
N GLY D 223 -29.67 15.78 -15.99
CA GLY D 223 -28.68 16.78 -16.34
C GLY D 223 -28.53 17.05 -17.81
N TRP D 224 -29.22 16.29 -18.67
CA TRP D 224 -29.13 16.54 -20.11
C TRP D 224 -29.49 17.98 -20.44
N TYR D 225 -30.60 18.47 -19.90
CA TYR D 225 -31.12 19.77 -20.31
C TYR D 225 -30.22 20.93 -19.91
N ASP D 226 -29.22 20.71 -19.05
CA ASP D 226 -28.29 21.78 -18.71
C ASP D 226 -27.20 21.98 -19.75
N ARG D 227 -27.10 21.08 -20.73
CA ARG D 227 -26.13 21.21 -21.81
C ARG D 227 -26.79 21.83 -23.04
N GLY D 228 -26.00 22.05 -24.07
CA GLY D 228 -26.42 22.83 -25.22
C GLY D 228 -27.74 22.40 -25.84
N LEU D 229 -28.61 23.37 -26.13
CA LEU D 229 -29.83 23.07 -26.88
C LEU D 229 -29.50 22.45 -28.23
N THR D 230 -28.42 22.91 -28.87
CA THR D 230 -28.06 22.37 -30.18
C THR D 230 -27.89 20.86 -30.12
N GLU D 231 -27.30 20.35 -29.04
CA GLU D 231 -27.08 18.91 -28.93
C GLU D 231 -28.41 18.16 -28.89
N THR D 232 -29.41 18.71 -28.20
CA THR D 232 -30.71 18.04 -28.14
C THR D 232 -31.34 18.00 -29.53
N VAL D 233 -31.13 19.04 -30.33
CA VAL D 233 -31.67 19.06 -31.68
C VAL D 233 -30.92 18.07 -32.57
N LEU D 234 -29.60 18.03 -32.46
CA LEU D 234 -28.82 17.15 -33.32
C LEU D 234 -29.08 15.69 -33.02
N GLU D 235 -29.21 15.34 -31.74
CA GLU D 235 -29.51 13.94 -31.39
C GLU D 235 -30.90 13.53 -31.84
N ALA D 236 -31.82 14.49 -32.02
CA ALA D 236 -33.13 14.14 -32.57
C ALA D 236 -33.03 13.76 -34.03
N ILE D 237 -32.09 14.37 -34.77
CA ILE D 237 -31.90 14.01 -36.17
C ILE D 237 -31.17 12.68 -36.30
N ALA D 238 -30.17 12.44 -35.44
CA ALA D 238 -29.42 11.19 -35.52
C ALA D 238 -30.32 9.99 -35.23
N PHE D 239 -31.19 10.10 -34.22
CA PHE D 239 -32.13 9.02 -33.93
C PHE D 239 -33.23 8.90 -34.98
N GLY D 240 -33.24 9.76 -35.99
CA GLY D 240 -34.25 9.70 -37.03
C GLY D 240 -35.61 10.20 -36.63
N GLU D 241 -35.71 10.99 -35.56
CA GLU D 241 -36.99 11.52 -35.12
C GLU D 241 -37.49 12.67 -35.99
N VAL D 242 -36.92 12.84 -37.19
CA VAL D 242 -37.30 13.92 -38.10
C VAL D 242 -37.11 13.44 -39.53
N GLY D 243 -38.21 13.32 -40.27
CA GLY D 243 -38.15 12.98 -41.68
C GLY D 243 -39.08 11.85 -42.05
N ASP D 244 -39.60 11.92 -43.28
CA ASP D 244 -40.46 10.85 -43.77
C ASP D 244 -39.70 9.53 -43.88
N GLY D 245 -38.43 9.60 -44.27
CA GLY D 245 -37.61 8.42 -44.45
C GLY D 245 -37.63 7.51 -43.23
N GLU D 246 -38.30 6.37 -43.35
CA GLU D 246 -38.33 5.40 -42.28
C GLU D 246 -36.92 4.95 -41.93
N VAL D 247 -36.68 4.69 -40.65
CA VAL D 247 -35.37 4.30 -40.16
C VAL D 247 -35.34 2.79 -40.05
N ASP D 248 -34.18 2.20 -40.35
CA ASP D 248 -33.97 0.76 -40.30
C ASP D 248 -32.88 0.49 -39.27
N TRP D 249 -33.29 0.27 -38.02
CA TRP D 249 -32.32 0.02 -36.96
C TRP D 249 -31.56 -1.27 -37.24
N ARG D 250 -30.24 -1.23 -37.10
CA ARG D 250 -29.40 -2.38 -37.37
C ARG D 250 -28.25 -2.43 -36.36
N CYS D 251 -27.82 -3.65 -36.06
CA CYS D 251 -26.59 -3.89 -35.31
C CYS D 251 -25.78 -4.94 -36.05
N ILE D 252 -24.54 -5.14 -35.59
CA ILE D 252 -23.57 -6.00 -36.27
C ILE D 252 -23.58 -7.37 -35.61
N ASP D 253 -23.70 -8.42 -36.41
CA ASP D 253 -23.67 -9.79 -35.91
C ASP D 253 -22.32 -10.09 -35.28
N GLY D 254 -22.30 -10.33 -33.97
CA GLY D 254 -21.08 -10.62 -33.26
C GLY D 254 -20.51 -9.47 -32.46
N GLY D 255 -21.13 -8.30 -32.50
CA GLY D 255 -20.63 -7.14 -31.79
C GLY D 255 -19.97 -6.15 -32.73
N SER D 256 -19.97 -4.88 -32.32
CA SER D 256 -19.44 -3.81 -33.18
C SER D 256 -17.95 -3.97 -33.45
N HIS D 257 -17.25 -4.80 -32.67
CA HIS D 257 -15.82 -5.00 -32.91
C HIS D 257 -15.55 -5.57 -34.30
N VAL D 258 -16.55 -6.19 -34.93
CA VAL D 258 -16.34 -6.78 -36.25
C VAL D 258 -15.96 -5.71 -37.27
N LEU D 259 -16.50 -4.50 -37.11
CA LEU D 259 -16.20 -3.44 -38.09
C LEU D 259 -14.73 -3.05 -38.07
N PRO D 260 -14.14 -2.64 -36.95
CA PRO D 260 -12.71 -2.32 -36.96
C PRO D 260 -11.83 -3.52 -37.30
N ASP D 261 -12.23 -4.72 -36.84
CA ASP D 261 -11.46 -5.91 -37.17
C ASP D 261 -11.41 -6.14 -38.68
N THR D 262 -12.55 -5.96 -39.36
CA THR D 262 -12.59 -6.16 -40.80
C THR D 262 -11.71 -5.14 -41.53
N ILE D 263 -11.71 -3.89 -41.06
CA ILE D 263 -10.90 -2.85 -41.69
C ILE D 263 -9.42 -3.05 -41.38
N ALA D 264 -9.10 -3.65 -40.23
CA ALA D 264 -7.71 -3.88 -39.87
C ALA D 264 -7.01 -4.85 -40.81
N ALA D 265 -7.76 -5.76 -41.44
CA ALA D 265 -7.15 -6.69 -42.39
C ALA D 265 -6.68 -5.94 -43.64
N PHE D 266 -7.44 -4.97 -44.10
CA PHE D 266 -7.05 -4.16 -45.26
C PHE D 266 -5.71 -3.47 -45.00
N PHE D 275 0.41 -0.39 -39.17
CA PHE D 275 0.01 -0.13 -37.79
C PHE D 275 1.22 -0.04 -36.86
N VAL D 276 1.18 0.90 -35.93
CA VAL D 276 2.19 1.04 -34.89
C VAL D 276 1.43 0.96 -33.56
N MET D 277 1.36 -0.24 -33.00
CA MET D 277 0.59 -0.47 -31.78
C MET D 277 1.44 -0.20 -30.54
N ASN D 278 0.76 -0.02 -29.42
CA ASN D 278 1.42 0.18 -28.13
C ASN D 278 2.40 1.33 -28.18
N ALA D 279 1.94 2.45 -28.76
CA ALA D 279 2.75 3.66 -28.89
C ALA D 279 1.86 4.85 -28.54
N SER D 280 2.02 5.37 -27.32
CA SER D 280 1.19 6.47 -26.84
C SER D 280 1.75 7.79 -27.36
N VAL D 281 0.97 8.47 -28.21
CA VAL D 281 1.38 9.78 -28.71
C VAL D 281 1.49 10.73 -27.53
N THR D 282 2.67 11.33 -27.37
CA THR D 282 2.91 12.30 -26.31
C THR D 282 3.21 13.70 -26.79
N ALA D 283 3.48 13.90 -28.08
CA ALA D 283 3.78 15.22 -28.60
C ALA D 283 3.51 15.23 -30.10
N ILE D 284 3.03 16.37 -30.59
CA ILE D 284 2.77 16.58 -32.02
C ILE D 284 3.27 17.96 -32.40
N GLY D 285 3.74 18.09 -33.62
CA GLY D 285 4.20 19.38 -34.11
C GLY D 285 5.03 19.23 -35.37
N LEU D 286 5.22 20.37 -36.03
CA LEU D 286 6.05 20.42 -37.22
C LEU D 286 7.50 20.12 -36.85
N GLU D 287 8.20 19.41 -37.74
CA GLU D 287 9.61 19.15 -37.52
C GLU D 287 10.39 20.46 -37.42
N ASN D 288 9.98 21.47 -38.17
CA ASN D 288 10.58 22.81 -38.10
C ASN D 288 9.48 23.82 -38.34
N PRO D 289 9.01 24.52 -37.30
CA PRO D 289 7.88 25.44 -37.49
C PRO D 289 8.18 26.59 -38.45
N ASN D 290 9.44 26.83 -38.79
CA ASN D 290 9.81 27.94 -39.66
C ASN D 290 9.82 27.55 -41.14
N LYS D 291 10.19 26.32 -41.46
CA LYS D 291 10.22 25.88 -42.85
C LYS D 291 8.80 25.81 -43.41
N GLU D 292 8.63 26.33 -44.63
CA GLU D 292 7.29 26.38 -45.23
C GLU D 292 6.75 24.98 -45.51
N ASP D 293 7.61 24.07 -45.98
CA ASP D 293 7.20 22.72 -46.33
C ASP D 293 7.79 21.72 -45.35
N SER D 294 7.72 22.01 -44.06
CA SER D 294 8.24 21.10 -43.06
C SER D 294 7.29 19.91 -42.87
N PRO D 295 7.82 18.70 -42.72
CA PRO D 295 6.96 17.55 -42.43
C PRO D 295 6.49 17.57 -40.99
N MET D 296 5.58 16.66 -40.68
CA MET D 296 5.04 16.53 -39.34
C MET D 296 5.83 15.50 -38.54
N VAL D 297 6.06 15.81 -37.26
CA VAL D 297 6.74 14.91 -36.34
C VAL D 297 5.74 14.48 -35.28
N VAL D 298 5.68 13.17 -35.02
CA VAL D 298 4.78 12.60 -34.03
C VAL D 298 5.62 11.77 -33.07
N VAL D 299 5.80 12.27 -31.84
CA VAL D 299 6.52 11.54 -30.81
C VAL D 299 5.56 10.51 -30.22
N ALA D 300 5.71 9.26 -30.63
CA ALA D 300 4.86 8.16 -30.17
C ALA D 300 5.74 7.02 -29.69
N GLY D 301 5.44 6.49 -28.51
CA GLY D 301 6.25 5.42 -27.96
C GLY D 301 7.69 5.80 -27.76
N GLY D 302 7.97 7.09 -27.59
CA GLY D 302 9.33 7.56 -27.37
C GLY D 302 10.18 7.66 -28.60
N GLN D 303 9.60 7.57 -29.80
CA GLN D 303 10.36 7.65 -31.05
C GLN D 303 9.64 8.57 -32.02
N LYS D 304 10.40 9.46 -32.65
CA LYS D 304 9.86 10.41 -33.61
C LYS D 304 9.55 9.75 -34.94
N ARG D 305 8.48 10.21 -35.59
CA ARG D 305 8.02 9.66 -36.85
C ARG D 305 7.62 10.78 -37.81
N LYS D 306 7.98 10.61 -39.09
CA LYS D 306 7.71 11.62 -40.10
C LYS D 306 6.40 11.37 -40.82
N TYR D 307 5.69 12.45 -41.16
CA TYR D 307 4.53 12.37 -42.01
C TYR D 307 4.43 13.68 -42.79
N SER D 308 3.77 13.62 -43.95
CA SER D 308 3.48 14.84 -44.69
C SER D 308 2.31 15.58 -44.06
N HIS D 309 1.28 14.85 -43.67
CA HIS D 309 0.11 15.40 -42.98
C HIS D 309 -0.27 14.45 -41.85
N VAL D 310 -0.91 15.00 -40.83
CA VAL D 310 -1.34 14.24 -39.66
C VAL D 310 -2.84 14.43 -39.51
N ILE D 311 -3.55 13.32 -39.35
CA ILE D 311 -4.98 13.31 -39.07
C ILE D 311 -5.15 12.76 -37.66
N SER D 312 -5.50 13.63 -36.72
CA SER D 312 -5.63 13.25 -35.31
C SER D 312 -7.08 12.89 -35.01
N THR D 313 -7.30 11.64 -34.60
CA THR D 313 -8.59 11.21 -34.10
C THR D 313 -8.62 11.12 -32.58
N LEU D 314 -7.61 11.66 -31.90
CA LEU D 314 -7.59 11.63 -30.45
C LEU D 314 -8.72 12.50 -29.90
N PRO D 315 -9.43 12.03 -28.87
CA PRO D 315 -10.43 12.89 -28.24
C PRO D 315 -9.79 14.17 -27.71
N LEU D 316 -10.58 15.24 -27.70
CA LEU D 316 -10.05 16.55 -27.31
C LEU D 316 -9.39 16.53 -25.94
N PRO D 317 -9.97 15.92 -24.90
CA PRO D 317 -9.28 15.91 -23.60
C PRO D 317 -7.94 15.21 -23.64
N VAL D 318 -7.76 14.27 -24.57
CA VAL D 318 -6.48 13.58 -24.69
C VAL D 318 -5.43 14.50 -25.29
N LEU D 319 -5.82 15.31 -26.27
CA LEU D 319 -4.89 16.28 -26.84
C LEU D 319 -4.38 17.24 -25.79
N ARG D 320 -5.16 17.50 -24.75
CA ARG D 320 -4.73 18.40 -23.68
C ARG D 320 -3.59 17.80 -22.86
N THR D 321 -3.36 16.50 -22.95
CA THR D 321 -2.21 15.86 -22.31
C THR D 321 -1.02 15.73 -23.26
N VAL D 322 -1.19 16.08 -24.53
CA VAL D 322 -0.13 16.00 -25.52
C VAL D 322 0.57 17.35 -25.59
N ASP D 323 1.88 17.32 -25.86
CA ASP D 323 2.66 18.54 -25.98
C ASP D 323 2.53 19.07 -27.42
N LEU D 324 1.87 20.21 -27.57
CA LEU D 324 1.62 20.81 -28.87
C LEU D 324 2.42 22.10 -29.07
N LYS D 325 3.58 22.18 -28.42
CA LYS D 325 4.42 23.38 -28.52
C LYS D 325 4.65 23.78 -29.98
N ASN D 326 5.23 22.88 -30.76
CA ASN D 326 5.61 23.20 -32.14
C ASN D 326 4.46 23.06 -33.13
N SER D 327 3.22 22.84 -32.67
CA SER D 327 2.08 22.87 -33.58
C SER D 327 1.49 24.26 -33.72
N LYS D 328 1.82 25.17 -32.82
CA LYS D 328 1.46 26.59 -32.92
C LYS D 328 -0.03 26.74 -33.26
N LEU D 329 -0.86 26.24 -32.36
CA LEU D 329 -2.29 26.46 -32.45
C LEU D 329 -2.62 27.88 -32.00
N ASP D 330 -3.62 28.48 -32.64
CA ASP D 330 -4.01 29.83 -32.27
C ASP D 330 -4.75 29.80 -30.93
N ILE D 331 -5.04 31.00 -30.42
CA ILE D 331 -5.58 31.12 -29.07
C ILE D 331 -6.97 30.51 -28.98
N VAL D 332 -7.72 30.50 -30.08
CA VAL D 332 -9.06 29.93 -30.06
C VAL D 332 -9.00 28.41 -30.07
N GLN D 333 -8.14 27.82 -30.92
CA GLN D 333 -7.97 26.38 -30.91
C GLN D 333 -7.46 25.90 -29.55
N SER D 334 -6.52 26.65 -28.96
CA SER D 334 -6.01 26.30 -27.64
C SER D 334 -7.14 26.23 -26.62
N ASN D 335 -8.04 27.22 -26.64
CA ASN D 335 -9.14 27.23 -25.69
C ASN D 335 -10.21 26.20 -26.03
N ALA D 336 -10.41 25.92 -27.32
CA ALA D 336 -11.42 24.94 -27.71
C ALA D 336 -11.12 23.56 -27.14
N LEU D 337 -9.83 23.18 -27.09
CA LEU D 337 -9.49 21.88 -26.52
C LEU D 337 -9.94 21.77 -25.08
N ARG D 338 -9.94 22.87 -24.34
CA ARG D 338 -10.28 22.86 -22.92
C ARG D 338 -11.78 23.01 -22.67
N LYS D 339 -12.43 23.95 -23.34
CA LYS D 339 -13.81 24.29 -23.01
C LYS D 339 -14.81 23.35 -23.67
N LEU D 340 -14.55 22.92 -24.91
CA LEU D 340 -15.48 22.04 -25.60
C LEU D 340 -15.77 20.82 -24.74
N GLN D 341 -17.02 20.71 -24.28
CA GLN D 341 -17.38 19.81 -23.20
C GLN D 341 -17.65 18.40 -23.72
N TYR D 342 -17.30 17.43 -22.90
CA TYR D 342 -17.62 16.03 -23.13
C TYR D 342 -18.67 15.55 -22.14
N GLY D 343 -19.27 14.41 -22.45
CA GLY D 343 -20.26 13.82 -21.59
C GLY D 343 -19.84 12.45 -21.13
N PRO D 344 -20.34 12.01 -19.97
CA PRO D 344 -20.00 10.69 -19.46
C PRO D 344 -20.99 9.63 -19.92
N SER D 345 -20.64 8.38 -19.65
CA SER D 345 -21.52 7.25 -19.93
C SER D 345 -20.93 6.01 -19.28
N ILE D 346 -21.80 5.15 -18.79
CA ILE D 346 -21.41 3.87 -18.21
C ILE D 346 -22.34 2.81 -18.77
N LYS D 347 -21.84 1.58 -18.85
CA LYS D 347 -22.64 0.43 -19.22
C LYS D 347 -22.30 -0.70 -18.26
N ILE D 348 -23.31 -1.49 -17.90
CA ILE D 348 -23.15 -2.65 -17.05
C ILE D 348 -23.75 -3.84 -17.79
N GLY D 349 -22.92 -4.79 -18.18
CA GLY D 349 -23.38 -6.01 -18.83
C GLY D 349 -23.34 -7.17 -17.86
N ILE D 350 -24.45 -7.91 -17.82
CA ILE D 350 -24.60 -9.06 -16.93
C ILE D 350 -24.90 -10.30 -17.77
N LEU D 351 -24.20 -11.38 -17.46
CA LEU D 351 -24.46 -12.69 -18.06
C LEU D 351 -25.35 -13.48 -17.11
N PHE D 352 -26.50 -13.92 -17.60
CA PHE D 352 -27.45 -14.69 -16.82
C PHE D 352 -27.45 -16.15 -17.27
N LYS D 353 -28.11 -16.99 -16.48
CA LYS D 353 -28.21 -18.40 -16.83
C LYS D 353 -29.15 -18.61 -18.00
N GLU D 354 -30.15 -17.75 -18.17
CA GLU D 354 -31.15 -17.89 -19.20
C GLU D 354 -31.63 -16.50 -19.58
N PRO D 355 -32.23 -16.35 -20.77
CA PRO D 355 -32.88 -15.05 -21.09
C PRO D 355 -34.21 -14.91 -20.36
N TRP D 356 -34.13 -14.72 -19.03
CA TRP D 356 -35.34 -14.68 -18.22
C TRP D 356 -36.30 -13.60 -18.70
N TRP D 357 -35.77 -12.49 -19.22
CA TRP D 357 -36.63 -11.43 -19.72
C TRP D 357 -37.50 -11.89 -20.88
N THR D 358 -37.11 -12.95 -21.58
CA THR D 358 -37.88 -13.47 -22.70
C THR D 358 -38.81 -14.60 -22.29
N THR D 359 -38.38 -15.45 -21.35
CA THR D 359 -39.12 -16.64 -20.98
C THR D 359 -39.64 -16.64 -19.55
N GLY D 360 -39.14 -15.76 -18.69
CA GLY D 360 -39.50 -15.77 -17.29
C GLY D 360 -40.85 -15.11 -17.03
N GLN D 361 -41.14 -14.93 -15.74
CA GLN D 361 -42.37 -14.30 -15.29
C GLN D 361 -42.11 -13.57 -13.98
N ASP D 362 -42.98 -12.61 -13.69
CA ASP D 362 -42.82 -11.74 -12.53
C ASP D 362 -43.34 -12.44 -11.27
N LYS D 363 -43.44 -11.67 -10.18
CA LYS D 363 -43.90 -12.23 -8.91
C LYS D 363 -45.34 -12.74 -8.97
N ASN D 364 -46.11 -12.29 -9.96
CA ASN D 364 -47.52 -12.64 -10.06
C ASN D 364 -47.79 -13.64 -11.18
N GLY D 365 -46.75 -14.16 -11.84
CA GLY D 365 -46.91 -15.16 -12.87
C GLY D 365 -47.01 -14.64 -14.28
N GLU D 366 -47.21 -13.33 -14.46
CA GLU D 366 -47.31 -12.76 -15.80
C GLU D 366 -45.96 -12.76 -16.50
N LYS D 367 -45.92 -13.26 -17.73
CA LYS D 367 -44.68 -13.32 -18.49
C LYS D 367 -44.20 -11.93 -18.85
N PHE D 368 -42.88 -11.73 -18.79
CA PHE D 368 -42.30 -10.48 -19.29
C PHE D 368 -42.49 -10.38 -20.80
N ASP D 369 -42.11 -11.44 -21.52
CA ASP D 369 -42.32 -11.54 -22.96
C ASP D 369 -41.63 -10.37 -23.69
N LEU D 370 -40.37 -10.16 -23.35
CA LEU D 370 -39.56 -9.10 -23.93
C LEU D 370 -38.54 -9.69 -24.89
N VAL D 371 -38.53 -9.19 -26.12
CA VAL D 371 -37.56 -9.58 -27.14
C VAL D 371 -36.93 -8.30 -27.68
N GLY D 372 -35.65 -8.11 -27.41
CA GLY D 372 -35.03 -6.86 -27.80
C GLY D 372 -35.68 -5.70 -27.06
N GLY D 373 -35.51 -4.51 -27.62
CA GLY D 373 -36.11 -3.33 -27.05
C GLY D 373 -35.33 -2.82 -25.85
N GLN D 374 -36.01 -1.96 -25.08
CA GLN D 374 -35.41 -1.34 -23.91
C GLN D 374 -36.49 -1.08 -22.87
N SER D 375 -36.06 -1.02 -21.61
CA SER D 375 -36.92 -0.59 -20.50
C SER D 375 -36.29 0.63 -19.85
N TYR D 376 -37.15 1.50 -19.32
CA TYR D 376 -36.73 2.77 -18.76
C TYR D 376 -37.25 2.91 -17.33
N THR D 377 -36.48 3.63 -16.52
CA THR D 377 -36.83 3.84 -15.12
C THR D 377 -36.08 5.06 -14.62
N ASP D 378 -36.55 5.61 -13.50
CA ASP D 378 -35.84 6.67 -12.80
C ASP D 378 -34.92 6.14 -11.71
N LEU D 379 -34.83 4.82 -11.55
CA LEU D 379 -33.89 4.24 -10.61
C LEU D 379 -32.46 4.41 -11.12
N PRO D 380 -31.47 4.26 -10.23
CA PRO D 380 -30.08 4.54 -10.62
C PRO D 380 -29.63 3.91 -11.94
N ILE D 381 -30.19 2.75 -12.31
CA ILE D 381 -29.77 2.11 -13.57
C ILE D 381 -30.33 2.81 -14.79
N ARG D 382 -31.43 3.56 -14.62
CA ARG D 382 -32.02 4.38 -15.67
C ARG D 382 -32.52 3.57 -16.87
N THR D 383 -31.63 2.89 -17.59
CA THR D 383 -32.00 2.22 -18.82
C THR D 383 -31.55 0.77 -18.80
N VAL D 384 -32.38 -0.12 -19.32
CA VAL D 384 -32.06 -1.52 -19.52
C VAL D 384 -32.28 -1.85 -20.98
N VAL D 385 -31.32 -2.53 -21.60
CA VAL D 385 -31.35 -2.84 -23.02
C VAL D 385 -31.27 -4.36 -23.18
N TYR D 386 -32.32 -4.94 -23.78
CA TYR D 386 -32.33 -6.39 -23.98
C TYR D 386 -31.72 -6.73 -25.34
N PRO D 387 -30.97 -7.83 -25.42
CA PRO D 387 -30.23 -8.13 -26.66
C PRO D 387 -31.16 -8.40 -27.83
N SER D 388 -30.89 -7.75 -28.95
CA SER D 388 -31.55 -8.05 -30.21
C SER D 388 -30.78 -9.06 -31.04
N TYR D 389 -29.50 -9.26 -30.74
CA TYR D 389 -28.68 -10.23 -31.44
C TYR D 389 -28.89 -11.62 -30.84
N GLY D 390 -28.86 -12.64 -31.71
CA GLY D 390 -29.01 -14.01 -31.28
C GLY D 390 -30.44 -14.50 -31.16
N VAL D 391 -31.43 -13.59 -31.22
CA VAL D 391 -32.81 -14.02 -31.17
C VAL D 391 -33.14 -14.86 -32.40
N ASN D 392 -34.06 -15.81 -32.23
CA ASN D 392 -34.47 -16.71 -33.30
C ASN D 392 -33.34 -17.66 -33.70
N THR D 393 -32.55 -18.09 -32.72
CA THR D 393 -31.45 -19.01 -32.94
C THR D 393 -31.52 -20.14 -31.93
N ASN D 394 -30.82 -21.24 -32.24
CA ASN D 394 -30.75 -22.36 -31.32
C ASN D 394 -30.29 -21.91 -29.94
N ALA D 395 -29.38 -20.94 -29.89
CA ALA D 395 -28.78 -20.46 -28.64
C ALA D 395 -29.01 -18.96 -28.53
N PRO D 396 -30.15 -18.52 -28.01
CA PRO D 396 -30.35 -17.08 -27.80
C PRO D 396 -29.38 -16.54 -26.77
N SER D 397 -29.20 -15.22 -26.80
CA SER D 397 -28.22 -14.57 -25.93
C SER D 397 -28.71 -14.55 -24.49
N ASN D 398 -27.79 -14.81 -23.56
CA ASN D 398 -28.06 -14.70 -22.13
C ASN D 398 -27.46 -13.46 -21.50
N THR D 399 -26.94 -12.53 -22.32
CA THR D 399 -26.27 -11.34 -21.82
C THR D 399 -27.21 -10.15 -21.89
N LEU D 400 -27.27 -9.38 -20.81
CA LEU D 400 -28.13 -8.21 -20.70
C LEU D 400 -27.29 -6.98 -20.39
N ILE D 401 -27.68 -5.85 -20.97
CA ILE D 401 -27.12 -4.55 -20.58
C ILE D 401 -28.01 -4.06 -19.45
N ALA D 402 -27.62 -4.40 -18.22
CA ALA D 402 -28.46 -4.13 -17.06
C ALA D 402 -28.52 -2.66 -16.71
N SER D 403 -27.59 -1.85 -17.20
CA SER D 403 -27.60 -0.42 -16.92
C SER D 403 -26.87 0.32 -18.02
N TYR D 404 -27.46 1.43 -18.45
CA TYR D 404 -26.87 2.28 -19.48
C TYR D 404 -27.26 3.71 -19.14
N CYS D 405 -26.31 4.48 -18.59
CA CYS D 405 -26.57 5.79 -18.04
C CYS D 405 -25.84 6.87 -18.83
N TRP D 406 -26.34 8.09 -18.71
CA TRP D 406 -25.69 9.27 -19.27
C TRP D 406 -25.71 10.39 -18.25
N THR D 407 -24.89 11.41 -18.51
CA THR D 407 -24.85 12.67 -17.75
C THR D 407 -24.77 12.35 -16.26
N ASN D 408 -25.64 12.92 -15.41
CA ASN D 408 -25.47 12.81 -13.97
C ASN D 408 -25.63 11.37 -13.50
N ASP D 409 -26.55 10.63 -14.10
CA ASP D 409 -26.75 9.24 -13.72
C ASP D 409 -25.48 8.42 -13.93
N ALA D 410 -24.66 8.80 -14.93
CA ALA D 410 -23.41 8.09 -15.16
C ALA D 410 -22.32 8.54 -14.20
N GLU D 411 -22.27 9.85 -13.89
CA GLU D 411 -21.28 10.35 -12.94
C GLU D 411 -21.44 9.68 -11.58
N ARG D 412 -22.69 9.59 -11.09
CA ARG D 412 -22.93 8.97 -9.80
C ARG D 412 -22.59 7.49 -9.84
N MET D 413 -23.15 6.76 -10.82
CA MET D 413 -22.90 5.33 -10.93
C MET D 413 -21.42 5.03 -11.16
N GLY D 414 -20.72 5.90 -11.88
CA GLY D 414 -19.33 5.62 -12.21
C GLY D 414 -18.44 5.38 -11.00
N SER D 415 -18.74 6.06 -9.89
CA SER D 415 -17.91 5.91 -8.69
C SER D 415 -17.92 4.49 -8.15
N LEU D 416 -18.94 3.70 -8.45
CA LEU D 416 -19.01 2.30 -8.02
C LEU D 416 -18.37 1.35 -9.03
N ILE D 417 -17.85 1.85 -10.13
CA ILE D 417 -17.29 1.04 -11.21
C ILE D 417 -15.79 1.19 -11.20
N GLY D 418 -15.07 0.10 -11.46
CA GLY D 418 -13.63 0.15 -11.56
C GLY D 418 -12.92 0.41 -10.26
N THR D 419 -13.57 0.15 -9.12
CA THR D 419 -12.94 0.39 -7.82
C THR D 419 -11.85 -0.62 -7.51
N GLY D 420 -11.89 -1.81 -8.12
CA GLY D 420 -10.95 -2.86 -7.79
C GLY D 420 -11.16 -3.52 -6.45
N ALA D 421 -12.20 -3.12 -5.71
CA ALA D 421 -12.48 -3.66 -4.39
C ALA D 421 -13.67 -4.61 -4.46
N ALA D 422 -13.53 -5.79 -3.85
CA ALA D 422 -14.62 -6.76 -3.87
C ALA D 422 -15.86 -6.20 -3.19
N THR D 423 -15.67 -5.44 -2.12
CA THR D 423 -16.81 -4.90 -1.38
C THR D 423 -17.71 -4.07 -2.27
N TYR D 424 -17.13 -3.24 -3.14
CA TYR D 424 -17.93 -2.35 -3.98
C TYR D 424 -18.45 -3.06 -5.23
N GLU D 425 -17.73 -4.08 -5.71
CA GLU D 425 -18.27 -4.88 -6.81
C GLU D 425 -19.54 -5.61 -6.39
N GLU D 426 -19.65 -5.97 -5.11
CA GLU D 426 -20.87 -6.59 -4.62
C GLU D 426 -21.97 -5.56 -4.40
N GLN D 427 -21.62 -4.37 -3.89
CA GLN D 427 -22.60 -3.29 -3.79
C GLN D 427 -23.20 -3.01 -5.17
N LEU D 428 -22.35 -2.84 -6.17
CA LEU D 428 -22.82 -2.58 -7.52
C LEU D 428 -23.78 -3.66 -8.00
N GLU D 429 -23.38 -4.92 -7.82
CA GLU D 429 -24.22 -6.03 -8.27
C GLU D 429 -25.57 -6.03 -7.56
N HIS D 430 -25.58 -5.81 -6.24
CA HIS D 430 -26.85 -5.83 -5.51
C HIS D 430 -27.72 -4.65 -5.92
N LEU D 431 -27.12 -3.48 -6.12
CA LEU D 431 -27.89 -2.31 -6.55
C LEU D 431 -28.52 -2.56 -7.91
N VAL D 432 -27.75 -3.09 -8.85
CA VAL D 432 -28.25 -3.32 -10.20
C VAL D 432 -29.37 -4.35 -10.20
N LEU D 433 -29.11 -5.52 -9.60
CA LEU D 433 -30.13 -6.56 -9.55
C LEU D 433 -31.37 -6.07 -8.83
N SER D 434 -31.20 -5.28 -7.76
CA SER D 434 -32.34 -4.78 -7.01
C SER D 434 -33.19 -3.85 -7.88
N ASN D 435 -32.55 -2.99 -8.67
CA ASN D 435 -33.32 -2.12 -9.56
C ASN D 435 -33.98 -2.92 -10.68
N LEU D 436 -33.26 -3.89 -11.26
CA LEU D 436 -33.88 -4.79 -12.22
C LEU D 436 -35.08 -5.50 -11.60
N ALA D 437 -34.97 -5.85 -10.31
CA ALA D 437 -36.07 -6.53 -9.63
C ALA D 437 -37.31 -5.64 -9.55
N ALA D 438 -37.10 -4.35 -9.26
CA ALA D 438 -38.23 -3.44 -9.14
C ALA D 438 -38.83 -3.11 -10.51
N VAL D 439 -37.98 -2.90 -11.52
CA VAL D 439 -38.47 -2.51 -12.83
C VAL D 439 -39.36 -3.60 -13.42
N HIS D 440 -39.01 -4.86 -13.17
CA HIS D 440 -39.71 -5.99 -13.77
C HIS D 440 -40.72 -6.66 -12.83
N ASN D 441 -40.77 -6.24 -11.58
CA ASN D 441 -41.71 -6.80 -10.60
C ASN D 441 -41.35 -8.24 -10.24
N THR D 442 -40.06 -8.48 -10.01
CA THR D 442 -39.57 -9.79 -9.60
C THR D 442 -38.81 -9.66 -8.29
N ASP D 443 -38.60 -10.79 -7.63
CA ASP D 443 -37.82 -10.82 -6.41
C ASP D 443 -36.33 -10.74 -6.73
N TYR D 444 -35.58 -10.13 -5.81
CA TYR D 444 -34.14 -10.03 -6.01
C TYR D 444 -33.51 -11.40 -6.22
N GLN D 445 -33.95 -12.40 -5.44
CA GLN D 445 -33.34 -13.72 -5.54
C GLN D 445 -33.64 -14.38 -6.88
N TYR D 446 -34.77 -14.02 -7.51
CA TYR D 446 -35.08 -14.57 -8.83
C TYR D 446 -33.99 -14.23 -9.83
N LEU D 447 -33.47 -12.99 -9.76
CA LEU D 447 -32.39 -12.59 -10.65
C LEU D 447 -31.03 -13.04 -10.11
N LYS D 448 -30.85 -13.00 -8.79
CA LYS D 448 -29.59 -13.43 -8.20
C LYS D 448 -29.31 -14.90 -8.52
N ASP D 449 -30.34 -15.75 -8.43
CA ASP D 449 -30.16 -17.17 -8.73
C ASP D 449 -29.74 -17.41 -10.17
N ARG D 450 -29.97 -16.45 -11.07
CA ARG D 450 -29.68 -16.62 -12.49
C ARG D 450 -28.44 -15.86 -12.94
N LEU D 451 -27.78 -15.12 -12.05
CA LEU D 451 -26.60 -14.36 -12.42
C LEU D 451 -25.38 -15.27 -12.54
N VAL D 452 -24.48 -14.91 -13.46
CA VAL D 452 -23.28 -15.70 -13.74
C VAL D 452 -22.04 -14.82 -13.71
N ASP D 453 -22.09 -13.69 -14.44
CA ASP D 453 -20.92 -12.82 -14.54
C ASP D 453 -21.38 -11.38 -14.76
N VAL D 454 -20.56 -10.44 -14.31
CA VAL D 454 -20.84 -9.02 -14.43
C VAL D 454 -19.61 -8.32 -15.00
N HIS D 455 -19.86 -7.35 -15.86
CA HIS D 455 -18.81 -6.53 -16.46
C HIS D 455 -19.32 -5.10 -16.51
N SER D 456 -18.58 -4.16 -15.91
CA SER D 456 -18.97 -2.77 -15.87
C SER D 456 -17.88 -1.92 -16.49
N TRP D 457 -18.29 -0.79 -17.06
CA TRP D 457 -17.36 0.09 -17.76
C TRP D 457 -17.81 1.53 -17.60
N ASP D 458 -16.86 2.41 -17.32
CA ASP D 458 -17.09 3.84 -17.12
C ASP D 458 -16.20 4.60 -18.09
N TRP D 459 -16.79 5.11 -19.17
CA TRP D 459 -16.01 5.82 -20.18
C TRP D 459 -15.46 7.15 -19.66
N ASN D 460 -16.04 7.69 -18.59
CA ASN D 460 -15.54 8.93 -18.00
C ASN D 460 -14.37 8.71 -17.07
N HIS D 461 -13.96 7.46 -16.86
CA HIS D 461 -12.79 7.12 -16.06
CA HIS D 461 -12.79 7.12 -16.06
C HIS D 461 -11.86 6.23 -16.86
N ASN D 462 -11.70 6.56 -18.14
CA ASN D 462 -10.87 5.80 -19.08
C ASN D 462 -9.88 6.74 -19.73
N PRO D 463 -8.58 6.62 -19.46
CA PRO D 463 -7.63 7.62 -19.98
C PRO D 463 -7.54 7.66 -21.50
N LEU D 464 -7.99 6.64 -22.22
CA LEU D 464 -7.92 6.65 -23.67
C LEU D 464 -9.07 7.41 -24.30
N THR D 465 -10.11 7.75 -23.54
CA THR D 465 -11.24 8.52 -24.07
C THR D 465 -11.48 9.75 -23.21
N MET D 466 -11.25 9.64 -21.90
CA MET D 466 -11.44 10.76 -20.98
C MET D 466 -12.83 11.37 -21.16
N GLY D 467 -13.82 10.50 -21.17
CA GLY D 467 -15.20 10.87 -21.44
C GLY D 467 -15.81 9.86 -22.40
N ALA D 468 -17.14 9.81 -22.39
CA ALA D 468 -17.84 8.91 -23.30
C ALA D 468 -17.79 9.44 -24.73
N PHE D 469 -18.09 10.72 -24.91
CA PHE D 469 -18.17 11.32 -26.23
C PHE D 469 -18.38 12.82 -26.05
N ALA D 470 -18.28 13.55 -27.17
CA ALA D 470 -18.58 14.96 -27.14
C ALA D 470 -20.03 15.19 -26.75
N PHE D 471 -20.27 16.18 -25.90
CA PHE D 471 -21.62 16.57 -25.50
C PHE D 471 -21.51 18.06 -25.15
N PHE D 472 -21.47 18.88 -26.20
CA PHE D 472 -21.17 20.30 -26.03
C PHE D 472 -22.18 20.98 -25.13
N GLY D 473 -21.70 21.96 -24.37
CA GLY D 473 -22.55 22.82 -23.60
C GLY D 473 -22.96 24.03 -24.40
N PRO D 474 -23.78 24.90 -23.82
CA PRO D 474 -24.24 26.08 -24.56
C PRO D 474 -23.08 26.92 -25.06
N GLY D 475 -23.20 27.40 -26.29
CA GLY D 475 -22.21 28.28 -26.88
C GLY D 475 -21.01 27.61 -27.49
N ASP D 476 -20.81 26.32 -27.25
CA ASP D 476 -19.62 25.65 -27.78
C ASP D 476 -19.63 25.63 -29.31
N PHE D 477 -20.76 25.25 -29.90
CA PHE D 477 -20.82 25.17 -31.36
C PHE D 477 -20.64 26.53 -32.01
N GLN D 478 -21.24 27.57 -31.42
CA GLN D 478 -21.26 28.88 -32.06
C GLN D 478 -19.97 29.67 -31.87
N ASP D 479 -19.11 29.26 -30.94
CA ASP D 479 -17.96 30.06 -30.56
C ASP D 479 -16.62 29.36 -30.72
N LEU D 480 -16.55 28.05 -30.51
CA LEU D 480 -15.27 27.33 -30.53
C LEU D 480 -15.21 26.17 -31.51
N TYR D 481 -16.34 25.65 -31.96
CA TYR D 481 -16.34 24.46 -32.80
C TYR D 481 -15.63 24.71 -34.13
N THR D 482 -15.86 25.86 -34.75
CA THR D 482 -15.28 26.10 -36.07
C THR D 482 -13.76 26.16 -36.02
N SER D 483 -13.20 26.65 -34.91
CA SER D 483 -11.74 26.81 -34.83
C SER D 483 -11.02 25.49 -35.08
N LEU D 484 -11.56 24.39 -34.56
CA LEU D 484 -10.95 23.09 -34.76
C LEU D 484 -11.31 22.45 -36.09
N ASN D 485 -12.29 23.02 -36.81
CA ASN D 485 -12.62 22.52 -38.14
C ASN D 485 -11.64 23.01 -39.20
N ARG D 486 -10.77 24.00 -38.86
CA ARG D 486 -9.65 24.37 -39.70
C ARG D 486 -8.36 23.81 -39.12
N PRO D 487 -7.37 23.50 -39.95
CA PRO D 487 -6.19 22.80 -39.47
C PRO D 487 -5.25 23.74 -38.70
N ALA D 488 -4.25 23.12 -38.09
CA ALA D 488 -3.17 23.84 -37.42
C ALA D 488 -1.84 23.35 -37.99
N ALA D 489 -0.73 23.81 -37.43
CA ALA D 489 0.60 23.40 -37.89
C ALA D 489 0.76 23.67 -39.39
N ASN D 490 0.55 24.94 -39.76
CA ASN D 490 0.69 25.39 -41.13
C ASN D 490 -0.15 24.55 -42.10
N GLY D 491 -1.32 24.12 -41.63
CA GLY D 491 -2.24 23.37 -42.46
C GLY D 491 -1.91 21.91 -42.65
N LYS D 492 -0.94 21.37 -41.92
CA LYS D 492 -0.55 19.97 -42.07
C LYS D 492 -1.08 19.10 -40.92
N LEU D 493 -1.77 19.69 -39.95
CA LEU D 493 -2.36 18.97 -38.83
C LEU D 493 -3.87 19.13 -38.90
N HIS D 494 -4.57 18.02 -39.11
CA HIS D 494 -6.02 18.02 -39.24
C HIS D 494 -6.63 17.34 -38.02
N PHE D 495 -7.56 18.04 -37.36
CA PHE D 495 -8.25 17.49 -36.21
C PHE D 495 -9.47 16.72 -36.67
N ALA D 496 -9.65 15.51 -36.15
CA ALA D 496 -10.77 14.67 -36.48
C ALA D 496 -11.20 13.90 -35.23
N GLY D 497 -12.18 13.03 -35.41
CA GLY D 497 -12.82 12.35 -34.31
C GLY D 497 -14.26 12.79 -34.15
N GLU D 498 -15.04 11.96 -33.45
CA GLU D 498 -16.47 12.22 -33.33
C GLU D 498 -16.75 13.61 -32.79
N ALA D 499 -15.84 14.16 -31.98
CA ALA D 499 -16.04 15.49 -31.44
C ALA D 499 -16.09 16.53 -32.55
N LEU D 500 -15.31 16.35 -33.61
CA LEU D 500 -15.26 17.29 -34.72
C LEU D 500 -16.33 16.94 -35.77
N SER D 501 -17.59 17.06 -35.34
CA SER D 501 -18.73 16.78 -36.21
C SER D 501 -19.99 17.26 -35.51
N VAL D 502 -21.10 17.21 -36.25
CA VAL D 502 -22.41 17.53 -35.70
C VAL D 502 -23.22 16.28 -35.40
N ARG D 503 -22.57 15.11 -35.41
CA ARG D 503 -23.22 13.87 -34.99
C ARG D 503 -22.46 13.25 -33.83
N HIS D 504 -22.32 13.99 -32.73
CA HIS D 504 -21.61 13.50 -31.57
C HIS D 504 -22.22 12.19 -31.07
N ALA D 505 -21.38 11.33 -30.52
CA ALA D 505 -21.76 10.05 -29.95
C ALA D 505 -22.28 9.07 -30.99
N TRP D 506 -21.92 9.27 -32.26
CA TRP D 506 -22.30 8.37 -33.34
C TRP D 506 -21.07 8.04 -34.18
N VAL D 507 -21.07 6.82 -34.73
CA VAL D 507 -19.98 6.42 -35.61
C VAL D 507 -19.94 7.32 -36.84
N VAL D 508 -21.11 7.68 -37.37
CA VAL D 508 -21.16 8.53 -38.56
C VAL D 508 -20.45 9.85 -38.30
N GLY D 509 -20.45 10.31 -37.04
CA GLY D 509 -19.72 11.53 -36.73
C GLY D 509 -18.22 11.39 -36.92
N ALA D 510 -17.66 10.25 -36.49
CA ALA D 510 -16.24 10.00 -36.71
C ALA D 510 -15.95 9.89 -38.20
N LEU D 511 -16.86 9.29 -38.96
CA LEU D 511 -16.68 9.17 -40.40
C LEU D 511 -16.70 10.55 -41.05
N ASP D 512 -17.65 11.41 -40.67
CA ASP D 512 -17.71 12.76 -41.23
C ASP D 512 -16.42 13.52 -40.94
N SER D 513 -15.89 13.40 -39.72
CA SER D 513 -14.66 14.10 -39.37
C SER D 513 -13.49 13.59 -40.20
N ALA D 514 -13.42 12.27 -40.40
CA ALA D 514 -12.38 11.71 -41.26
C ALA D 514 -12.56 12.17 -42.70
N TRP D 515 -13.80 12.16 -43.20
CA TRP D 515 -14.07 12.66 -44.54
C TRP D 515 -13.56 14.08 -44.70
N ARG D 516 -13.89 14.97 -43.75
CA ARG D 516 -13.42 16.34 -43.84
C ARG D 516 -11.89 16.39 -43.73
N ALA D 517 -11.30 15.52 -42.92
CA ALA D 517 -9.84 15.50 -42.80
C ALA D 517 -9.20 15.05 -44.11
N VAL D 518 -9.72 13.98 -44.71
CA VAL D 518 -9.21 13.55 -46.01
C VAL D 518 -9.55 14.58 -47.08
N TYR D 519 -10.77 15.13 -47.03
CA TYR D 519 -11.17 16.16 -47.98
C TYR D 519 -10.20 17.34 -47.92
N ASN D 520 -9.90 17.83 -46.72
CA ASN D 520 -8.97 18.94 -46.59
C ASN D 520 -7.55 18.54 -46.97
N TYR D 521 -7.17 17.29 -46.67
CA TYR D 521 -5.83 16.83 -47.03
C TYR D 521 -5.64 16.84 -48.55
N LEU D 522 -6.59 16.28 -49.28
CA LEU D 522 -6.51 16.28 -50.75
C LEU D 522 -6.42 17.71 -51.27
N TYR D 523 -7.15 18.64 -50.66
CA TYR D 523 -7.12 20.03 -51.12
C TYR D 523 -5.71 20.62 -51.06
N VAL D 524 -4.91 20.22 -50.07
CA VAL D 524 -3.62 20.87 -49.87
C VAL D 524 -2.47 20.14 -50.56
N THR D 525 -2.67 18.89 -50.98
CA THR D 525 -1.60 18.11 -51.59
C THR D 525 -1.94 17.60 -52.98
N ASP D 526 -3.14 17.06 -53.20
CA ASP D 526 -3.49 16.40 -54.46
C ASP D 526 -4.96 16.64 -54.77
N PRO D 527 -5.32 17.88 -55.12
CA PRO D 527 -6.73 18.16 -55.45
C PRO D 527 -7.25 17.42 -56.67
N ALA D 528 -6.37 16.86 -57.50
CA ALA D 528 -6.81 16.14 -58.67
C ALA D 528 -7.66 14.91 -58.34
N LYS D 529 -7.57 14.39 -57.13
CA LYS D 529 -8.30 13.19 -56.74
C LYS D 529 -9.65 13.50 -56.10
N LEU D 530 -10.00 14.77 -55.92
CA LEU D 530 -11.29 15.10 -55.33
C LEU D 530 -12.47 14.54 -56.13
N PRO D 531 -12.50 14.61 -57.47
CA PRO D 531 -13.65 14.02 -58.17
C PRO D 531 -13.84 12.54 -57.90
N LYS D 532 -12.76 11.75 -57.94
CA LYS D 532 -12.88 10.34 -57.60
C LYS D 532 -13.24 10.16 -56.12
N PHE D 533 -12.69 11.03 -55.26
CA PHE D 533 -13.06 10.99 -53.85
C PHE D 533 -14.56 11.18 -53.66
N PHE D 534 -15.13 12.18 -54.34
CA PHE D 534 -16.58 12.38 -54.25
C PHE D 534 -17.33 11.19 -54.83
N GLU D 535 -16.84 10.62 -55.93
CA GLU D 535 -17.55 9.52 -56.56
C GLU D 535 -17.55 8.29 -55.67
N LEU D 536 -16.50 8.10 -54.87
CA LEU D 536 -16.38 6.92 -54.01
C LEU D 536 -16.95 7.13 -52.61
N TRP D 537 -16.86 8.34 -52.07
CA TRP D 537 -17.18 8.58 -50.66
C TRP D 537 -18.18 9.72 -50.45
N GLY D 538 -18.76 10.26 -51.51
CA GLY D 538 -19.80 11.26 -51.38
C GLY D 538 -19.29 12.66 -51.67
N LYS D 539 -20.19 13.50 -52.16
CA LYS D 539 -19.84 14.88 -52.53
C LYS D 539 -19.72 15.80 -51.32
N ASN D 540 -20.36 15.46 -50.21
CA ASN D 540 -20.31 16.27 -49.00
C ASN D 540 -20.28 15.35 -47.78
N ALA D 541 -19.74 15.87 -46.68
CA ALA D 541 -19.72 15.11 -45.44
C ALA D 541 -21.13 14.81 -44.97
N GLU D 542 -21.99 15.83 -44.98
CA GLU D 542 -23.30 15.77 -44.35
C GLU D 542 -24.44 15.92 -45.34
N TRP D 543 -24.34 16.86 -46.28
CA TRP D 543 -25.38 17.05 -47.28
C TRP D 543 -25.66 15.74 -48.01
N PHE D 544 -26.94 15.42 -48.17
CA PHE D 544 -27.33 14.16 -48.80
C PHE D 544 -26.83 14.11 -50.24
PA FAD E . 35.02 -6.34 19.36
O1A FAD E . 36.20 -6.52 18.44
O2A FAD E . 33.94 -7.36 19.46
O5B FAD E . 35.70 -6.09 20.82
C5B FAD E . 34.95 -6.27 22.00
C4B FAD E . 35.91 -6.75 23.08
O4B FAD E . 35.23 -6.79 24.33
C3B FAD E . 36.50 -8.13 22.83
O3B FAD E . 37.86 -8.11 23.16
C2B FAD E . 35.74 -9.01 23.83
O2B FAD E . 36.49 -10.13 24.17
C1B FAD E . 35.51 -8.01 24.97
N9A FAD E . 34.44 -8.34 25.88
C8A FAD E . 33.25 -8.95 25.60
N7A FAD E . 32.50 -9.11 26.64
C5A FAD E . 33.21 -8.55 27.67
C6A FAD E . 32.96 -8.40 29.04
N6A FAD E . 31.84 -8.81 29.63
N1A FAD E . 33.90 -7.80 29.78
C2A FAD E . 35.03 -7.38 29.20
N3A FAD E . 35.37 -7.47 27.94
C4A FAD E . 34.43 -8.07 27.21
N1 FAD E . 35.55 -5.15 9.25
C2 FAD E . 36.28 -4.66 8.20
O2 FAD E . 36.69 -3.52 8.17
N3 FAD E . 36.56 -5.51 7.14
C4 FAD E . 36.17 -6.82 7.02
O4 FAD E . 36.45 -7.52 6.06
C4X FAD E . 35.37 -7.30 8.17
N5 FAD E . 34.97 -8.52 8.15
C5X FAD E . 34.25 -8.97 9.19
C6 FAD E . 33.81 -10.31 9.15
C7 FAD E . 33.07 -10.86 10.16
C7M FAD E . 32.62 -12.29 10.09
C8 FAD E . 32.76 -10.04 11.27
C8M FAD E . 31.95 -10.59 12.40
C9 FAD E . 33.18 -8.72 11.33
C9A FAD E . 33.93 -8.15 10.30
N10 FAD E . 34.39 -6.85 10.29
C10 FAD E . 35.12 -6.37 9.24
C1' FAD E . 34.10 -5.92 11.40
C2' FAD E . 35.17 -5.85 12.49
O2' FAD E . 35.68 -7.13 12.69
C3' FAD E . 34.47 -5.27 13.74
O3' FAD E . 33.61 -4.23 13.28
C4' FAD E . 35.44 -4.69 14.79
O4' FAD E . 36.48 -5.61 14.96
C5' FAD E . 34.67 -4.44 16.08
O5' FAD E . 35.52 -3.92 17.08
P FAD E . 34.86 -3.48 18.51
O1P FAD E . 36.01 -3.02 19.35
O2P FAD E . 33.63 -2.65 18.29
O3P FAD E . 34.27 -4.93 19.06
H51A FAD E . 34.24 -6.91 21.87
H52A FAD E . 34.54 -5.43 22.27
H4B FAD E . 36.64 -6.10 23.17
H3B FAD E . 36.34 -8.41 21.92
HO3A FAD E . 38.19 -8.89 23.04
H2B FAD E . 34.87 -9.25 23.45
HO2A FAD E . 35.96 -10.74 24.44
H1B FAD E . 36.30 -7.96 25.53
H8A FAD E . 33.03 -9.22 24.74
H61A FAD E . 31.30 -9.33 29.22
H62A FAD E . 31.65 -8.57 30.44
H2A FAD E . 35.63 -6.97 29.76
HN3 FAD E . 37.02 -5.19 6.49
H6 FAD E . 34.04 -10.81 8.40
HM71 FAD E . 33.23 -12.87 10.56
HM72 FAD E . 32.57 -12.59 9.17
HM73 FAD E . 31.74 -12.39 10.49
HM81 FAD E . 31.11 -10.95 12.09
HM82 FAD E . 31.74 -9.91 13.06
HM83 FAD E . 32.42 -11.30 12.87
H9 FAD E . 32.95 -8.22 12.07
H1'1 FAD E . 33.25 -6.19 11.77
H1'2 FAD E . 33.98 -5.04 10.99
H2' FAD E . 35.89 -5.26 12.21
HO2' FAD E . 36.06 -7.12 13.44
H3' FAD E . 34.00 -5.99 14.15
HO3' FAD E . 34.01 -3.49 13.33
H4' FAD E . 35.79 -3.85 14.47
HO4' FAD E . 36.69 -5.73 15.77
H5'1 FAD E . 33.94 -3.81 15.93
H5'2 FAD E . 34.27 -5.27 16.40
S SO4 F . 15.59 10.32 22.37
O1 SO4 F . 16.13 11.56 21.73
O2 SO4 F . 14.12 10.21 22.06
O3 SO4 F . 16.31 9.12 21.83
O4 SO4 F . 15.77 10.40 23.85
S SO4 G . 29.88 -38.90 18.38
O1 SO4 G . 29.23 -37.67 17.80
O2 SO4 G . 30.30 -39.81 17.28
O3 SO4 G . 31.08 -38.48 19.19
O4 SO4 G . 28.90 -39.60 19.28
S SO4 H . 44.92 -31.72 -11.22
O1 SO4 H . 45.49 -31.05 -12.44
O2 SO4 H . 44.90 -33.21 -11.43
O3 SO4 H . 45.77 -31.39 -10.03
O4 SO4 H . 43.52 -31.23 -10.99
S SO4 I . 26.88 -12.41 -14.30
O1 SO4 I . 28.21 -12.52 -13.63
O2 SO4 I . 25.93 -11.65 -13.42
O3 SO4 I . 26.33 -13.77 -14.57
O4 SO4 I . 27.04 -11.67 -15.61
S SO4 J . 33.99 21.24 9.98
O1 SO4 J . 34.37 22.53 10.63
O2 SO4 J . 33.03 21.51 8.85
O3 SO4 J . 35.23 20.58 9.43
O4 SO4 J . 33.35 20.34 10.98
S SO4 K . 37.03 -13.56 20.77
O1 SO4 K . 36.19 -14.61 21.42
O2 SO4 K . 36.26 -12.27 20.73
O3 SO4 K . 38.29 -13.37 21.57
O4 SO4 K . 37.36 -13.99 19.38
S SO4 L . 39.67 -6.12 -7.56
O1 SO4 L . 38.18 -6.13 -7.39
O2 SO4 L . 40.04 -5.08 -8.55
O3 SO4 L . 40.31 -5.81 -6.24
O4 SO4 L . 40.12 -7.46 -8.04
S SO4 M . 42.17 -37.05 -7.66
O1 SO4 M . 40.97 -37.38 -8.47
O2 SO4 M . 42.87 -35.86 -8.25
O3 SO4 M . 41.76 -36.74 -6.25
O4 SO4 M . 43.11 -38.21 -7.65
C1 PGO N . 32.04 -20.84 19.09
C2 PGO N . 31.30 -21.32 17.86
C3 PGO N . 30.26 -22.39 18.16
O1 PGO N . 32.84 -19.73 18.77
O2 PGO N . 32.27 -21.77 16.93
H11 PGO N . 31.38 -20.61 19.78
H12 PGO N . 32.57 -21.57 19.44
H2 PGO N . 30.82 -20.55 17.52
H31 PGO N . 30.06 -22.91 17.36
H32 PGO N . 29.43 -21.99 18.47
H33 PGO N . 30.57 -23.00 18.85
HO1 PGO N . 33.65 -19.94 18.91
HO2 PGO N . 31.90 -21.82 16.17
PA FAD O . 10.12 -32.71 14.72
O1A FAD O . 9.39 -33.03 16.01
O2A FAD O . 11.32 -31.82 14.69
O5B FAD O . 10.51 -34.17 14.11
C5B FAD O . 11.52 -34.28 13.14
C4B FAD O . 12.22 -35.63 13.34
O4B FAD O . 13.16 -35.81 12.27
C3B FAD O . 12.99 -35.74 14.65
O3B FAD O . 12.74 -37.03 15.18
C2B FAD O . 14.44 -35.61 14.20
O2B FAD O . 15.30 -36.26 15.09
C1B FAD O . 14.38 -36.25 12.81
N9A FAD O . 15.45 -35.89 11.92
C8A FAD O . 16.11 -34.68 11.83
N7A FAD O . 17.03 -34.67 10.91
C5A FAD O . 17.00 -35.93 10.37
C6A FAD O . 17.73 -36.56 9.35
N6A FAD O . 18.70 -35.96 8.66
N1A FAD O . 17.43 -37.83 9.07
C2A FAD O . 16.46 -38.45 9.74
N3A FAD O . 15.72 -37.97 10.71
C4A FAD O . 16.02 -36.70 10.99
N1 FAD O . 3.51 -26.98 20.08
C2 FAD O . 2.35 -26.94 20.77
O2 FAD O . 1.31 -27.40 20.35
N3 FAD O . 2.36 -26.34 22.03
C4 FAD O . 3.43 -25.77 22.65
O4 FAD O . 3.38 -25.26 23.75
C4X FAD O . 4.67 -25.83 21.86
N5 FAD O . 5.74 -25.33 22.37
C5X FAD O . 6.87 -25.39 21.65
C6 FAD O . 8.03 -24.83 22.22
C7 FAD O . 9.23 -24.84 21.57
C7M FAD O . 10.46 -24.24 22.20
C8 FAD O . 9.29 -25.45 20.29
C8M FAD O . 10.56 -25.49 19.51
C9 FAD O . 8.16 -26.00 19.72
C9A FAD O . 6.92 -25.99 20.38
N10 FAD O . 5.76 -26.53 19.86
C10 FAD O . 4.60 -26.47 20.57
C1' FAD O . 5.71 -27.16 18.53
C2' FAD O . 5.94 -28.67 18.47
O2' FAD O . 6.90 -29.04 19.40
C3' FAD O . 6.37 -28.96 17.02
O3' FAD O . 5.59 -28.14 16.17
C4' FAD O . 6.22 -30.43 16.58
O4' FAD O . 6.71 -31.24 17.61
C5' FAD O . 6.97 -30.63 15.27
O5' FAD O . 6.84 -31.96 14.83
P FAD O . 7.47 -32.37 13.38
O1P FAD O . 7.22 -33.83 13.22
O2P FAD O . 7.06 -31.35 12.36
O3P FAD O . 9.08 -32.08 13.63
H51A FAD O . 12.16 -33.56 13.22
H52A FAD O . 11.15 -34.22 12.24
H4B FAD O . 11.56 -36.34 13.28
H3B FAD O . 12.74 -35.03 15.26
HO3A FAD O . 13.14 -37.08 15.93
H2B FAD O . 14.65 -34.67 14.11
HO2A FAD O . 15.02 -36.13 15.89
H1B FAD O . 14.44 -37.22 12.90
H8A FAD O . 15.87 -33.96 12.37
H61A FAD O . 18.98 -35.19 8.90
H62A FAD O . 19.06 -36.34 7.98
H2A FAD O . 16.30 -39.32 9.50
HN3 FAD O . 1.60 -26.31 22.46
H6 FAD O . 7.95 -24.45 23.07
HM71 FAD O . 11.01 -24.91 22.62
HM72 FAD O . 10.23 -23.58 22.86
HM73 FAD O . 11.02 -23.80 21.53
HM81 FAD O . 10.75 -24.66 19.07
HM82 FAD O . 10.56 -26.19 18.83
HM83 FAD O . 11.32 -25.68 20.09
H9 FAD O . 8.24 -26.38 18.88
H1'1 FAD O . 6.38 -26.71 18.00
H1'2 FAD O . 4.85 -26.94 18.16
H2' FAD O . 5.11 -29.12 18.67
HO2' FAD O . 7.23 -29.77 19.13
H3' FAD O . 7.32 -28.74 16.97
HO3' FAD O . 4.92 -28.58 15.90
H4' FAD O . 5.27 -30.61 16.45
HO4' FAD O . 7.21 -31.86 17.34
H5'1 FAD O . 6.62 -30.03 14.60
H5'2 FAD O . 7.91 -30.43 15.39
S SO4 P . -1.84 -5.15 33.21
O1 SO4 P . -3.10 -4.83 33.96
O2 SO4 P . -1.12 -3.87 32.86
O3 SO4 P . -0.96 -6.01 34.06
O4 SO4 P . -2.20 -5.88 31.95
S SO4 Q . -16.50 -29.97 3.19
O1 SO4 Q . -16.88 -30.86 4.33
O2 SO4 Q . -17.63 -29.88 2.22
O3 SO4 Q . -16.17 -28.61 3.71
O4 SO4 Q . -15.29 -30.52 2.49
S SO4 R . 4.59 -21.41 -7.82
O1 SO4 R . 3.25 -22.09 -7.81
O2 SO4 R . 4.55 -20.23 -6.89
O3 SO4 R . 5.64 -22.38 -7.36
O4 SO4 R . 4.91 -20.94 -9.21
S SO4 S . -6.00 -19.88 32.89
O1 SO4 S . -7.24 -20.15 33.68
O2 SO4 S . -6.14 -18.58 32.16
O3 SO4 S . -4.82 -19.82 33.81
O4 SO4 S . -5.80 -20.99 31.89
S SO4 T . -10.14 -29.72 35.70
O1 SO4 T . -11.62 -29.79 35.41
O2 SO4 T . -9.58 -28.45 35.13
O3 SO4 T . -9.93 -29.73 37.19
O4 SO4 T . -9.46 -30.89 35.09
S SO4 U . 0.21 12.92 26.99
O1 SO4 U . -0.74 13.40 28.05
O2 SO4 U . -0.56 12.25 25.90
O3 SO4 U . 0.95 14.11 26.43
O4 SO4 U . 1.19 11.97 27.59
S SO4 V . 22.44 -27.24 23.03
O1 SO4 V . 21.09 -26.98 22.44
O2 SO4 V . 23.29 -26.02 22.92
O3 SO4 V . 22.29 -27.62 24.47
O4 SO4 V . 23.10 -28.37 22.28
S SO4 W . 16.77 -16.57 53.58
O1 SO4 W . 15.36 -17.06 53.69
O2 SO4 W . 16.77 -15.20 52.97
O3 SO4 W . 17.38 -16.52 54.95
O4 SO4 W . 17.56 -17.51 52.71
PA FAD X . -19.05 13.50 4.56
O1A FAD X . -17.86 14.15 5.22
O2A FAD X . -18.98 12.96 3.17
O5B FAD X . -19.50 12.32 5.59
C5B FAD X . -20.31 11.26 5.14
C4B FAD X . -19.96 10.00 5.93
O4B FAD X . -20.88 8.96 5.56
C3B FAD X . -18.56 9.46 5.66
O3B FAD X . -18.00 9.06 6.89
C2B FAD X . -18.82 8.26 4.77
O2B FAD X . -17.80 7.31 4.89
C1B FAD X . -20.17 7.79 5.31
N9A FAD X . -20.94 6.97 4.42
C8A FAD X . -21.04 7.07 3.04
N7A FAD X . -21.83 6.18 2.52
C5A FAD X . -22.29 5.45 3.60
C6A FAD X . -23.17 4.37 3.73
N6A FAD X . -23.77 3.79 2.68
N1A FAD X . -23.40 3.90 4.96
C2A FAD X . -22.81 4.46 6.00
N3A FAD X . -21.97 5.48 6.01
C4A FAD X . -21.75 5.94 4.78
N1 FAD X . -15.03 22.89 3.39
C2 FAD X . -14.45 23.97 3.95
O2 FAD X . -14.95 24.58 4.87
N3 FAD X . -13.21 24.41 3.46
C4 FAD X . -12.51 23.85 2.44
O4 FAD X . -11.44 24.28 2.05
C4X FAD X . -13.18 22.68 1.84
N5 FAD X . -12.57 22.09 0.87
C5X FAD X . -13.16 21.00 0.32
C6 FAD X . -12.50 20.37 -0.73
C7 FAD X . -13.01 19.27 -1.36
C7M FAD X . -12.28 18.61 -2.48
C8 FAD X . -14.26 18.77 -0.91
C8M FAD X . -14.88 17.56 -1.54
C9 FAD X . -14.92 19.39 0.15
C9A FAD X . -14.40 20.52 0.78
N10 FAD X . -15.03 21.16 1.84
C10 FAD X . -14.44 22.26 2.40
C1' FAD X . -16.33 20.72 2.34
C2' FAD X . -16.30 19.69 3.47
O2' FAD X . -15.25 18.81 3.24
C3' FAD X . -17.67 18.99 3.48
O3' FAD X . -18.66 19.97 3.26
C4' FAD X . -17.98 18.26 4.81
O4' FAD X . -16.82 17.56 5.17
C5' FAD X . -19.18 17.35 4.57
O5' FAD X . -19.50 16.63 5.74
P FAD X . -20.79 15.63 5.73
O1P FAD X . -20.83 14.99 7.07
O2P FAD X . -21.97 16.30 5.10
O3P FAD X . -20.35 14.49 4.59
H51A FAD X . -21.25 11.48 5.26
H52A FAD X . -20.18 11.11 4.19
H4B FAD X . -20.07 10.17 6.88
H3B FAD X . -18.02 10.13 5.21
HO3A FAD X . -17.24 8.73 6.75
H2B FAD X . -18.92 8.56 3.85
HO2A FAD X . -17.06 7.72 4.98
H1B FAD X . -20.03 7.24 6.09
H8A FAD X . -20.57 7.70 2.56
H61A FAD X . -24.27 3.11 2.80
H62A FAD X . -23.66 4.09 1.89
H2A FAD X . -23.02 4.10 6.83
HN3 FAD X . -12.88 25.11 3.84
H6 FAD X . -11.67 20.73 -1.01
HM71 FAD X . -11.34 18.85 -2.49
HM72 FAD X . -12.34 17.64 -2.44
HM73 FAD X . -12.65 18.87 -3.35
HM81 FAD X . -14.23 16.86 -1.65
HM82 FAD X . -15.60 17.21 -1.00
HM83 FAD X . -15.24 17.77 -2.41
H9 FAD X . -15.74 19.03 0.41
H1'1 FAD X . -16.80 21.52 2.63
H1'2 FAD X . -16.81 20.36 1.58
H2' FAD X . -16.18 20.16 4.31
HO2' FAD X . -14.54 19.22 3.45
H3' FAD X . -17.64 18.34 2.77
HO3' FAD X . -19.29 19.64 2.79
H4' FAD X . -18.19 18.91 5.50
HO4' FAD X . -16.86 16.73 5.02
H5'1 FAD X . -18.98 16.72 3.86
H5'2 FAD X . -19.95 17.87 4.29
S SO4 Y . -3.95 40.71 -12.31
O1 SO4 Y . -4.49 39.59 -11.48
O2 SO4 Y . -4.27 40.47 -13.75
O3 SO4 Y . -4.57 41.99 -11.85
O4 SO4 Y . -2.47 40.78 -12.14
S SO4 Z . -42.77 21.03 -2.66
O1 SO4 Z . -42.08 22.11 -3.43
O2 SO4 Z . -43.47 20.10 -3.60
O3 SO4 Z . -41.75 20.25 -1.86
O4 SO4 Z . -43.76 21.64 -1.71
S SO4 AA . -2.11 34.79 14.58
O1 SO4 AA . -3.40 34.77 15.34
O2 SO4 AA . -2.31 35.40 13.23
O3 SO4 AA . -1.09 35.58 15.35
O4 SO4 AA . -1.61 33.37 14.42
S SO4 BA . -4.06 36.31 2.69
O1 SO4 BA . -4.73 35.03 3.11
O2 SO4 BA . -4.28 36.53 1.23
O3 SO4 BA . -2.59 36.22 2.97
O4 SO4 BA . -4.65 37.45 3.47
PA FAD CA . -12.06 6.58 -30.62
O1A FAD CA . -12.85 5.40 -31.13
O2A FAD CA . -11.99 6.92 -29.16
O5B FAD CA . -10.55 6.34 -31.20
C5B FAD CA . -9.47 7.01 -30.61
C4B FAD CA . -8.25 6.12 -30.69
O4B FAD CA . -7.12 6.85 -30.21
C3B FAD CA . -8.36 4.85 -29.86
O3B FAD CA . -7.83 3.77 -30.61
C2B FAD CA . -7.48 5.15 -28.66
O2B FAD CA . -6.98 3.98 -28.10
C1B FAD CA . -6.41 6.05 -29.31
N9A FAD CA . -5.70 6.90 -28.40
C8A FAD CA . -6.17 7.52 -27.28
N7A FAD CA . -5.27 8.23 -26.66
C5A FAD CA . -4.14 8.09 -27.43
C6A FAD CA . -2.84 8.60 -27.31
N6A FAD CA . -2.45 9.41 -26.33
N1A FAD CA . -1.96 8.26 -28.25
C2A FAD CA . -2.33 7.45 -29.25
N3A FAD CA . -3.51 6.91 -29.46
C4A FAD CA . -4.38 7.27 -28.52
N1 FAD CA . -22.15 5.28 -32.18
C2 FAD CA . -23.15 4.79 -32.94
O2 FAD CA . -23.23 4.99 -34.13
N3 FAD CA . -24.16 4.02 -32.33
C4 FAD CA . -24.23 3.72 -31.01
O4 FAD CA . -25.12 3.05 -30.54
C4X FAD CA . -23.13 4.28 -30.21
N5 FAD CA . -23.12 4.03 -28.94
C5X FAD CA . -22.12 4.53 -28.19
C6 FAD CA . -22.13 4.25 -26.82
C7 FAD CA . -21.15 4.72 -25.98
C7M FAD CA . -21.17 4.42 -24.51
C8 FAD CA . -20.11 5.49 -26.55
C8M FAD CA . -19.03 6.03 -25.66
C9 FAD CA . -20.08 5.78 -27.90
C9A FAD CA . -21.09 5.31 -28.76
N10 FAD CA . -21.10 5.54 -30.12
C10 FAD CA . -22.12 5.06 -30.89
C1' FAD CA . -20.08 6.38 -30.76
C2' FAD CA . -18.82 5.68 -31.28
O2' FAD CA . -18.47 4.67 -30.37
C3' FAD CA . -17.75 6.77 -31.42
O3' FAD CA . -18.40 7.92 -31.96
C4' FAD CA . -16.56 6.42 -32.33
O4' FAD CA . -16.15 5.11 -32.00
C5' FAD CA . -15.46 7.45 -32.14
O5' FAD CA . -14.35 7.16 -32.97
P FAD CA . -13.04 8.12 -32.94
O1P FAD CA . -12.05 7.51 -33.89
O2P FAD CA . -13.45 9.56 -33.03
O3P FAD CA . -12.50 7.94 -31.39
H51A FAD CA . -9.31 7.85 -31.05
H52A FAD CA . -9.67 7.22 -29.68
H4B FAD CA . -8.07 5.89 -31.62
H3B FAD CA . -9.28 4.69 -29.58
HO3A FAD CA . -7.92 3.06 -30.16
H2B FAD CA . -7.98 5.67 -28.02
HO2A FAD CA . -6.78 4.11 -27.27
H1B FAD CA . -5.74 5.48 -29.74
H8A FAD CA . -7.05 7.41 -27.00
H61A FAD CA . -1.64 9.70 -26.31
H62A FAD CA . -2.99 9.64 -25.70
H2A FAD CA . -1.67 7.26 -29.87
HN3 FAD CA . -24.78 3.73 -32.85
H6 FAD CA . -22.83 3.73 -26.49
HM71 FAD CA . -21.87 3.77 -24.29
HM72 FAD CA . -21.33 5.21 -24.00
HM73 FAD CA . -20.33 4.04 -24.22
HM81 FAD CA . -19.35 6.71 -25.06
HM82 FAD CA . -18.31 6.43 -26.18
HM83 FAD CA . -18.63 5.32 -25.12
H9 FAD CA . -19.39 6.29 -28.22
H1'1 FAD CA . -20.53 6.83 -31.50
H1'2 FAD CA . -19.83 7.05 -30.12
H2' FAD CA . -18.99 5.28 -32.15
HO2' FAD CA . -19.03 4.06 -30.47
H3' FAD CA . -17.40 6.92 -30.53
HO3' FAD CA . -18.03 8.62 -31.65
H4' FAD CA . -16.86 6.45 -33.25
HO4' FAD CA . -15.52 4.83 -32.48
H5'1 FAD CA . -15.78 8.34 -32.35
H5'2 FAD CA . -15.16 7.46 -31.21
S SO4 DA . -13.17 32.12 -34.93
O1 SO4 DA . -11.98 32.77 -34.30
O2 SO4 DA . -12.86 30.68 -35.23
O3 SO4 DA . -14.33 32.19 -33.99
O4 SO4 DA . -13.51 32.82 -36.21
S SO4 EA . -46.17 5.94 -22.86
O1 SO4 EA . -46.51 5.33 -21.54
O2 SO4 EA . -46.86 5.18 -23.96
O3 SO4 EA . -46.63 7.37 -22.89
O4 SO4 EA . -44.69 5.89 -23.08
S SO4 FA . -35.67 -11.40 -1.82
O1 SO4 FA . -36.47 -11.00 -0.61
O2 SO4 FA . -35.95 -10.47 -2.95
O3 SO4 FA . -34.21 -11.37 -1.47
O4 SO4 FA . -36.05 -12.79 -2.23
S SO4 GA . -10.99 -5.80 -1.07
O1 SO4 GA . -12.48 -5.64 -0.98
O2 SO4 GA . -10.34 -4.45 -0.99
O3 SO4 GA . -10.51 -6.65 0.06
O4 SO4 GA . -10.63 -6.46 -2.38
#